data_1BFB
# 
_entry.id   1BFB 
# 
_audit_conform.dict_name       mmcif_pdbx.dic 
_audit_conform.dict_version    5.385 
_audit_conform.dict_location   http://mmcif.pdb.org/dictionaries/ascii/mmcif_pdbx.dic 
# 
loop_
_database_2.database_id 
_database_2.database_code 
_database_2.pdbx_database_accession 
_database_2.pdbx_DOI 
PDB   1BFB         pdb_00001bfb 10.2210/pdb1bfb/pdb 
WWPDB D_1000171687 ?            ?                   
# 
loop_
_pdbx_audit_revision_history.ordinal 
_pdbx_audit_revision_history.data_content_type 
_pdbx_audit_revision_history.major_revision 
_pdbx_audit_revision_history.minor_revision 
_pdbx_audit_revision_history.revision_date 
1 'Structure model' 1 0 1996-04-03 
2 'Structure model' 1 1 2008-03-24 
3 'Structure model' 1 2 2011-07-13 
4 'Structure model' 2 0 2020-07-29 
5 'Structure model' 2 1 2021-11-03 
6 'Structure model' 2 2 2024-02-07 
# 
loop_
_pdbx_audit_revision_details.ordinal 
_pdbx_audit_revision_details.revision_ordinal 
_pdbx_audit_revision_details.data_content_type 
_pdbx_audit_revision_details.provider 
_pdbx_audit_revision_details.type 
_pdbx_audit_revision_details.description 
_pdbx_audit_revision_details.details 
1 1 'Structure model' repository 'Initial release' ?                          ? 
2 4 'Structure model' repository Remediation       'Carbohydrate remediation' ? 
# 
loop_
_pdbx_audit_revision_group.ordinal 
_pdbx_audit_revision_group.revision_ordinal 
_pdbx_audit_revision_group.data_content_type 
_pdbx_audit_revision_group.group 
1  2 'Structure model' 'Version format compliance' 
2  3 'Structure model' 'Non-polymer description'   
3  3 'Structure model' 'Version format compliance' 
4  4 'Structure model' 'Atomic model'              
5  4 'Structure model' 'Data collection'           
6  4 'Structure model' 'Derived calculations'      
7  4 'Structure model' Other                       
8  4 'Structure model' 'Structure summary'         
9  5 'Structure model' 'Database references'       
10 5 'Structure model' 'Structure summary'         
11 6 'Structure model' 'Data collection'           
# 
loop_
_pdbx_audit_revision_category.ordinal 
_pdbx_audit_revision_category.revision_ordinal 
_pdbx_audit_revision_category.data_content_type 
_pdbx_audit_revision_category.category 
1  4 'Structure model' atom_site                     
2  4 'Structure model' chem_comp                     
3  4 'Structure model' entity                        
4  4 'Structure model' pdbx_branch_scheme            
5  4 'Structure model' pdbx_chem_comp_identifier     
6  4 'Structure model' pdbx_database_status          
7  4 'Structure model' pdbx_entity_branch            
8  4 'Structure model' pdbx_entity_branch_descriptor 
9  4 'Structure model' pdbx_entity_branch_link       
10 4 'Structure model' pdbx_entity_branch_list       
11 4 'Structure model' pdbx_entity_nonpoly           
12 4 'Structure model' pdbx_nonpoly_scheme           
13 4 'Structure model' pdbx_struct_assembly_gen      
14 4 'Structure model' struct_asym                   
15 4 'Structure model' struct_conn                   
16 4 'Structure model' struct_site                   
17 4 'Structure model' struct_site_gen               
18 5 'Structure model' chem_comp                     
19 5 'Structure model' database_2                    
20 5 'Structure model' struct_ref_seq_dif            
21 6 'Structure model' chem_comp_atom                
22 6 'Structure model' chem_comp_bond                
# 
loop_
_pdbx_audit_revision_item.ordinal 
_pdbx_audit_revision_item.revision_ordinal 
_pdbx_audit_revision_item.data_content_type 
_pdbx_audit_revision_item.item 
1  4 'Structure model' '_atom_site.B_iso_or_equiv'              
2  4 'Structure model' '_atom_site.Cartn_x'                     
3  4 'Structure model' '_atom_site.Cartn_y'                     
4  4 'Structure model' '_atom_site.Cartn_z'                     
5  4 'Structure model' '_atom_site.auth_asym_id'                
6  4 'Structure model' '_atom_site.auth_atom_id'                
7  4 'Structure model' '_atom_site.auth_comp_id'                
8  4 'Structure model' '_atom_site.auth_seq_id'                 
9  4 'Structure model' '_atom_site.label_asym_id'               
10 4 'Structure model' '_atom_site.label_atom_id'               
11 4 'Structure model' '_atom_site.label_comp_id'               
12 4 'Structure model' '_atom_site.label_entity_id'             
13 4 'Structure model' '_atom_site.type_symbol'                 
14 4 'Structure model' '_chem_comp.mon_nstd_flag'               
15 4 'Structure model' '_chem_comp.name'                        
16 4 'Structure model' '_chem_comp.type'                        
17 4 'Structure model' '_pdbx_database_status.process_site'     
18 4 'Structure model' '_pdbx_struct_assembly_gen.asym_id_list' 
19 4 'Structure model' '_struct_conn.pdbx_dist_value'           
20 4 'Structure model' '_struct_conn.pdbx_leaving_atom_flag'    
21 4 'Structure model' '_struct_conn.pdbx_value_order'          
22 4 'Structure model' '_struct_conn.ptnr1_auth_asym_id'        
23 4 'Structure model' '_struct_conn.ptnr1_auth_comp_id'        
24 4 'Structure model' '_struct_conn.ptnr1_auth_seq_id'         
25 4 'Structure model' '_struct_conn.ptnr1_label_asym_id'       
26 4 'Structure model' '_struct_conn.ptnr1_label_atom_id'       
27 4 'Structure model' '_struct_conn.ptnr1_label_comp_id'       
28 4 'Structure model' '_struct_conn.ptnr2_auth_asym_id'        
29 4 'Structure model' '_struct_conn.ptnr2_auth_comp_id'        
30 4 'Structure model' '_struct_conn.ptnr2_auth_seq_id'         
31 4 'Structure model' '_struct_conn.ptnr2_label_asym_id'       
32 4 'Structure model' '_struct_conn.ptnr2_label_atom_id'       
33 4 'Structure model' '_struct_conn.ptnr2_label_comp_id'       
34 5 'Structure model' '_chem_comp.pdbx_synonyms'               
35 5 'Structure model' '_database_2.pdbx_DOI'                   
36 5 'Structure model' '_database_2.pdbx_database_accession'    
37 5 'Structure model' '_struct_ref_seq_dif.details'            
# 
_pdbx_database_status.status_code                     REL 
_pdbx_database_status.entry_id                        1BFB 
_pdbx_database_status.recvd_initial_deposition_date   1995-12-12 
_pdbx_database_status.deposit_site                    ? 
_pdbx_database_status.process_site                    BNL 
_pdbx_database_status.SG_entry                        . 
_pdbx_database_status.pdb_format_compatible           Y 
_pdbx_database_status.status_code_mr                  ? 
_pdbx_database_status.status_code_sf                  ? 
_pdbx_database_status.status_code_cs                  ? 
_pdbx_database_status.status_code_nmr_data            ? 
_pdbx_database_status.methods_development_category    ? 
# 
loop_
_audit_author.name 
_audit_author.pdbx_ordinal 
'Faham, S.'  1 
'Rees, D.C.' 2 
# 
loop_
_citation.id 
_citation.title 
_citation.journal_abbrev 
_citation.journal_volume 
_citation.page_first 
_citation.page_last 
_citation.year 
_citation.journal_id_ASTM 
_citation.country 
_citation.journal_id_ISSN 
_citation.journal_id_CSD 
_citation.book_publisher 
_citation.pdbx_database_id_PubMed 
_citation.pdbx_database_id_DOI 
primary 'Heparin structure and interactions with basic fibroblast growth factor.'    Science 271 1116 1120 1996 SCIEAS US 
0036-8075 0038 ? 8599088 ? 
1       'Three-Dimensional Structures of Acidic and Basic Fibroblast Growth Factors' Science 251 90   ?    1991 SCIEAS US 
0036-8075 0038 ? ?       ? 
# 
loop_
_citation_author.citation_id 
_citation_author.name 
_citation_author.ordinal 
_citation_author.identifier_ORCID 
primary 'Faham, S.'      1  ? 
primary 'Hileman, R.E.'  2  ? 
primary 'Fromm, J.R.'    3  ? 
primary 'Linhardt, R.J.' 4  ? 
primary 'Rees, D.C.'     5  ? 
1       'Zhu, X.'        6  ? 
1       'Komiya, H.'     7  ? 
1       'Chirino, A.'    8  ? 
1       'Faham, S.'      9  ? 
1       'Fox, G.M.'      10 ? 
1       'Arakawa, T.'    11 ? 
1       'Hsu, B.T.'      12 ? 
1       'Rees, D.C.'     13 ? 
# 
loop_
_entity.id 
_entity.type 
_entity.src_method 
_entity.pdbx_description 
_entity.formula_weight 
_entity.pdbx_number_of_molecules 
_entity.pdbx_ec 
_entity.pdbx_mutation 
_entity.pdbx_fragment 
_entity.details 
1 polymer  nat 'BASIC FIBROBLAST GROWTH FACTOR' 16516.883 1 ? 'C70S, C88S' ? ? 
2 branched man 
;4-deoxy-2-O-sulfo-alpha-L-threo-hex-4-enopyranuronic acid-(1-4)-2-deoxy-6-O-sulfo-2-(sulfoamino)-alpha-D-glucopyranose-(1-4)-2-O-sulfo-alpha-L-idopyranuronic acid-(1-4)-2-deoxy-6-O-sulfo-2-(sulfoamino)-alpha-D-glucopyranose
;
1154.940  1 ? ?            ? ? 
3 water    nat water 18.015    9 ? ?            ? ? 
# 
_entity_poly.entity_id                      1 
_entity_poly.type                           'polypeptide(L)' 
_entity_poly.nstd_linkage                   no 
_entity_poly.nstd_monomer                   no 
_entity_poly.pdbx_seq_one_letter_code       
;LPALPEDGGSGAFPPGHFKDPKRLYCKNGGFFLRIHPDGRVDGVREKSDPHIKLQLQAEERGVVSIKGVSANRYLAMKED
GRLLASKSVTDECFFFERLESNNYNTYRSRKYTSWYVALKRTGQYKLGSKTGPGQKAILFLPMSAKS
;
_entity_poly.pdbx_seq_one_letter_code_can   
;LPALPEDGGSGAFPPGHFKDPKRLYCKNGGFFLRIHPDGRVDGVREKSDPHIKLQLQAEERGVVSIKGVSANRYLAMKED
GRLLASKSVTDECFFFERLESNNYNTYRSRKYTSWYVALKRTGQYKLGSKTGPGQKAILFLPMSAKS
;
_entity_poly.pdbx_strand_id                 A 
_entity_poly.pdbx_target_identifier         ? 
# 
_pdbx_entity_nonpoly.entity_id   3 
_pdbx_entity_nonpoly.name        water 
_pdbx_entity_nonpoly.comp_id     HOH 
# 
loop_
_entity_poly_seq.entity_id 
_entity_poly_seq.num 
_entity_poly_seq.mon_id 
_entity_poly_seq.hetero 
1 1   LEU n 
1 2   PRO n 
1 3   ALA n 
1 4   LEU n 
1 5   PRO n 
1 6   GLU n 
1 7   ASP n 
1 8   GLY n 
1 9   GLY n 
1 10  SER n 
1 11  GLY n 
1 12  ALA n 
1 13  PHE n 
1 14  PRO n 
1 15  PRO n 
1 16  GLY n 
1 17  HIS n 
1 18  PHE n 
1 19  LYS n 
1 20  ASP n 
1 21  PRO n 
1 22  LYS n 
1 23  ARG n 
1 24  LEU n 
1 25  TYR n 
1 26  CYS n 
1 27  LYS n 
1 28  ASN n 
1 29  GLY n 
1 30  GLY n 
1 31  PHE n 
1 32  PHE n 
1 33  LEU n 
1 34  ARG n 
1 35  ILE n 
1 36  HIS n 
1 37  PRO n 
1 38  ASP n 
1 39  GLY n 
1 40  ARG n 
1 41  VAL n 
1 42  ASP n 
1 43  GLY n 
1 44  VAL n 
1 45  ARG n 
1 46  GLU n 
1 47  LYS n 
1 48  SER n 
1 49  ASP n 
1 50  PRO n 
1 51  HIS n 
1 52  ILE n 
1 53  LYS n 
1 54  LEU n 
1 55  GLN n 
1 56  LEU n 
1 57  GLN n 
1 58  ALA n 
1 59  GLU n 
1 60  GLU n 
1 61  ARG n 
1 62  GLY n 
1 63  VAL n 
1 64  VAL n 
1 65  SER n 
1 66  ILE n 
1 67  LYS n 
1 68  GLY n 
1 69  VAL n 
1 70  SER n 
1 71  ALA n 
1 72  ASN n 
1 73  ARG n 
1 74  TYR n 
1 75  LEU n 
1 76  ALA n 
1 77  MET n 
1 78  LYS n 
1 79  GLU n 
1 80  ASP n 
1 81  GLY n 
1 82  ARG n 
1 83  LEU n 
1 84  LEU n 
1 85  ALA n 
1 86  SER n 
1 87  LYS n 
1 88  SER n 
1 89  VAL n 
1 90  THR n 
1 91  ASP n 
1 92  GLU n 
1 93  CYS n 
1 94  PHE n 
1 95  PHE n 
1 96  PHE n 
1 97  GLU n 
1 98  ARG n 
1 99  LEU n 
1 100 GLU n 
1 101 SER n 
1 102 ASN n 
1 103 ASN n 
1 104 TYR n 
1 105 ASN n 
1 106 THR n 
1 107 TYR n 
1 108 ARG n 
1 109 SER n 
1 110 ARG n 
1 111 LYS n 
1 112 TYR n 
1 113 THR n 
1 114 SER n 
1 115 TRP n 
1 116 TYR n 
1 117 VAL n 
1 118 ALA n 
1 119 LEU n 
1 120 LYS n 
1 121 ARG n 
1 122 THR n 
1 123 GLY n 
1 124 GLN n 
1 125 TYR n 
1 126 LYS n 
1 127 LEU n 
1 128 GLY n 
1 129 SER n 
1 130 LYS n 
1 131 THR n 
1 132 GLY n 
1 133 PRO n 
1 134 GLY n 
1 135 GLN n 
1 136 LYS n 
1 137 ALA n 
1 138 ILE n 
1 139 LEU n 
1 140 PHE n 
1 141 LEU n 
1 142 PRO n 
1 143 MET n 
1 144 SER n 
1 145 ALA n 
1 146 LYS n 
1 147 SER n 
# 
_entity_src_nat.entity_id                  1 
_entity_src_nat.pdbx_src_id                1 
_entity_src_nat.pdbx_alt_source_flag       sample 
_entity_src_nat.pdbx_beg_seq_num           ? 
_entity_src_nat.pdbx_end_seq_num           ? 
_entity_src_nat.common_name                human 
_entity_src_nat.pdbx_organism_scientific   'Homo sapiens' 
_entity_src_nat.pdbx_ncbi_taxonomy_id      9606 
_entity_src_nat.genus                      Homo 
_entity_src_nat.species                    ? 
_entity_src_nat.strain                     ? 
_entity_src_nat.tissue                     ? 
_entity_src_nat.tissue_fraction            ? 
_entity_src_nat.pdbx_secretion             ? 
_entity_src_nat.pdbx_fragment              ? 
_entity_src_nat.pdbx_variant               ? 
_entity_src_nat.pdbx_cell_line             ? 
_entity_src_nat.pdbx_atcc                  ? 
_entity_src_nat.pdbx_cellular_location     ? 
_entity_src_nat.pdbx_organ                 ? 
_entity_src_nat.pdbx_organelle             ? 
_entity_src_nat.pdbx_cell                  ? 
_entity_src_nat.pdbx_plasmid_name          ? 
_entity_src_nat.pdbx_plasmid_details       ? 
_entity_src_nat.details                    ? 
# 
_pdbx_entity_branch.entity_id   2 
_pdbx_entity_branch.type        oligosaccharide 
# 
loop_
_pdbx_entity_branch_descriptor.ordinal 
_pdbx_entity_branch_descriptor.entity_id 
_pdbx_entity_branch_descriptor.descriptor 
_pdbx_entity_branch_descriptor.type 
_pdbx_entity_branch_descriptor.program 
_pdbx_entity_branch_descriptor.program_version 
1 2 
;WURCS=2.0/3,4,3/[a2122h-1a_1-5_2*NSO/3=O/3=O_6*OSO/3=O/3=O][a2121A-1a_1-5_2*OSO/3=O/3=O][a21eEA-1a_1-5_2*OSO/3=O/3=O]/1-2-1-3/a4-b1_b4-c1_c4-d1
;
WURCS  PDB2Glycan 1.1.0 
2 2 '[][a-D-GlcpNSO36SO3]{[(4+1)][a-L-IdopA2SO3]{[(4+1)][a-D-GlcpNSO36SO3]{[(4+1)][a-L-4-deoxy-IdopA2SO3]{}}}}' LINUCS PDB-CARE   
?     
# 
loop_
_pdbx_entity_branch_link.link_id 
_pdbx_entity_branch_link.entity_id 
_pdbx_entity_branch_link.entity_branch_list_num_1 
_pdbx_entity_branch_link.comp_id_1 
_pdbx_entity_branch_link.atom_id_1 
_pdbx_entity_branch_link.leaving_atom_id_1 
_pdbx_entity_branch_link.entity_branch_list_num_2 
_pdbx_entity_branch_link.comp_id_2 
_pdbx_entity_branch_link.atom_id_2 
_pdbx_entity_branch_link.leaving_atom_id_2 
_pdbx_entity_branch_link.value_order 
_pdbx_entity_branch_link.details 
1 2 2 IDS C1 O1 1 SGN O4 HO4 sing ? 
2 2 3 SGN C1 O1 2 IDS O4 HO4 sing ? 
3 2 4 UAP C1 O1 3 SGN O4 HO4 sing ? 
# 
loop_
_chem_comp.id 
_chem_comp.type 
_chem_comp.mon_nstd_flag 
_chem_comp.name 
_chem_comp.pdbx_synonyms 
_chem_comp.formula 
_chem_comp.formula_weight 
ALA 'L-peptide linking'           y ALANINE                                                     ? 'C3 H7 N O2'      89.093  
ARG 'L-peptide linking'           y ARGININE                                                    ? 'C6 H15 N4 O2 1'  175.209 
ASN 'L-peptide linking'           y ASPARAGINE                                                  ? 'C4 H8 N2 O3'     132.118 
ASP 'L-peptide linking'           y 'ASPARTIC ACID'                                             ? 'C4 H7 N O4'      133.103 
CYS 'L-peptide linking'           y CYSTEINE                                                    ? 'C3 H7 N O2 S'    121.158 
GLN 'L-peptide linking'           y GLUTAMINE                                                   ? 'C5 H10 N2 O3'    146.144 
GLU 'L-peptide linking'           y 'GLUTAMIC ACID'                                             ? 'C5 H9 N O4'      147.129 
GLY 'peptide linking'             y GLYCINE                                                     ? 'C2 H5 N O2'      75.067  
HIS 'L-peptide linking'           y HISTIDINE                                                   ? 'C6 H10 N3 O2 1'  156.162 
HOH non-polymer                   . WATER                                                       ? 'H2 O'            18.015  
IDS 'L-saccharide, alpha linking' n '2-O-sulfo-alpha-L-idopyranuronic acid'                     
'O2-SULFO-GLUCURONIC ACID; 2-O-sulfo-alpha-L-iduronic acid; 2-O-sulfo-L-iduronic acid; 2-O-sulfo-iduronic acid' 'C6 H10 O10 S'    
274.203 
ILE 'L-peptide linking'           y ISOLEUCINE                                                  ? 'C6 H13 N O2'     131.173 
LEU 'L-peptide linking'           y LEUCINE                                                     ? 'C6 H13 N O2'     131.173 
LYS 'L-peptide linking'           y LYSINE                                                      ? 'C6 H15 N2 O2 1'  147.195 
MET 'L-peptide linking'           y METHIONINE                                                  ? 'C5 H11 N O2 S'   149.211 
PHE 'L-peptide linking'           y PHENYLALANINE                                               ? 'C9 H11 N O2'     165.189 
PRO 'L-peptide linking'           y PROLINE                                                     ? 'C5 H9 N O2'      115.130 
SER 'L-peptide linking'           y SERINE                                                      ? 'C3 H7 N O3'      105.093 
SGN 'D-saccharide, alpha linking' n '2-deoxy-6-O-sulfo-2-(sulfoamino)-alpha-D-glucopyranose'    
;N,O6-DISULFO-GLUCOSAMINE; 6-O-sulfo-N-sulfo-alpha-D-glucosamine; 2-deoxy-6-O-sulfo-2-(sulfoamino)-alpha-D-glucose; 2-deoxy-6-O-sulfo-2-(sulfoamino)-D-glucose; 2-deoxy-6-O-sulfo-2-(sulfoamino)-glucose
;
'C6 H13 N O11 S2' 339.298 
THR 'L-peptide linking'           y THREONINE                                                   ? 'C4 H9 N O3'      119.119 
TRP 'L-peptide linking'           y TRYPTOPHAN                                                  ? 'C11 H12 N2 O2'   204.225 
TYR 'L-peptide linking'           y TYROSINE                                                    ? 'C9 H11 N O3'     181.189 
UAP 'L-saccharide, alpha linking' . '4-deoxy-2-O-sulfo-alpha-L-threo-hex-4-enopyranuronic acid' 
;4-deoxy-2-O-sulfo-alpha-L-threo-hex-4-enuronic acid; 4-deoxy-2-O-sulfo-L-threo-hex-4-enuronic acid; 4-deoxy-2-O-sulfo-threo-hex-4-enuronic acid
;
'C6 H8 O9 S'      256.187 
VAL 'L-peptide linking'           y VALINE                                                      ? 'C5 H11 N O2'     117.146 
# 
loop_
_pdbx_chem_comp_identifier.comp_id 
_pdbx_chem_comp_identifier.type 
_pdbx_chem_comp_identifier.program 
_pdbx_chem_comp_identifier.program_version 
_pdbx_chem_comp_identifier.identifier 
IDS 'IUPAC CARBOHYDRATE SYMBOL'           PDB-CARE 1.0 a-L-IdopA2SO3                     
SGN 'CONDENSED IUPAC CARBOHYDRATE SYMBOL' GMML     1.0 'DGlcpNS[6S]a'                    
SGN 'COMMON NAME'                         GMML     1.0 N-sulfo-6-sulfo-a-D-glucopyranose 
SGN 'IUPAC CARBOHYDRATE SYMBOL'           PDB-CARE 1.0 a-D-GlcpNSO36SO3                  
UAP 'IUPAC CARBOHYDRATE SYMBOL'           PDB-CARE 1.0 b-D-4-deoxy-GlcpA2SO3             
# 
loop_
_pdbx_poly_seq_scheme.asym_id 
_pdbx_poly_seq_scheme.entity_id 
_pdbx_poly_seq_scheme.seq_id 
_pdbx_poly_seq_scheme.mon_id 
_pdbx_poly_seq_scheme.ndb_seq_num 
_pdbx_poly_seq_scheme.pdb_seq_num 
_pdbx_poly_seq_scheme.auth_seq_num 
_pdbx_poly_seq_scheme.pdb_mon_id 
_pdbx_poly_seq_scheme.auth_mon_id 
_pdbx_poly_seq_scheme.pdb_strand_id 
_pdbx_poly_seq_scheme.pdb_ins_code 
_pdbx_poly_seq_scheme.hetero 
A 1 1   LEU 1   1   ?   ?   ?   A . n 
A 1 2   PRO 2   2   ?   ?   ?   A . n 
A 1 3   ALA 3   3   ?   ?   ?   A . n 
A 1 4   LEU 4   4   ?   ?   ?   A . n 
A 1 5   PRO 5   5   ?   ?   ?   A . n 
A 1 6   GLU 6   6   ?   ?   ?   A . n 
A 1 7   ASP 7   7   ?   ?   ?   A . n 
A 1 8   GLY 8   8   ?   ?   ?   A . n 
A 1 9   GLY 9   9   ?   ?   ?   A . n 
A 1 10  SER 10  10  ?   ?   ?   A . n 
A 1 11  GLY 11  11  ?   ?   ?   A . n 
A 1 12  ALA 12  12  ?   ?   ?   A . n 
A 1 13  PHE 13  13  ?   ?   ?   A . n 
A 1 14  PRO 14  14  ?   ?   ?   A . n 
A 1 15  PRO 15  15  ?   ?   ?   A . n 
A 1 16  GLY 16  16  ?   ?   ?   A . n 
A 1 17  HIS 17  17  ?   ?   ?   A . n 
A 1 18  PHE 18  18  ?   ?   ?   A . n 
A 1 19  LYS 19  19  ?   ?   ?   A . n 
A 1 20  ASP 20  20  ?   ?   ?   A . n 
A 1 21  PRO 21  21  21  PRO PRO A . n 
A 1 22  LYS 22  22  22  LYS LYS A . n 
A 1 23  ARG 23  23  23  ARG ARG A . n 
A 1 24  LEU 24  24  24  LEU LEU A . n 
A 1 25  TYR 25  25  25  TYR TYR A . n 
A 1 26  CYS 26  26  26  CYS CYS A . n 
A 1 27  LYS 27  27  27  LYS LYS A . n 
A 1 28  ASN 28  28  28  ASN ASN A . n 
A 1 29  GLY 29  29  29  GLY GLY A . n 
A 1 30  GLY 30  30  30  GLY GLY A . n 
A 1 31  PHE 31  31  31  PHE PHE A . n 
A 1 32  PHE 32  32  32  PHE PHE A . n 
A 1 33  LEU 33  33  33  LEU LEU A . n 
A 1 34  ARG 34  34  34  ARG ARG A . n 
A 1 35  ILE 35  35  35  ILE ILE A . n 
A 1 36  HIS 36  36  36  HIS HIS A . n 
A 1 37  PRO 37  37  37  PRO PRO A . n 
A 1 38  ASP 38  38  38  ASP ASP A . n 
A 1 39  GLY 39  39  39  GLY GLY A . n 
A 1 40  ARG 40  40  40  ARG ARG A . n 
A 1 41  VAL 41  41  41  VAL VAL A . n 
A 1 42  ASP 42  42  42  ASP ASP A . n 
A 1 43  GLY 43  43  43  GLY GLY A . n 
A 1 44  VAL 44  44  44  VAL VAL A . n 
A 1 45  ARG 45  45  45  ARG ARG A . n 
A 1 46  GLU 46  46  46  GLU GLU A . n 
A 1 47  LYS 47  47  47  LYS LYS A . n 
A 1 48  SER 48  48  48  SER SER A . n 
A 1 49  ASP 49  49  49  ASP ASP A . n 
A 1 50  PRO 50  50  50  PRO PRO A . n 
A 1 51  HIS 51  51  51  HIS HIS A . n 
A 1 52  ILE 52  52  52  ILE ILE A . n 
A 1 53  LYS 53  53  53  LYS LYS A . n 
A 1 54  LEU 54  54  54  LEU LEU A . n 
A 1 55  GLN 55  55  55  GLN GLN A . n 
A 1 56  LEU 56  56  56  LEU LEU A . n 
A 1 57  GLN 57  57  57  GLN GLN A . n 
A 1 58  ALA 58  58  58  ALA ALA A . n 
A 1 59  GLU 59  59  59  GLU GLU A . n 
A 1 60  GLU 60  60  60  GLU GLU A . n 
A 1 61  ARG 61  61  61  ARG ARG A . n 
A 1 62  GLY 62  62  62  GLY GLY A . n 
A 1 63  VAL 63  63  63  VAL VAL A . n 
A 1 64  VAL 64  64  64  VAL VAL A . n 
A 1 65  SER 65  65  65  SER SER A . n 
A 1 66  ILE 66  66  66  ILE ILE A . n 
A 1 67  LYS 67  67  67  LYS LYS A . n 
A 1 68  GLY 68  68  68  GLY GLY A . n 
A 1 69  VAL 69  69  69  VAL VAL A . n 
A 1 70  SER 70  70  70  SER SER A . n 
A 1 71  ALA 71  71  71  ALA ALA A . n 
A 1 72  ASN 72  72  72  ASN ASN A . n 
A 1 73  ARG 73  73  73  ARG ARG A . n 
A 1 74  TYR 74  74  74  TYR TYR A . n 
A 1 75  LEU 75  75  75  LEU LEU A . n 
A 1 76  ALA 76  76  76  ALA ALA A . n 
A 1 77  MET 77  77  77  MET MET A . n 
A 1 78  LYS 78  78  78  LYS LYS A . n 
A 1 79  GLU 79  79  79  GLU GLU A . n 
A 1 80  ASP 80  80  80  ASP ASP A . n 
A 1 81  GLY 81  81  81  GLY GLY A . n 
A 1 82  ARG 82  82  82  ARG ARG A . n 
A 1 83  LEU 83  83  83  LEU LEU A . n 
A 1 84  LEU 84  84  84  LEU LEU A . n 
A 1 85  ALA 85  85  85  ALA ALA A . n 
A 1 86  SER 86  86  86  SER SER A . n 
A 1 87  LYS 87  87  87  LYS LYS A . n 
A 1 88  SER 88  88  88  SER SER A . n 
A 1 89  VAL 89  89  89  VAL VAL A . n 
A 1 90  THR 90  90  90  THR THR A . n 
A 1 91  ASP 91  91  91  ASP ASP A . n 
A 1 92  GLU 92  92  92  GLU GLU A . n 
A 1 93  CYS 93  93  93  CYS CYS A . n 
A 1 94  PHE 94  94  94  PHE PHE A . n 
A 1 95  PHE 95  95  95  PHE PHE A . n 
A 1 96  PHE 96  96  96  PHE PHE A . n 
A 1 97  GLU 97  97  97  GLU GLU A . n 
A 1 98  ARG 98  98  98  ARG ARG A . n 
A 1 99  LEU 99  99  99  LEU LEU A . n 
A 1 100 GLU 100 100 100 GLU GLU A . n 
A 1 101 SER 101 101 101 SER SER A . n 
A 1 102 ASN 102 102 102 ASN ASN A . n 
A 1 103 ASN 103 103 103 ASN ASN A . n 
A 1 104 TYR 104 104 104 TYR TYR A . n 
A 1 105 ASN 105 105 105 ASN ASN A . n 
A 1 106 THR 106 106 106 THR THR A . n 
A 1 107 TYR 107 107 107 TYR TYR A . n 
A 1 108 ARG 108 108 108 ARG ARG A . n 
A 1 109 SER 109 109 109 SER SER A . n 
A 1 110 ARG 110 110 110 ARG ARG A . n 
A 1 111 LYS 111 111 111 LYS LYS A . n 
A 1 112 TYR 112 112 112 TYR TYR A . n 
A 1 113 THR 113 113 113 THR THR A . n 
A 1 114 SER 114 114 114 SER SER A . n 
A 1 115 TRP 115 115 115 TRP TRP A . n 
A 1 116 TYR 116 116 116 TYR TYR A . n 
A 1 117 VAL 117 117 117 VAL VAL A . n 
A 1 118 ALA 118 118 118 ALA ALA A . n 
A 1 119 LEU 119 119 119 LEU LEU A . n 
A 1 120 LYS 120 120 120 LYS LYS A . n 
A 1 121 ARG 121 121 121 ARG ARG A . n 
A 1 122 THR 122 122 122 THR THR A . n 
A 1 123 GLY 123 123 123 GLY GLY A . n 
A 1 124 GLN 124 124 124 GLN GLN A . n 
A 1 125 TYR 125 125 125 TYR TYR A . n 
A 1 126 LYS 126 126 126 LYS LYS A . n 
A 1 127 LEU 127 127 127 LEU LEU A . n 
A 1 128 GLY 128 128 128 GLY GLY A . n 
A 1 129 SER 129 129 129 SER SER A . n 
A 1 130 LYS 130 130 130 LYS LYS A . n 
A 1 131 THR 131 131 131 THR THR A . n 
A 1 132 GLY 132 132 132 GLY GLY A . n 
A 1 133 PRO 133 133 133 PRO PRO A . n 
A 1 134 GLY 134 134 134 GLY GLY A . n 
A 1 135 GLN 135 135 135 GLN GLN A . n 
A 1 136 LYS 136 136 136 LYS LYS A . n 
A 1 137 ALA 137 137 137 ALA ALA A . n 
A 1 138 ILE 138 138 138 ILE ILE A . n 
A 1 139 LEU 139 139 139 LEU LEU A . n 
A 1 140 PHE 140 140 140 PHE PHE A . n 
A 1 141 LEU 141 141 141 LEU LEU A . n 
A 1 142 PRO 142 142 142 PRO PRO A . n 
A 1 143 MET 143 143 143 MET MET A . n 
A 1 144 SER 144 144 144 SER SER A . n 
A 1 145 ALA 145 145 ?   ?   ?   A . n 
A 1 146 LYS 146 146 ?   ?   ?   A . n 
A 1 147 SER 147 147 ?   ?   ?   A . n 
# 
loop_
_pdbx_branch_scheme.asym_id 
_pdbx_branch_scheme.entity_id 
_pdbx_branch_scheme.mon_id 
_pdbx_branch_scheme.num 
_pdbx_branch_scheme.pdb_asym_id 
_pdbx_branch_scheme.pdb_mon_id 
_pdbx_branch_scheme.pdb_seq_num 
_pdbx_branch_scheme.auth_asym_id 
_pdbx_branch_scheme.auth_mon_id 
_pdbx_branch_scheme.auth_seq_num 
_pdbx_branch_scheme.hetero 
B 2 SGN 1 B SGN 1 A SGN 304 n 
B 2 IDS 2 B IDS 2 A IDS 303 n 
B 2 SGN 3 B SGN 3 A SGN 302 n 
B 2 UAP 4 B UAP 4 A UAP 301 n 
# 
loop_
_pdbx_nonpoly_scheme.asym_id 
_pdbx_nonpoly_scheme.entity_id 
_pdbx_nonpoly_scheme.mon_id 
_pdbx_nonpoly_scheme.ndb_seq_num 
_pdbx_nonpoly_scheme.pdb_seq_num 
_pdbx_nonpoly_scheme.auth_seq_num 
_pdbx_nonpoly_scheme.pdb_mon_id 
_pdbx_nonpoly_scheme.auth_mon_id 
_pdbx_nonpoly_scheme.pdb_strand_id 
_pdbx_nonpoly_scheme.pdb_ins_code 
C 3 HOH 1 201 201 HOH HOH A . 
C 3 HOH 2 202 202 HOH HOH A . 
C 3 HOH 3 203 203 HOH HOH A . 
C 3 HOH 4 204 204 HOH HOH A . 
C 3 HOH 5 205 205 HOH HOH A . 
C 3 HOH 6 206 206 HOH HOH A . 
C 3 HOH 7 207 207 HOH HOH A . 
C 3 HOH 8 208 208 HOH HOH A . 
C 3 HOH 9 209 209 HOH HOH A . 
# 
loop_
_pdbx_unobs_or_zero_occ_atoms.id 
_pdbx_unobs_or_zero_occ_atoms.PDB_model_num 
_pdbx_unobs_or_zero_occ_atoms.polymer_flag 
_pdbx_unobs_or_zero_occ_atoms.occupancy_flag 
_pdbx_unobs_or_zero_occ_atoms.auth_asym_id 
_pdbx_unobs_or_zero_occ_atoms.auth_comp_id 
_pdbx_unobs_or_zero_occ_atoms.auth_seq_id 
_pdbx_unobs_or_zero_occ_atoms.PDB_ins_code 
_pdbx_unobs_or_zero_occ_atoms.auth_atom_id 
_pdbx_unobs_or_zero_occ_atoms.label_alt_id 
_pdbx_unobs_or_zero_occ_atoms.label_asym_id 
_pdbx_unobs_or_zero_occ_atoms.label_comp_id 
_pdbx_unobs_or_zero_occ_atoms.label_seq_id 
_pdbx_unobs_or_zero_occ_atoms.label_atom_id 
1  1 Y 1 A ARG 61 ? CG  ? A ARG 61 CG  
2  1 Y 1 A ARG 61 ? CD  ? A ARG 61 CD  
3  1 Y 1 A ARG 61 ? NE  ? A ARG 61 NE  
4  1 Y 1 A ARG 61 ? CZ  ? A ARG 61 CZ  
5  1 Y 1 A ARG 61 ? NH1 ? A ARG 61 NH1 
6  1 Y 1 A ARG 61 ? NH2 ? A ARG 61 NH2 
7  1 Y 1 A GLU 79 ? CG  ? A GLU 79 CG  
8  1 Y 1 A GLU 79 ? CD  ? A GLU 79 CD  
9  1 Y 1 A GLU 79 ? OE1 ? A GLU 79 OE1 
10 1 Y 1 A GLU 79 ? OE2 ? A GLU 79 OE2 
# 
loop_
_software.name 
_software.classification 
_software.version 
_software.citation_id 
_software.pdbx_ordinal 
X-PLOR 'model building' 3.1 ? 1 
X-PLOR refinement       3.1 ? 2 
MSC    'data reduction' .   ? 3 
X-PLOR phasing          3.1 ? 4 
# 
_cell.entry_id           1BFB 
_cell.length_a           32.020 
_cell.length_b           41.800 
_cell.length_c           85.870 
_cell.angle_alpha        90.00 
_cell.angle_beta         90.00 
_cell.angle_gamma        90.00 
_cell.Z_PDB              4 
_cell.pdbx_unique_axis   ? 
# 
_symmetry.entry_id                         1BFB 
_symmetry.space_group_name_H-M             'P 21 21 21' 
_symmetry.pdbx_full_space_group_name_H-M   ? 
_symmetry.cell_setting                     ? 
_symmetry.Int_Tables_number                19 
# 
_exptl.entry_id          1BFB 
_exptl.method            'X-RAY DIFFRACTION' 
_exptl.crystals_number   ? 
# 
_exptl_crystal.id                    1 
_exptl_crystal.density_meas          ? 
_exptl_crystal.density_Matthews      1.74 
_exptl_crystal.density_percent_sol   29.29 
_exptl_crystal.description           ? 
# 
_diffrn.id                     1 
_diffrn.ambient_temp           ? 
_diffrn.ambient_temp_details   ? 
_diffrn.crystal_id             1 
# 
_diffrn_detector.diffrn_id              1 
_diffrn_detector.detector               'IMAGE PLATE' 
_diffrn_detector.type                   RIGAKU 
_diffrn_detector.pdbx_collection_date   ? 
_diffrn_detector.details                ? 
# 
_diffrn_radiation.diffrn_id                        1 
_diffrn_radiation.wavelength_id                    1 
_diffrn_radiation.pdbx_monochromatic_or_laue_m_l   M 
_diffrn_radiation.monochromator                    ? 
_diffrn_radiation.pdbx_diffrn_protocol             ? 
_diffrn_radiation.pdbx_scattering_type             x-ray 
# 
_diffrn_radiation_wavelength.id           1 
_diffrn_radiation_wavelength.wavelength   1.54 
_diffrn_radiation_wavelength.wt           1.0 
# 
_diffrn_source.diffrn_id                   1 
_diffrn_source.source                      ? 
_diffrn_source.type                        ? 
_diffrn_source.pdbx_synchrotron_site       ? 
_diffrn_source.pdbx_synchrotron_beamline   ? 
_diffrn_source.pdbx_wavelength             1.54 
_diffrn_source.pdbx_wavelength_list        ? 
# 
_reflns.entry_id                     1BFB 
_reflns.observed_criterion_sigma_I   ? 
_reflns.observed_criterion_sigma_F   ? 
_reflns.d_resolution_low             40.0 
_reflns.d_resolution_high            1.9 
_reflns.number_obs                   9084 
_reflns.number_all                   ? 
_reflns.percent_possible_obs         95.6 
_reflns.pdbx_Rmerge_I_obs            ? 
_reflns.pdbx_Rsym_value              ? 
_reflns.pdbx_netI_over_sigmaI        ? 
_reflns.B_iso_Wilson_estimate        ? 
_reflns.pdbx_redundancy              ? 
_reflns.pdbx_ordinal                 1 
_reflns.pdbx_diffrn_id               1 
# 
_refine.entry_id                                 1BFB 
_refine.ls_number_reflns_obs                     8437 
_refine.ls_number_reflns_all                     ? 
_refine.pdbx_ls_sigma_I                          ? 
_refine.pdbx_ls_sigma_F                          1.0 
_refine.pdbx_data_cutoff_high_absF               ? 
_refine.pdbx_data_cutoff_low_absF                ? 
_refine.pdbx_data_cutoff_high_rms_absF           ? 
_refine.ls_d_res_low                             5. 
_refine.ls_d_res_high                            1.9 
_refine.ls_percent_reflns_obs                    93.9 
_refine.ls_R_factor_obs                          0.2060000 
_refine.ls_R_factor_all                          ? 
_refine.ls_R_factor_R_work                       0.2060000 
_refine.ls_R_factor_R_free                       ? 
_refine.ls_R_factor_R_free_error                 ? 
_refine.ls_R_factor_R_free_error_details         ? 
_refine.ls_percent_reflns_R_free                 ? 
_refine.ls_number_reflns_R_free                  ? 
_refine.ls_number_parameters                     ? 
_refine.ls_number_restraints                     ? 
_refine.occupancy_min                            ? 
_refine.occupancy_max                            ? 
_refine.B_iso_mean                               ? 
_refine.aniso_B[1][1]                            ? 
_refine.aniso_B[2][2]                            ? 
_refine.aniso_B[3][3]                            ? 
_refine.aniso_B[1][2]                            ? 
_refine.aniso_B[1][3]                            ? 
_refine.aniso_B[2][3]                            ? 
_refine.solvent_model_details                    ? 
_refine.solvent_model_param_ksol                 ? 
_refine.solvent_model_param_bsol                 ? 
_refine.pdbx_ls_cross_valid_method               ? 
_refine.details                                  ? 
_refine.pdbx_starting_model                      ? 
_refine.pdbx_method_to_determine_struct          ? 
_refine.pdbx_isotropic_thermal_model             ? 
_refine.pdbx_stereochemistry_target_values       ? 
_refine.pdbx_stereochem_target_val_spec_case     ? 
_refine.pdbx_R_Free_selection_details            ? 
_refine.pdbx_overall_ESU_R                       ? 
_refine.pdbx_overall_ESU_R_Free                  ? 
_refine.overall_SU_ML                            ? 
_refine.overall_SU_B                             ? 
_refine.pdbx_refine_id                           'X-RAY DIFFRACTION' 
_refine.pdbx_diffrn_id                           1 
_refine.pdbx_TLS_residual_ADP_flag               ? 
_refine.correlation_coeff_Fo_to_Fc               ? 
_refine.correlation_coeff_Fo_to_Fc_free          ? 
_refine.pdbx_solvent_vdw_probe_radii             ? 
_refine.pdbx_solvent_ion_probe_radii             ? 
_refine.pdbx_solvent_shrinkage_radii             ? 
_refine.pdbx_overall_phase_error                 ? 
_refine.overall_SU_R_Cruickshank_DPI             ? 
_refine.pdbx_overall_SU_R_free_Cruickshank_DPI   ? 
_refine.pdbx_overall_SU_R_Blow_DPI               ? 
_refine.pdbx_overall_SU_R_free_Blow_DPI          ? 
# 
_refine_hist.pdbx_refine_id                   'X-RAY DIFFRACTION' 
_refine_hist.cycle_id                         LAST 
_refine_hist.pdbx_number_atoms_protein        991 
_refine_hist.pdbx_number_atoms_nucleic_acid   0 
_refine_hist.pdbx_number_atoms_ligand         70 
_refine_hist.number_atoms_solvent             9 
_refine_hist.number_atoms_total               1070 
_refine_hist.d_res_high                       1.9 
_refine_hist.d_res_low                        5. 
# 
loop_
_refine_ls_restr.type 
_refine_ls_restr.dev_ideal 
_refine_ls_restr.dev_ideal_target 
_refine_ls_restr.weight 
_refine_ls_restr.number 
_refine_ls_restr.pdbx_refine_id 
_refine_ls_restr.pdbx_restraint_function 
x_bond_d                0.14 ? ? ? 'X-RAY DIFFRACTION' ? 
x_bond_d_na             ?    ? ? ? 'X-RAY DIFFRACTION' ? 
x_bond_d_prot           ?    ? ? ? 'X-RAY DIFFRACTION' ? 
x_angle_d               ?    ? ? ? 'X-RAY DIFFRACTION' ? 
x_angle_d_na            ?    ? ? ? 'X-RAY DIFFRACTION' ? 
x_angle_d_prot          ?    ? ? ? 'X-RAY DIFFRACTION' ? 
x_angle_deg             2.35 ? ? ? 'X-RAY DIFFRACTION' ? 
x_angle_deg_na          ?    ? ? ? 'X-RAY DIFFRACTION' ? 
x_angle_deg_prot        ?    ? ? ? 'X-RAY DIFFRACTION' ? 
x_dihedral_angle_d      ?    ? ? ? 'X-RAY DIFFRACTION' ? 
x_dihedral_angle_d_na   ?    ? ? ? 'X-RAY DIFFRACTION' ? 
x_dihedral_angle_d_prot ?    ? ? ? 'X-RAY DIFFRACTION' ? 
x_improper_angle_d      ?    ? ? ? 'X-RAY DIFFRACTION' ? 
x_improper_angle_d_na   ?    ? ? ? 'X-RAY DIFFRACTION' ? 
x_improper_angle_d_prot ?    ? ? ? 'X-RAY DIFFRACTION' ? 
x_mcbond_it             ?    ? ? ? 'X-RAY DIFFRACTION' ? 
x_mcangle_it            ?    ? ? ? 'X-RAY DIFFRACTION' ? 
x_scbond_it             ?    ? ? ? 'X-RAY DIFFRACTION' ? 
x_scangle_it            ?    ? ? ? 'X-RAY DIFFRACTION' ? 
# 
_struct.entry_id                  1BFB 
_struct.title                     'BASIC FIBROBLAST GROWTH FACTOR COMPLEXED WITH HEPARIN TETRAMER FRAGMENT' 
_struct.pdbx_model_details        ? 
_struct.pdbx_CASP_flag            ? 
_struct.pdbx_model_type_details   ? 
# 
_struct_keywords.entry_id        1BFB 
_struct_keywords.pdbx_keywords   'GROWTH FACTOR' 
_struct_keywords.text            'GROWTH FACTOR, MITOGEN, VASCULARIZATION, HEPARIN-BINDING' 
# 
loop_
_struct_asym.id 
_struct_asym.pdbx_blank_PDB_chainid_flag 
_struct_asym.pdbx_modified 
_struct_asym.entity_id 
_struct_asym.details 
A N N 1 ? 
B N N 2 ? 
C N N 3 ? 
# 
_struct_ref.id                         1 
_struct_ref.db_name                    UNP 
_struct_ref.db_code                    FGF2_HUMAN 
_struct_ref.entity_id                  1 
_struct_ref.pdbx_db_accession          P09038 
_struct_ref.pdbx_align_begin           1 
_struct_ref.pdbx_seq_one_letter_code   
;MAAGSITTLPALPEDGGSGAFPPGHFKDPKRLYCKNGGFFLRIHPDGRVDGVREKSDPHIKLQLQAEERGVVSIKGVCAN
RYLAMKEDGRLLASKCVTDECFFFERLESNNYNTYRSRKYTSWYVALKRTGQYKLGSKTGPGQKAILFLPMSAKS
;
_struct_ref.pdbx_db_isoform            ? 
# 
_struct_ref_seq.align_id                      1 
_struct_ref_seq.ref_id                        1 
_struct_ref_seq.pdbx_PDB_id_code              1BFB 
_struct_ref_seq.pdbx_strand_id                A 
_struct_ref_seq.seq_align_beg                 1 
_struct_ref_seq.pdbx_seq_align_beg_ins_code   ? 
_struct_ref_seq.seq_align_end                 147 
_struct_ref_seq.pdbx_seq_align_end_ins_code   ? 
_struct_ref_seq.pdbx_db_accession             P09038 
_struct_ref_seq.db_align_beg                  9 
_struct_ref_seq.pdbx_db_align_beg_ins_code    ? 
_struct_ref_seq.db_align_end                  155 
_struct_ref_seq.pdbx_db_align_end_ins_code    ? 
_struct_ref_seq.pdbx_auth_seq_align_beg       1 
_struct_ref_seq.pdbx_auth_seq_align_end       147 
# 
loop_
_struct_ref_seq_dif.align_id 
_struct_ref_seq_dif.pdbx_pdb_id_code 
_struct_ref_seq_dif.mon_id 
_struct_ref_seq_dif.pdbx_pdb_strand_id 
_struct_ref_seq_dif.seq_num 
_struct_ref_seq_dif.pdbx_pdb_ins_code 
_struct_ref_seq_dif.pdbx_seq_db_name 
_struct_ref_seq_dif.pdbx_seq_db_accession_code 
_struct_ref_seq_dif.db_mon_id 
_struct_ref_seq_dif.pdbx_seq_db_seq_num 
_struct_ref_seq_dif.details 
_struct_ref_seq_dif.pdbx_auth_seq_num 
_struct_ref_seq_dif.pdbx_ordinal 
1 1BFB SER A 70 ? UNP P09038 CYS 78 'engineered mutation' 70 1 
1 1BFB SER A 88 ? UNP P09038 CYS 96 'engineered mutation' 88 2 
# 
_pdbx_struct_assembly.id                   1 
_pdbx_struct_assembly.details              author_defined_assembly 
_pdbx_struct_assembly.method_details       ? 
_pdbx_struct_assembly.oligomeric_details   monomeric 
_pdbx_struct_assembly.oligomeric_count     1 
# 
_pdbx_struct_assembly_gen.assembly_id       1 
_pdbx_struct_assembly_gen.oper_expression   1 
_pdbx_struct_assembly_gen.asym_id_list      A,B,C 
# 
_pdbx_struct_oper_list.id                   1 
_pdbx_struct_oper_list.type                 'identity operation' 
_pdbx_struct_oper_list.name                 1_555 
_pdbx_struct_oper_list.symmetry_operation   x,y,z 
_pdbx_struct_oper_list.matrix[1][1]         1.0000000000 
_pdbx_struct_oper_list.matrix[1][2]         0.0000000000 
_pdbx_struct_oper_list.matrix[1][3]         0.0000000000 
_pdbx_struct_oper_list.vector[1]            0.0000000000 
_pdbx_struct_oper_list.matrix[2][1]         0.0000000000 
_pdbx_struct_oper_list.matrix[2][2]         1.0000000000 
_pdbx_struct_oper_list.matrix[2][3]         0.0000000000 
_pdbx_struct_oper_list.vector[2]            0.0000000000 
_pdbx_struct_oper_list.matrix[3][1]         0.0000000000 
_pdbx_struct_oper_list.matrix[3][2]         0.0000000000 
_pdbx_struct_oper_list.matrix[3][3]         1.0000000000 
_pdbx_struct_oper_list.vector[3]            0.0000000000 
# 
_struct_biol.id   1 
# 
loop_
_struct_conf.conf_type_id 
_struct_conf.id 
_struct_conf.pdbx_PDB_helix_id 
_struct_conf.beg_label_comp_id 
_struct_conf.beg_label_asym_id 
_struct_conf.beg_label_seq_id 
_struct_conf.pdbx_beg_PDB_ins_code 
_struct_conf.end_label_comp_id 
_struct_conf.end_label_asym_id 
_struct_conf.end_label_seq_id 
_struct_conf.pdbx_end_PDB_ins_code 
_struct_conf.beg_auth_comp_id 
_struct_conf.beg_auth_asym_id 
_struct_conf.beg_auth_seq_id 
_struct_conf.end_auth_comp_id 
_struct_conf.end_auth_asym_id 
_struct_conf.end_auth_seq_id 
_struct_conf.pdbx_PDB_helix_class 
_struct_conf.details 
_struct_conf.pdbx_PDB_helix_length 
HELX_P HELX_P1 1 PRO A 50  ? ILE A 52  ? PRO A 50  ILE A 52  5 ? 3 
HELX_P HELX_P2 2 SER A 101 ? ASN A 103 ? SER A 101 ASN A 103 5 ? 3 
HELX_P HELX_P3 3 GLY A 128 ? LYS A 130 ? GLY A 128 LYS A 130 5 ? 3 
# 
_struct_conf_type.id          HELX_P 
_struct_conf_type.criteria    ? 
_struct_conf_type.reference   ? 
# 
loop_
_struct_conn.id 
_struct_conn.conn_type_id 
_struct_conn.pdbx_leaving_atom_flag 
_struct_conn.pdbx_PDB_id 
_struct_conn.ptnr1_label_asym_id 
_struct_conn.ptnr1_label_comp_id 
_struct_conn.ptnr1_label_seq_id 
_struct_conn.ptnr1_label_atom_id 
_struct_conn.pdbx_ptnr1_label_alt_id 
_struct_conn.pdbx_ptnr1_PDB_ins_code 
_struct_conn.pdbx_ptnr1_standard_comp_id 
_struct_conn.ptnr1_symmetry 
_struct_conn.ptnr2_label_asym_id 
_struct_conn.ptnr2_label_comp_id 
_struct_conn.ptnr2_label_seq_id 
_struct_conn.ptnr2_label_atom_id 
_struct_conn.pdbx_ptnr2_label_alt_id 
_struct_conn.pdbx_ptnr2_PDB_ins_code 
_struct_conn.ptnr1_auth_asym_id 
_struct_conn.ptnr1_auth_comp_id 
_struct_conn.ptnr1_auth_seq_id 
_struct_conn.ptnr2_auth_asym_id 
_struct_conn.ptnr2_auth_comp_id 
_struct_conn.ptnr2_auth_seq_id 
_struct_conn.ptnr2_symmetry 
_struct_conn.pdbx_ptnr3_label_atom_id 
_struct_conn.pdbx_ptnr3_label_seq_id 
_struct_conn.pdbx_ptnr3_label_comp_id 
_struct_conn.pdbx_ptnr3_label_asym_id 
_struct_conn.pdbx_ptnr3_label_alt_id 
_struct_conn.pdbx_ptnr3_PDB_ins_code 
_struct_conn.details 
_struct_conn.pdbx_dist_value 
_struct_conn.pdbx_value_order 
_struct_conn.pdbx_role 
covale1 covale both ? B SGN . O4 ? ? ? 1_555 B IDS . C1 ? ? B SGN 1 B IDS 2 1_555 ? ? ? ? ? ? ? 1.439 ?    ? 
covale2 covale both ? B IDS . O4 ? ? ? 1_555 B SGN . C1 ? ? B IDS 2 B SGN 3 1_555 ? ? ? ? ? ? ? 1.404 sing ? 
covale3 covale both ? B SGN . O4 ? ? ? 1_555 B UAP . C1 ? ? B SGN 3 B UAP 4 1_555 ? ? ? ? ? ? ? 1.412 ?    ? 
# 
_struct_conn_type.id          covale 
_struct_conn_type.criteria    ? 
_struct_conn_type.reference   ? 
# 
loop_
_struct_sheet.id 
_struct_sheet.type 
_struct_sheet.number_strands 
_struct_sheet.details 
A ? 2 ? 
B ? 2 ? 
C ? 2 ? 
D ? 2 ? 
E ? 2 ? 
# 
loop_
_struct_sheet_order.sheet_id 
_struct_sheet_order.range_id_1 
_struct_sheet_order.range_id_2 
_struct_sheet_order.offset 
_struct_sheet_order.sense 
A 1 2 ? anti-parallel 
B 1 2 ? anti-parallel 
C 1 2 ? anti-parallel 
D 1 2 ? anti-parallel 
E 1 2 ? anti-parallel 
# 
loop_
_struct_sheet_range.sheet_id 
_struct_sheet_range.id 
_struct_sheet_range.beg_label_comp_id 
_struct_sheet_range.beg_label_asym_id 
_struct_sheet_range.beg_label_seq_id 
_struct_sheet_range.pdbx_beg_PDB_ins_code 
_struct_sheet_range.end_label_comp_id 
_struct_sheet_range.end_label_asym_id 
_struct_sheet_range.end_label_seq_id 
_struct_sheet_range.pdbx_end_PDB_ins_code 
_struct_sheet_range.beg_auth_comp_id 
_struct_sheet_range.beg_auth_asym_id 
_struct_sheet_range.beg_auth_seq_id 
_struct_sheet_range.end_auth_comp_id 
_struct_sheet_range.end_auth_asym_id 
_struct_sheet_range.end_auth_seq_id 
A 1 ARG A 23  ? CYS A 26  ? ARG A 23  CYS A 26  
A 2 PHE A 140 ? MET A 143 ? PHE A 140 MET A 143 
B 1 PHE A 32  ? ILE A 35  ? PHE A 32  ILE A 35  
B 2 VAL A 41  ? VAL A 44  ? VAL A 41  VAL A 44  
C 1 TYR A 74  ? MET A 77  ? TYR A 74  MET A 77  
C 2 LEU A 83  ? SER A 86  ? LEU A 83  SER A 86  
D 1 PHE A 95  ? LEU A 99  ? PHE A 95  LEU A 99  
D 2 ASN A 105 ? SER A 109 ? ASN A 105 SER A 109 
E 1 LEU A 54  ? GLU A 60  ? LEU A 54  GLU A 60  
E 2 VAL A 63  ? GLY A 68  ? VAL A 63  GLY A 68  
# 
loop_
_pdbx_struct_sheet_hbond.sheet_id 
_pdbx_struct_sheet_hbond.range_id_1 
_pdbx_struct_sheet_hbond.range_id_2 
_pdbx_struct_sheet_hbond.range_1_label_atom_id 
_pdbx_struct_sheet_hbond.range_1_label_comp_id 
_pdbx_struct_sheet_hbond.range_1_label_asym_id 
_pdbx_struct_sheet_hbond.range_1_label_seq_id 
_pdbx_struct_sheet_hbond.range_1_PDB_ins_code 
_pdbx_struct_sheet_hbond.range_1_auth_atom_id 
_pdbx_struct_sheet_hbond.range_1_auth_comp_id 
_pdbx_struct_sheet_hbond.range_1_auth_asym_id 
_pdbx_struct_sheet_hbond.range_1_auth_seq_id 
_pdbx_struct_sheet_hbond.range_2_label_atom_id 
_pdbx_struct_sheet_hbond.range_2_label_comp_id 
_pdbx_struct_sheet_hbond.range_2_label_asym_id 
_pdbx_struct_sheet_hbond.range_2_label_seq_id 
_pdbx_struct_sheet_hbond.range_2_PDB_ins_code 
_pdbx_struct_sheet_hbond.range_2_auth_atom_id 
_pdbx_struct_sheet_hbond.range_2_auth_comp_id 
_pdbx_struct_sheet_hbond.range_2_auth_asym_id 
_pdbx_struct_sheet_hbond.range_2_auth_seq_id 
A 1 2 O ARG A 23 ? O ARG A 23 N MET A 143 ? N MET A 143 
B 1 2 O PHE A 32 ? O PHE A 32 N VAL A 44  ? N VAL A 44  
C 1 2 O TYR A 74 ? O TYR A 74 N SER A 86  ? N SER A 86  
D 1 2 O PHE A 96 ? O PHE A 96 N ARG A 108 ? N ARG A 108 
E 1 2 O GLN A 55 ? O GLN A 55 N LYS A 67  ? N LYS A 67  
# 
loop_
_pdbx_validate_rmsd_angle.id 
_pdbx_validate_rmsd_angle.PDB_model_num 
_pdbx_validate_rmsd_angle.auth_atom_id_1 
_pdbx_validate_rmsd_angle.auth_asym_id_1 
_pdbx_validate_rmsd_angle.auth_comp_id_1 
_pdbx_validate_rmsd_angle.auth_seq_id_1 
_pdbx_validate_rmsd_angle.PDB_ins_code_1 
_pdbx_validate_rmsd_angle.label_alt_id_1 
_pdbx_validate_rmsd_angle.auth_atom_id_2 
_pdbx_validate_rmsd_angle.auth_asym_id_2 
_pdbx_validate_rmsd_angle.auth_comp_id_2 
_pdbx_validate_rmsd_angle.auth_seq_id_2 
_pdbx_validate_rmsd_angle.PDB_ins_code_2 
_pdbx_validate_rmsd_angle.label_alt_id_2 
_pdbx_validate_rmsd_angle.auth_atom_id_3 
_pdbx_validate_rmsd_angle.auth_asym_id_3 
_pdbx_validate_rmsd_angle.auth_comp_id_3 
_pdbx_validate_rmsd_angle.auth_seq_id_3 
_pdbx_validate_rmsd_angle.PDB_ins_code_3 
_pdbx_validate_rmsd_angle.label_alt_id_3 
_pdbx_validate_rmsd_angle.angle_value 
_pdbx_validate_rmsd_angle.angle_target_value 
_pdbx_validate_rmsd_angle.angle_deviation 
_pdbx_validate_rmsd_angle.angle_standard_deviation 
_pdbx_validate_rmsd_angle.linker_flag 
1  1 NE  A ARG 23  ? ? CZ  A ARG 23  ? ? NH2 A ARG 23  ? ? 114.40 120.30 -5.90  0.50 N 
2  1 CB  A TYR 25  ? ? CG  A TYR 25  ? ? CD2 A TYR 25  ? ? 117.15 121.00 -3.85  0.60 N 
3  1 NE  A ARG 34  ? ? CZ  A ARG 34  ? ? NH2 A ARG 34  ? ? 114.21 120.30 -6.09  0.50 N 
4  1 CB  A ASP 38  ? ? CG  A ASP 38  ? ? OD2 A ASP 38  ? ? 124.09 118.30 5.79   0.90 N 
5  1 CG  A ARG 40  ? ? CD  A ARG 40  ? ? NE  A ARG 40  ? ? 92.36  111.80 -19.44 2.10 N 
6  1 NE  A ARG 40  ? ? CZ  A ARG 40  ? ? NH1 A ARG 40  ? ? 102.59 120.30 -17.71 0.50 N 
7  1 NE  A ARG 40  ? ? CZ  A ARG 40  ? ? NH2 A ARG 40  ? ? 111.67 120.30 -8.63  0.50 N 
8  1 CB  A TYR 74  ? ? CG  A TYR 74  ? ? CD2 A TYR 74  ? ? 116.31 121.00 -4.69  0.60 N 
9  1 CB  A TYR 107 ? ? CG  A TYR 107 ? ? CD1 A TYR 107 ? ? 117.06 121.00 -3.94  0.60 N 
10 1 NE  A ARG 108 ? ? CZ  A ARG 108 ? ? NH2 A ARG 108 ? ? 112.39 120.30 -7.91  0.50 N 
11 1 NE  A ARG 110 ? ? CZ  A ARG 110 ? ? NH2 A ARG 110 ? ? 112.82 120.30 -7.48  0.50 N 
12 1 CD1 A TRP 115 ? ? CG  A TRP 115 ? ? CD2 A TRP 115 ? ? 112.06 106.30 5.76   0.80 N 
13 1 CE2 A TRP 115 ? ? CD2 A TRP 115 ? ? CG  A TRP 115 ? ? 102.32 107.30 -4.98  0.80 N 
# 
loop_
_pdbx_validate_torsion.id 
_pdbx_validate_torsion.PDB_model_num 
_pdbx_validate_torsion.auth_comp_id 
_pdbx_validate_torsion.auth_asym_id 
_pdbx_validate_torsion.auth_seq_id 
_pdbx_validate_torsion.PDB_ins_code 
_pdbx_validate_torsion.label_alt_id 
_pdbx_validate_torsion.phi 
_pdbx_validate_torsion.psi 
1 1 GLU A 60  ? ? -172.53 -175.83 
2 1 ASP A 91  ? ? -64.49  2.61    
3 1 THR A 113 ? ? -52.99  -6.93   
# 
loop_
_pdbx_validate_planes.id 
_pdbx_validate_planes.PDB_model_num 
_pdbx_validate_planes.auth_comp_id 
_pdbx_validate_planes.auth_asym_id 
_pdbx_validate_planes.auth_seq_id 
_pdbx_validate_planes.PDB_ins_code 
_pdbx_validate_planes.label_alt_id 
_pdbx_validate_planes.rmsd 
_pdbx_validate_planes.type 
1  1 ARG A 23  ? ? 0.075 'SIDE CHAIN' 
2  1 ARG A 34  ? ? 0.093 'SIDE CHAIN' 
3  1 ARG A 40  ? ? 0.178 'SIDE CHAIN' 
4  1 ARG A 73  ? ? 0.083 'SIDE CHAIN' 
5  1 ASP A 80  ? ? 0.076 'SIDE CHAIN' 
6  1 ASP A 91  ? ? 0.072 'SIDE CHAIN' 
7  1 GLU A 100 ? ? 0.071 'SIDE CHAIN' 
8  1 TYR A 107 ? ? 0.071 'SIDE CHAIN' 
9  1 ARG A 108 ? ? 0.107 'SIDE CHAIN' 
10 1 ARG A 110 ? ? 0.084 'SIDE CHAIN' 
11 1 TYR A 125 ? ? 0.132 'SIDE CHAIN' 
# 
loop_
_pdbx_validate_main_chain_plane.id 
_pdbx_validate_main_chain_plane.PDB_model_num 
_pdbx_validate_main_chain_plane.auth_comp_id 
_pdbx_validate_main_chain_plane.auth_asym_id 
_pdbx_validate_main_chain_plane.auth_seq_id 
_pdbx_validate_main_chain_plane.PDB_ins_code 
_pdbx_validate_main_chain_plane.label_alt_id 
_pdbx_validate_main_chain_plane.improper_torsion_angle 
1  1 PRO A 21  ? ? 15.87  
2  1 LYS A 22  ? ? -12.88 
3  1 ARG A 23  ? ? 16.83  
4  1 GLY A 29  ? ? 13.83  
5  1 GLY A 30  ? ? 13.91  
6  1 LEU A 33  ? ? -15.97 
7  1 ILE A 35  ? ? 14.31  
8  1 PRO A 37  ? ? -10.09 
9  1 ASP A 38  ? ? 15.22  
10 1 ARG A 40  ? ? 12.18  
11 1 ASP A 42  ? ? 10.13  
12 1 VAL A 44  ? ? -15.45 
13 1 LEU A 54  ? ? -12.48 
14 1 GLN A 55  ? ? 15.35  
15 1 LEU A 56  ? ? 11.40  
16 1 GLU A 59  ? ? 22.76  
17 1 ARG A 61  ? ? 16.09  
18 1 VAL A 64  ? ? 11.30  
19 1 SER A 65  ? ? 10.10  
20 1 GLY A 68  ? ? 14.74  
21 1 SER A 70  ? ? 11.11  
22 1 ALA A 71  ? ? -11.24 
23 1 ARG A 73  ? ? -10.58 
24 1 LYS A 78  ? ? -13.11 
25 1 ARG A 82  ? ? -13.01 
26 1 LEU A 84  ? ? 12.95  
27 1 SER A 88  ? ? 14.90  
28 1 VAL A 89  ? ? 14.99  
29 1 ARG A 98  ? ? 16.43  
30 1 TYR A 112 ? ? 11.86  
31 1 GLY A 123 ? ? 16.39  
32 1 GLN A 124 ? ? 11.96  
33 1 TYR A 125 ? ? 13.56  
34 1 LYS A 130 ? ? -13.27 
35 1 THR A 131 ? ? 10.03  
36 1 GLY A 134 ? ? 13.26  
37 1 ALA A 137 ? ? -12.07 
38 1 LEU A 141 ? ? 14.79  
39 1 PRO A 142 ? ? 13.56  
40 1 MET A 143 ? ? 11.27  
# 
loop_
_pdbx_unobs_or_zero_occ_residues.id 
_pdbx_unobs_or_zero_occ_residues.PDB_model_num 
_pdbx_unobs_or_zero_occ_residues.polymer_flag 
_pdbx_unobs_or_zero_occ_residues.occupancy_flag 
_pdbx_unobs_or_zero_occ_residues.auth_asym_id 
_pdbx_unobs_or_zero_occ_residues.auth_comp_id 
_pdbx_unobs_or_zero_occ_residues.auth_seq_id 
_pdbx_unobs_or_zero_occ_residues.PDB_ins_code 
_pdbx_unobs_or_zero_occ_residues.label_asym_id 
_pdbx_unobs_or_zero_occ_residues.label_comp_id 
_pdbx_unobs_or_zero_occ_residues.label_seq_id 
1  1 Y 1 A LEU 1   ? A LEU 1   
2  1 Y 1 A PRO 2   ? A PRO 2   
3  1 Y 1 A ALA 3   ? A ALA 3   
4  1 Y 1 A LEU 4   ? A LEU 4   
5  1 Y 1 A PRO 5   ? A PRO 5   
6  1 Y 1 A GLU 6   ? A GLU 6   
7  1 Y 1 A ASP 7   ? A ASP 7   
8  1 Y 1 A GLY 8   ? A GLY 8   
9  1 Y 1 A GLY 9   ? A GLY 9   
10 1 Y 1 A SER 10  ? A SER 10  
11 1 Y 1 A GLY 11  ? A GLY 11  
12 1 Y 1 A ALA 12  ? A ALA 12  
13 1 Y 1 A PHE 13  ? A PHE 13  
14 1 Y 1 A PRO 14  ? A PRO 14  
15 1 Y 1 A PRO 15  ? A PRO 15  
16 1 Y 1 A GLY 16  ? A GLY 16  
17 1 Y 1 A HIS 17  ? A HIS 17  
18 1 Y 1 A PHE 18  ? A PHE 18  
19 1 Y 1 A LYS 19  ? A LYS 19  
20 1 Y 1 A ASP 20  ? A ASP 20  
21 1 Y 1 A ALA 145 ? A ALA 145 
22 1 Y 1 A LYS 146 ? A LYS 146 
23 1 Y 1 A SER 147 ? A SER 147 
# 
loop_
_chem_comp_atom.comp_id 
_chem_comp_atom.atom_id 
_chem_comp_atom.type_symbol 
_chem_comp_atom.pdbx_aromatic_flag 
_chem_comp_atom.pdbx_stereo_config 
_chem_comp_atom.pdbx_ordinal 
ALA N    N N N 1   
ALA CA   C N S 2   
ALA C    C N N 3   
ALA O    O N N 4   
ALA CB   C N N 5   
ALA OXT  O N N 6   
ALA H    H N N 7   
ALA H2   H N N 8   
ALA HA   H N N 9   
ALA HB1  H N N 10  
ALA HB2  H N N 11  
ALA HB3  H N N 12  
ALA HXT  H N N 13  
ARG N    N N N 14  
ARG CA   C N S 15  
ARG C    C N N 16  
ARG O    O N N 17  
ARG CB   C N N 18  
ARG CG   C N N 19  
ARG CD   C N N 20  
ARG NE   N N N 21  
ARG CZ   C N N 22  
ARG NH1  N N N 23  
ARG NH2  N N N 24  
ARG OXT  O N N 25  
ARG H    H N N 26  
ARG H2   H N N 27  
ARG HA   H N N 28  
ARG HB2  H N N 29  
ARG HB3  H N N 30  
ARG HG2  H N N 31  
ARG HG3  H N N 32  
ARG HD2  H N N 33  
ARG HD3  H N N 34  
ARG HE   H N N 35  
ARG HH11 H N N 36  
ARG HH12 H N N 37  
ARG HH21 H N N 38  
ARG HH22 H N N 39  
ARG HXT  H N N 40  
ASN N    N N N 41  
ASN CA   C N S 42  
ASN C    C N N 43  
ASN O    O N N 44  
ASN CB   C N N 45  
ASN CG   C N N 46  
ASN OD1  O N N 47  
ASN ND2  N N N 48  
ASN OXT  O N N 49  
ASN H    H N N 50  
ASN H2   H N N 51  
ASN HA   H N N 52  
ASN HB2  H N N 53  
ASN HB3  H N N 54  
ASN HD21 H N N 55  
ASN HD22 H N N 56  
ASN HXT  H N N 57  
ASP N    N N N 58  
ASP CA   C N S 59  
ASP C    C N N 60  
ASP O    O N N 61  
ASP CB   C N N 62  
ASP CG   C N N 63  
ASP OD1  O N N 64  
ASP OD2  O N N 65  
ASP OXT  O N N 66  
ASP H    H N N 67  
ASP H2   H N N 68  
ASP HA   H N N 69  
ASP HB2  H N N 70  
ASP HB3  H N N 71  
ASP HD2  H N N 72  
ASP HXT  H N N 73  
CYS N    N N N 74  
CYS CA   C N R 75  
CYS C    C N N 76  
CYS O    O N N 77  
CYS CB   C N N 78  
CYS SG   S N N 79  
CYS OXT  O N N 80  
CYS H    H N N 81  
CYS H2   H N N 82  
CYS HA   H N N 83  
CYS HB2  H N N 84  
CYS HB3  H N N 85  
CYS HG   H N N 86  
CYS HXT  H N N 87  
GLN N    N N N 88  
GLN CA   C N S 89  
GLN C    C N N 90  
GLN O    O N N 91  
GLN CB   C N N 92  
GLN CG   C N N 93  
GLN CD   C N N 94  
GLN OE1  O N N 95  
GLN NE2  N N N 96  
GLN OXT  O N N 97  
GLN H    H N N 98  
GLN H2   H N N 99  
GLN HA   H N N 100 
GLN HB2  H N N 101 
GLN HB3  H N N 102 
GLN HG2  H N N 103 
GLN HG3  H N N 104 
GLN HE21 H N N 105 
GLN HE22 H N N 106 
GLN HXT  H N N 107 
GLU N    N N N 108 
GLU CA   C N S 109 
GLU C    C N N 110 
GLU O    O N N 111 
GLU CB   C N N 112 
GLU CG   C N N 113 
GLU CD   C N N 114 
GLU OE1  O N N 115 
GLU OE2  O N N 116 
GLU OXT  O N N 117 
GLU H    H N N 118 
GLU H2   H N N 119 
GLU HA   H N N 120 
GLU HB2  H N N 121 
GLU HB3  H N N 122 
GLU HG2  H N N 123 
GLU HG3  H N N 124 
GLU HE2  H N N 125 
GLU HXT  H N N 126 
GLY N    N N N 127 
GLY CA   C N N 128 
GLY C    C N N 129 
GLY O    O N N 130 
GLY OXT  O N N 131 
GLY H    H N N 132 
GLY H2   H N N 133 
GLY HA2  H N N 134 
GLY HA3  H N N 135 
GLY HXT  H N N 136 
HIS N    N N N 137 
HIS CA   C N S 138 
HIS C    C N N 139 
HIS O    O N N 140 
HIS CB   C N N 141 
HIS CG   C Y N 142 
HIS ND1  N Y N 143 
HIS CD2  C Y N 144 
HIS CE1  C Y N 145 
HIS NE2  N Y N 146 
HIS OXT  O N N 147 
HIS H    H N N 148 
HIS H2   H N N 149 
HIS HA   H N N 150 
HIS HB2  H N N 151 
HIS HB3  H N N 152 
HIS HD1  H N N 153 
HIS HD2  H N N 154 
HIS HE1  H N N 155 
HIS HE2  H N N 156 
HIS HXT  H N N 157 
HOH O    O N N 158 
HOH H1   H N N 159 
HOH H2   H N N 160 
IDS C1   C N R 161 
IDS C2   C N R 162 
IDS C3   C N S 163 
IDS C4   C N S 164 
IDS C5   C N R 165 
IDS C6   C N N 166 
IDS O1   O N N 167 
IDS O2   O N N 168 
IDS O3   O N N 169 
IDS O4   O N N 170 
IDS O5   O N N 171 
IDS O6A  O N N 172 
IDS O6B  O N N 173 
IDS S    S N N 174 
IDS O1S  O N N 175 
IDS O2S  O N N 176 
IDS O3S  O N N 177 
IDS H1   H N N 178 
IDS H2   H N N 179 
IDS H3   H N N 180 
IDS H4   H N N 181 
IDS H5   H N N 182 
IDS HO1  H N N 183 
IDS HO3  H N N 184 
IDS HO4  H N N 185 
IDS HO6B H N N 186 
IDS HOS3 H N N 187 
ILE N    N N N 188 
ILE CA   C N S 189 
ILE C    C N N 190 
ILE O    O N N 191 
ILE CB   C N S 192 
ILE CG1  C N N 193 
ILE CG2  C N N 194 
ILE CD1  C N N 195 
ILE OXT  O N N 196 
ILE H    H N N 197 
ILE H2   H N N 198 
ILE HA   H N N 199 
ILE HB   H N N 200 
ILE HG12 H N N 201 
ILE HG13 H N N 202 
ILE HG21 H N N 203 
ILE HG22 H N N 204 
ILE HG23 H N N 205 
ILE HD11 H N N 206 
ILE HD12 H N N 207 
ILE HD13 H N N 208 
ILE HXT  H N N 209 
LEU N    N N N 210 
LEU CA   C N S 211 
LEU C    C N N 212 
LEU O    O N N 213 
LEU CB   C N N 214 
LEU CG   C N N 215 
LEU CD1  C N N 216 
LEU CD2  C N N 217 
LEU OXT  O N N 218 
LEU H    H N N 219 
LEU H2   H N N 220 
LEU HA   H N N 221 
LEU HB2  H N N 222 
LEU HB3  H N N 223 
LEU HG   H N N 224 
LEU HD11 H N N 225 
LEU HD12 H N N 226 
LEU HD13 H N N 227 
LEU HD21 H N N 228 
LEU HD22 H N N 229 
LEU HD23 H N N 230 
LEU HXT  H N N 231 
LYS N    N N N 232 
LYS CA   C N S 233 
LYS C    C N N 234 
LYS O    O N N 235 
LYS CB   C N N 236 
LYS CG   C N N 237 
LYS CD   C N N 238 
LYS CE   C N N 239 
LYS NZ   N N N 240 
LYS OXT  O N N 241 
LYS H    H N N 242 
LYS H2   H N N 243 
LYS HA   H N N 244 
LYS HB2  H N N 245 
LYS HB3  H N N 246 
LYS HG2  H N N 247 
LYS HG3  H N N 248 
LYS HD2  H N N 249 
LYS HD3  H N N 250 
LYS HE2  H N N 251 
LYS HE3  H N N 252 
LYS HZ1  H N N 253 
LYS HZ2  H N N 254 
LYS HZ3  H N N 255 
LYS HXT  H N N 256 
MET N    N N N 257 
MET CA   C N S 258 
MET C    C N N 259 
MET O    O N N 260 
MET CB   C N N 261 
MET CG   C N N 262 
MET SD   S N N 263 
MET CE   C N N 264 
MET OXT  O N N 265 
MET H    H N N 266 
MET H2   H N N 267 
MET HA   H N N 268 
MET HB2  H N N 269 
MET HB3  H N N 270 
MET HG2  H N N 271 
MET HG3  H N N 272 
MET HE1  H N N 273 
MET HE2  H N N 274 
MET HE3  H N N 275 
MET HXT  H N N 276 
PHE N    N N N 277 
PHE CA   C N S 278 
PHE C    C N N 279 
PHE O    O N N 280 
PHE CB   C N N 281 
PHE CG   C Y N 282 
PHE CD1  C Y N 283 
PHE CD2  C Y N 284 
PHE CE1  C Y N 285 
PHE CE2  C Y N 286 
PHE CZ   C Y N 287 
PHE OXT  O N N 288 
PHE H    H N N 289 
PHE H2   H N N 290 
PHE HA   H N N 291 
PHE HB2  H N N 292 
PHE HB3  H N N 293 
PHE HD1  H N N 294 
PHE HD2  H N N 295 
PHE HE1  H N N 296 
PHE HE2  H N N 297 
PHE HZ   H N N 298 
PHE HXT  H N N 299 
PRO N    N N N 300 
PRO CA   C N S 301 
PRO C    C N N 302 
PRO O    O N N 303 
PRO CB   C N N 304 
PRO CG   C N N 305 
PRO CD   C N N 306 
PRO OXT  O N N 307 
PRO H    H N N 308 
PRO HA   H N N 309 
PRO HB2  H N N 310 
PRO HB3  H N N 311 
PRO HG2  H N N 312 
PRO HG3  H N N 313 
PRO HD2  H N N 314 
PRO HD3  H N N 315 
PRO HXT  H N N 316 
SER N    N N N 317 
SER CA   C N S 318 
SER C    C N N 319 
SER O    O N N 320 
SER CB   C N N 321 
SER OG   O N N 322 
SER OXT  O N N 323 
SER H    H N N 324 
SER H2   H N N 325 
SER HA   H N N 326 
SER HB2  H N N 327 
SER HB3  H N N 328 
SER HG   H N N 329 
SER HXT  H N N 330 
SGN C1   C N S 331 
SGN C2   C N R 332 
SGN C3   C N R 333 
SGN C4   C N S 334 
SGN C5   C N R 335 
SGN C6   C N N 336 
SGN N2   N N N 337 
SGN O1   O N N 338 
SGN O3   O N N 339 
SGN O4   O N N 340 
SGN O5   O N N 341 
SGN O6   O N N 342 
SGN S1   S N N 343 
SGN O1S  O N N 344 
SGN O2S  O N N 345 
SGN O3S  O N N 346 
SGN S2   S N N 347 
SGN O4S  O N N 348 
SGN O5S  O N N 349 
SGN O6S  O N N 350 
SGN H1   H N N 351 
SGN H2   H N N 352 
SGN H3   H N N 353 
SGN H4   H N N 354 
SGN H5   H N N 355 
SGN H61  H N N 356 
SGN H62  H N N 357 
SGN HN21 H N N 358 
SGN HO1  H N N 359 
SGN HO3  H N N 360 
SGN HO4  H N N 361 
SGN HOS3 H N N 362 
SGN HOS6 H N N 363 
THR N    N N N 364 
THR CA   C N S 365 
THR C    C N N 366 
THR O    O N N 367 
THR CB   C N R 368 
THR OG1  O N N 369 
THR CG2  C N N 370 
THR OXT  O N N 371 
THR H    H N N 372 
THR H2   H N N 373 
THR HA   H N N 374 
THR HB   H N N 375 
THR HG1  H N N 376 
THR HG21 H N N 377 
THR HG22 H N N 378 
THR HG23 H N N 379 
THR HXT  H N N 380 
TRP N    N N N 381 
TRP CA   C N S 382 
TRP C    C N N 383 
TRP O    O N N 384 
TRP CB   C N N 385 
TRP CG   C Y N 386 
TRP CD1  C Y N 387 
TRP CD2  C Y N 388 
TRP NE1  N Y N 389 
TRP CE2  C Y N 390 
TRP CE3  C Y N 391 
TRP CZ2  C Y N 392 
TRP CZ3  C Y N 393 
TRP CH2  C Y N 394 
TRP OXT  O N N 395 
TRP H    H N N 396 
TRP H2   H N N 397 
TRP HA   H N N 398 
TRP HB2  H N N 399 
TRP HB3  H N N 400 
TRP HD1  H N N 401 
TRP HE1  H N N 402 
TRP HE3  H N N 403 
TRP HZ2  H N N 404 
TRP HZ3  H N N 405 
TRP HH2  H N N 406 
TRP HXT  H N N 407 
TYR N    N N N 408 
TYR CA   C N S 409 
TYR C    C N N 410 
TYR O    O N N 411 
TYR CB   C N N 412 
TYR CG   C Y N 413 
TYR CD1  C Y N 414 
TYR CD2  C Y N 415 
TYR CE1  C Y N 416 
TYR CE2  C Y N 417 
TYR CZ   C Y N 418 
TYR OH   O N N 419 
TYR OXT  O N N 420 
TYR H    H N N 421 
TYR H2   H N N 422 
TYR HA   H N N 423 
TYR HB2  H N N 424 
TYR HB3  H N N 425 
TYR HD1  H N N 426 
TYR HD2  H N N 427 
TYR HE1  H N N 428 
TYR HE2  H N N 429 
TYR HH   H N N 430 
TYR HXT  H N N 431 
UAP S    S N N 432 
UAP C1   C N R 433 
UAP O1   O N N 434 
UAP C2   C N R 435 
UAP O2   O N N 436 
UAP C3   C N S 437 
UAP O3   O N N 438 
UAP C4   C N N 439 
UAP C5   C N N 440 
UAP O5   O N N 441 
UAP C6   C N N 442 
UAP O1S  O N N 443 
UAP O2S  O N N 444 
UAP O3S  O N N 445 
UAP O6B  O N N 446 
UAP O6A  O N N 447 
UAP H1   H N N 448 
UAP HO1  H N N 449 
UAP H2   H N N 450 
UAP H3   H N N 451 
UAP HO3  H N N 452 
UAP H4   H N N 453 
UAP HO1S H N N 454 
UAP HO6B H N N 455 
VAL N    N N N 456 
VAL CA   C N S 457 
VAL C    C N N 458 
VAL O    O N N 459 
VAL CB   C N N 460 
VAL CG1  C N N 461 
VAL CG2  C N N 462 
VAL OXT  O N N 463 
VAL H    H N N 464 
VAL H2   H N N 465 
VAL HA   H N N 466 
VAL HB   H N N 467 
VAL HG11 H N N 468 
VAL HG12 H N N 469 
VAL HG13 H N N 470 
VAL HG21 H N N 471 
VAL HG22 H N N 472 
VAL HG23 H N N 473 
VAL HXT  H N N 474 
# 
loop_
_chem_comp_bond.comp_id 
_chem_comp_bond.atom_id_1 
_chem_comp_bond.atom_id_2 
_chem_comp_bond.value_order 
_chem_comp_bond.pdbx_aromatic_flag 
_chem_comp_bond.pdbx_stereo_config 
_chem_comp_bond.pdbx_ordinal 
ALA N   CA   sing N N 1   
ALA N   H    sing N N 2   
ALA N   H2   sing N N 3   
ALA CA  C    sing N N 4   
ALA CA  CB   sing N N 5   
ALA CA  HA   sing N N 6   
ALA C   O    doub N N 7   
ALA C   OXT  sing N N 8   
ALA CB  HB1  sing N N 9   
ALA CB  HB2  sing N N 10  
ALA CB  HB3  sing N N 11  
ALA OXT HXT  sing N N 12  
ARG N   CA   sing N N 13  
ARG N   H    sing N N 14  
ARG N   H2   sing N N 15  
ARG CA  C    sing N N 16  
ARG CA  CB   sing N N 17  
ARG CA  HA   sing N N 18  
ARG C   O    doub N N 19  
ARG C   OXT  sing N N 20  
ARG CB  CG   sing N N 21  
ARG CB  HB2  sing N N 22  
ARG CB  HB3  sing N N 23  
ARG CG  CD   sing N N 24  
ARG CG  HG2  sing N N 25  
ARG CG  HG3  sing N N 26  
ARG CD  NE   sing N N 27  
ARG CD  HD2  sing N N 28  
ARG CD  HD3  sing N N 29  
ARG NE  CZ   sing N N 30  
ARG NE  HE   sing N N 31  
ARG CZ  NH1  sing N N 32  
ARG CZ  NH2  doub N N 33  
ARG NH1 HH11 sing N N 34  
ARG NH1 HH12 sing N N 35  
ARG NH2 HH21 sing N N 36  
ARG NH2 HH22 sing N N 37  
ARG OXT HXT  sing N N 38  
ASN N   CA   sing N N 39  
ASN N   H    sing N N 40  
ASN N   H2   sing N N 41  
ASN CA  C    sing N N 42  
ASN CA  CB   sing N N 43  
ASN CA  HA   sing N N 44  
ASN C   O    doub N N 45  
ASN C   OXT  sing N N 46  
ASN CB  CG   sing N N 47  
ASN CB  HB2  sing N N 48  
ASN CB  HB3  sing N N 49  
ASN CG  OD1  doub N N 50  
ASN CG  ND2  sing N N 51  
ASN ND2 HD21 sing N N 52  
ASN ND2 HD22 sing N N 53  
ASN OXT HXT  sing N N 54  
ASP N   CA   sing N N 55  
ASP N   H    sing N N 56  
ASP N   H2   sing N N 57  
ASP CA  C    sing N N 58  
ASP CA  CB   sing N N 59  
ASP CA  HA   sing N N 60  
ASP C   O    doub N N 61  
ASP C   OXT  sing N N 62  
ASP CB  CG   sing N N 63  
ASP CB  HB2  sing N N 64  
ASP CB  HB3  sing N N 65  
ASP CG  OD1  doub N N 66  
ASP CG  OD2  sing N N 67  
ASP OD2 HD2  sing N N 68  
ASP OXT HXT  sing N N 69  
CYS N   CA   sing N N 70  
CYS N   H    sing N N 71  
CYS N   H2   sing N N 72  
CYS CA  C    sing N N 73  
CYS CA  CB   sing N N 74  
CYS CA  HA   sing N N 75  
CYS C   O    doub N N 76  
CYS C   OXT  sing N N 77  
CYS CB  SG   sing N N 78  
CYS CB  HB2  sing N N 79  
CYS CB  HB3  sing N N 80  
CYS SG  HG   sing N N 81  
CYS OXT HXT  sing N N 82  
GLN N   CA   sing N N 83  
GLN N   H    sing N N 84  
GLN N   H2   sing N N 85  
GLN CA  C    sing N N 86  
GLN CA  CB   sing N N 87  
GLN CA  HA   sing N N 88  
GLN C   O    doub N N 89  
GLN C   OXT  sing N N 90  
GLN CB  CG   sing N N 91  
GLN CB  HB2  sing N N 92  
GLN CB  HB3  sing N N 93  
GLN CG  CD   sing N N 94  
GLN CG  HG2  sing N N 95  
GLN CG  HG3  sing N N 96  
GLN CD  OE1  doub N N 97  
GLN CD  NE2  sing N N 98  
GLN NE2 HE21 sing N N 99  
GLN NE2 HE22 sing N N 100 
GLN OXT HXT  sing N N 101 
GLU N   CA   sing N N 102 
GLU N   H    sing N N 103 
GLU N   H2   sing N N 104 
GLU CA  C    sing N N 105 
GLU CA  CB   sing N N 106 
GLU CA  HA   sing N N 107 
GLU C   O    doub N N 108 
GLU C   OXT  sing N N 109 
GLU CB  CG   sing N N 110 
GLU CB  HB2  sing N N 111 
GLU CB  HB3  sing N N 112 
GLU CG  CD   sing N N 113 
GLU CG  HG2  sing N N 114 
GLU CG  HG3  sing N N 115 
GLU CD  OE1  doub N N 116 
GLU CD  OE2  sing N N 117 
GLU OE2 HE2  sing N N 118 
GLU OXT HXT  sing N N 119 
GLY N   CA   sing N N 120 
GLY N   H    sing N N 121 
GLY N   H2   sing N N 122 
GLY CA  C    sing N N 123 
GLY CA  HA2  sing N N 124 
GLY CA  HA3  sing N N 125 
GLY C   O    doub N N 126 
GLY C   OXT  sing N N 127 
GLY OXT HXT  sing N N 128 
HIS N   CA   sing N N 129 
HIS N   H    sing N N 130 
HIS N   H2   sing N N 131 
HIS CA  C    sing N N 132 
HIS CA  CB   sing N N 133 
HIS CA  HA   sing N N 134 
HIS C   O    doub N N 135 
HIS C   OXT  sing N N 136 
HIS CB  CG   sing N N 137 
HIS CB  HB2  sing N N 138 
HIS CB  HB3  sing N N 139 
HIS CG  ND1  sing Y N 140 
HIS CG  CD2  doub Y N 141 
HIS ND1 CE1  doub Y N 142 
HIS ND1 HD1  sing N N 143 
HIS CD2 NE2  sing Y N 144 
HIS CD2 HD2  sing N N 145 
HIS CE1 NE2  sing Y N 146 
HIS CE1 HE1  sing N N 147 
HIS NE2 HE2  sing N N 148 
HIS OXT HXT  sing N N 149 
HOH O   H1   sing N N 150 
HOH O   H2   sing N N 151 
IDS C1  C2   sing N N 152 
IDS C1  O1   sing N N 153 
IDS C1  O5   sing N N 154 
IDS C1  H1   sing N N 155 
IDS C2  C3   sing N N 156 
IDS C2  O2   sing N N 157 
IDS C2  H2   sing N N 158 
IDS C3  C4   sing N N 159 
IDS C3  O3   sing N N 160 
IDS C3  H3   sing N N 161 
IDS C4  C5   sing N N 162 
IDS C4  O4   sing N N 163 
IDS C4  H4   sing N N 164 
IDS C5  C6   sing N N 165 
IDS C5  O5   sing N N 166 
IDS C5  H5   sing N N 167 
IDS C6  O6A  doub N N 168 
IDS C6  O6B  sing N N 169 
IDS O1  HO1  sing N N 170 
IDS O2  S    sing N N 171 
IDS O3  HO3  sing N N 172 
IDS O4  HO4  sing N N 173 
IDS O6B HO6B sing N N 174 
IDS S   O1S  doub N N 175 
IDS S   O2S  doub N N 176 
IDS S   O3S  sing N N 177 
IDS O3S HOS3 sing N N 178 
ILE N   CA   sing N N 179 
ILE N   H    sing N N 180 
ILE N   H2   sing N N 181 
ILE CA  C    sing N N 182 
ILE CA  CB   sing N N 183 
ILE CA  HA   sing N N 184 
ILE C   O    doub N N 185 
ILE C   OXT  sing N N 186 
ILE CB  CG1  sing N N 187 
ILE CB  CG2  sing N N 188 
ILE CB  HB   sing N N 189 
ILE CG1 CD1  sing N N 190 
ILE CG1 HG12 sing N N 191 
ILE CG1 HG13 sing N N 192 
ILE CG2 HG21 sing N N 193 
ILE CG2 HG22 sing N N 194 
ILE CG2 HG23 sing N N 195 
ILE CD1 HD11 sing N N 196 
ILE CD1 HD12 sing N N 197 
ILE CD1 HD13 sing N N 198 
ILE OXT HXT  sing N N 199 
LEU N   CA   sing N N 200 
LEU N   H    sing N N 201 
LEU N   H2   sing N N 202 
LEU CA  C    sing N N 203 
LEU CA  CB   sing N N 204 
LEU CA  HA   sing N N 205 
LEU C   O    doub N N 206 
LEU C   OXT  sing N N 207 
LEU CB  CG   sing N N 208 
LEU CB  HB2  sing N N 209 
LEU CB  HB3  sing N N 210 
LEU CG  CD1  sing N N 211 
LEU CG  CD2  sing N N 212 
LEU CG  HG   sing N N 213 
LEU CD1 HD11 sing N N 214 
LEU CD1 HD12 sing N N 215 
LEU CD1 HD13 sing N N 216 
LEU CD2 HD21 sing N N 217 
LEU CD2 HD22 sing N N 218 
LEU CD2 HD23 sing N N 219 
LEU OXT HXT  sing N N 220 
LYS N   CA   sing N N 221 
LYS N   H    sing N N 222 
LYS N   H2   sing N N 223 
LYS CA  C    sing N N 224 
LYS CA  CB   sing N N 225 
LYS CA  HA   sing N N 226 
LYS C   O    doub N N 227 
LYS C   OXT  sing N N 228 
LYS CB  CG   sing N N 229 
LYS CB  HB2  sing N N 230 
LYS CB  HB3  sing N N 231 
LYS CG  CD   sing N N 232 
LYS CG  HG2  sing N N 233 
LYS CG  HG3  sing N N 234 
LYS CD  CE   sing N N 235 
LYS CD  HD2  sing N N 236 
LYS CD  HD3  sing N N 237 
LYS CE  NZ   sing N N 238 
LYS CE  HE2  sing N N 239 
LYS CE  HE3  sing N N 240 
LYS NZ  HZ1  sing N N 241 
LYS NZ  HZ2  sing N N 242 
LYS NZ  HZ3  sing N N 243 
LYS OXT HXT  sing N N 244 
MET N   CA   sing N N 245 
MET N   H    sing N N 246 
MET N   H2   sing N N 247 
MET CA  C    sing N N 248 
MET CA  CB   sing N N 249 
MET CA  HA   sing N N 250 
MET C   O    doub N N 251 
MET C   OXT  sing N N 252 
MET CB  CG   sing N N 253 
MET CB  HB2  sing N N 254 
MET CB  HB3  sing N N 255 
MET CG  SD   sing N N 256 
MET CG  HG2  sing N N 257 
MET CG  HG3  sing N N 258 
MET SD  CE   sing N N 259 
MET CE  HE1  sing N N 260 
MET CE  HE2  sing N N 261 
MET CE  HE3  sing N N 262 
MET OXT HXT  sing N N 263 
PHE N   CA   sing N N 264 
PHE N   H    sing N N 265 
PHE N   H2   sing N N 266 
PHE CA  C    sing N N 267 
PHE CA  CB   sing N N 268 
PHE CA  HA   sing N N 269 
PHE C   O    doub N N 270 
PHE C   OXT  sing N N 271 
PHE CB  CG   sing N N 272 
PHE CB  HB2  sing N N 273 
PHE CB  HB3  sing N N 274 
PHE CG  CD1  doub Y N 275 
PHE CG  CD2  sing Y N 276 
PHE CD1 CE1  sing Y N 277 
PHE CD1 HD1  sing N N 278 
PHE CD2 CE2  doub Y N 279 
PHE CD2 HD2  sing N N 280 
PHE CE1 CZ   doub Y N 281 
PHE CE1 HE1  sing N N 282 
PHE CE2 CZ   sing Y N 283 
PHE CE2 HE2  sing N N 284 
PHE CZ  HZ   sing N N 285 
PHE OXT HXT  sing N N 286 
PRO N   CA   sing N N 287 
PRO N   CD   sing N N 288 
PRO N   H    sing N N 289 
PRO CA  C    sing N N 290 
PRO CA  CB   sing N N 291 
PRO CA  HA   sing N N 292 
PRO C   O    doub N N 293 
PRO C   OXT  sing N N 294 
PRO CB  CG   sing N N 295 
PRO CB  HB2  sing N N 296 
PRO CB  HB3  sing N N 297 
PRO CG  CD   sing N N 298 
PRO CG  HG2  sing N N 299 
PRO CG  HG3  sing N N 300 
PRO CD  HD2  sing N N 301 
PRO CD  HD3  sing N N 302 
PRO OXT HXT  sing N N 303 
SER N   CA   sing N N 304 
SER N   H    sing N N 305 
SER N   H2   sing N N 306 
SER CA  C    sing N N 307 
SER CA  CB   sing N N 308 
SER CA  HA   sing N N 309 
SER C   O    doub N N 310 
SER C   OXT  sing N N 311 
SER CB  OG   sing N N 312 
SER CB  HB2  sing N N 313 
SER CB  HB3  sing N N 314 
SER OG  HG   sing N N 315 
SER OXT HXT  sing N N 316 
SGN C1  C2   sing N N 317 
SGN C1  O1   sing N N 318 
SGN C1  O5   sing N N 319 
SGN C1  H1   sing N N 320 
SGN C2  C3   sing N N 321 
SGN C2  N2   sing N N 322 
SGN C2  H2   sing N N 323 
SGN C3  C4   sing N N 324 
SGN C3  O3   sing N N 325 
SGN C3  H3   sing N N 326 
SGN C4  C5   sing N N 327 
SGN C4  O4   sing N N 328 
SGN C4  H4   sing N N 329 
SGN C5  C6   sing N N 330 
SGN C5  O5   sing N N 331 
SGN C5  H5   sing N N 332 
SGN C6  O6   sing N N 333 
SGN C6  H61  sing N N 334 
SGN C6  H62  sing N N 335 
SGN N2  S1   sing N N 336 
SGN N2  HN21 sing N N 337 
SGN O1  HO1  sing N N 338 
SGN O3  HO3  sing N N 339 
SGN O4  HO4  sing N N 340 
SGN O6  S2   sing N N 341 
SGN S1  O1S  doub N N 342 
SGN S1  O2S  doub N N 343 
SGN S1  O3S  sing N N 344 
SGN O3S HOS3 sing N N 345 
SGN S2  O4S  doub N N 346 
SGN S2  O5S  doub N N 347 
SGN S2  O6S  sing N N 348 
SGN O6S HOS6 sing N N 349 
THR N   CA   sing N N 350 
THR N   H    sing N N 351 
THR N   H2   sing N N 352 
THR CA  C    sing N N 353 
THR CA  CB   sing N N 354 
THR CA  HA   sing N N 355 
THR C   O    doub N N 356 
THR C   OXT  sing N N 357 
THR CB  OG1  sing N N 358 
THR CB  CG2  sing N N 359 
THR CB  HB   sing N N 360 
THR OG1 HG1  sing N N 361 
THR CG2 HG21 sing N N 362 
THR CG2 HG22 sing N N 363 
THR CG2 HG23 sing N N 364 
THR OXT HXT  sing N N 365 
TRP N   CA   sing N N 366 
TRP N   H    sing N N 367 
TRP N   H2   sing N N 368 
TRP CA  C    sing N N 369 
TRP CA  CB   sing N N 370 
TRP CA  HA   sing N N 371 
TRP C   O    doub N N 372 
TRP C   OXT  sing N N 373 
TRP CB  CG   sing N N 374 
TRP CB  HB2  sing N N 375 
TRP CB  HB3  sing N N 376 
TRP CG  CD1  doub Y N 377 
TRP CG  CD2  sing Y N 378 
TRP CD1 NE1  sing Y N 379 
TRP CD1 HD1  sing N N 380 
TRP CD2 CE2  doub Y N 381 
TRP CD2 CE3  sing Y N 382 
TRP NE1 CE2  sing Y N 383 
TRP NE1 HE1  sing N N 384 
TRP CE2 CZ2  sing Y N 385 
TRP CE3 CZ3  doub Y N 386 
TRP CE3 HE3  sing N N 387 
TRP CZ2 CH2  doub Y N 388 
TRP CZ2 HZ2  sing N N 389 
TRP CZ3 CH2  sing Y N 390 
TRP CZ3 HZ3  sing N N 391 
TRP CH2 HH2  sing N N 392 
TRP OXT HXT  sing N N 393 
TYR N   CA   sing N N 394 
TYR N   H    sing N N 395 
TYR N   H2   sing N N 396 
TYR CA  C    sing N N 397 
TYR CA  CB   sing N N 398 
TYR CA  HA   sing N N 399 
TYR C   O    doub N N 400 
TYR C   OXT  sing N N 401 
TYR CB  CG   sing N N 402 
TYR CB  HB2  sing N N 403 
TYR CB  HB3  sing N N 404 
TYR CG  CD1  doub Y N 405 
TYR CG  CD2  sing Y N 406 
TYR CD1 CE1  sing Y N 407 
TYR CD1 HD1  sing N N 408 
TYR CD2 CE2  doub Y N 409 
TYR CD2 HD2  sing N N 410 
TYR CE1 CZ   doub Y N 411 
TYR CE1 HE1  sing N N 412 
TYR CE2 CZ   sing Y N 413 
TYR CE2 HE2  sing N N 414 
TYR CZ  OH   sing N N 415 
TYR OH  HH   sing N N 416 
TYR OXT HXT  sing N N 417 
UAP O2  S    sing N N 418 
UAP S   O2S  doub N N 419 
UAP S   O3S  doub N N 420 
UAP S   O1S  sing N N 421 
UAP O5  C1   sing N N 422 
UAP O1  C1   sing N N 423 
UAP C1  C2   sing N N 424 
UAP C1  H1   sing N N 425 
UAP O1  HO1  sing N N 426 
UAP C3  C2   sing N N 427 
UAP C2  O2   sing N N 428 
UAP C2  H2   sing N N 429 
UAP C4  C3   sing N N 430 
UAP O3  C3   sing N N 431 
UAP C3  H3   sing N N 432 
UAP O3  HO3  sing N N 433 
UAP C5  C4   doub N N 434 
UAP C4  H4   sing N N 435 
UAP C6  C5   sing N N 436 
UAP C5  O5   sing N N 437 
UAP O6A C6   doub N N 438 
UAP O6B C6   sing N N 439 
UAP O1S HO1S sing N N 440 
UAP O6B HO6B sing N N 441 
VAL N   CA   sing N N 442 
VAL N   H    sing N N 443 
VAL N   H2   sing N N 444 
VAL CA  C    sing N N 445 
VAL CA  CB   sing N N 446 
VAL CA  HA   sing N N 447 
VAL C   O    doub N N 448 
VAL C   OXT  sing N N 449 
VAL CB  CG1  sing N N 450 
VAL CB  CG2  sing N N 451 
VAL CB  HB   sing N N 452 
VAL CG1 HG11 sing N N 453 
VAL CG1 HG12 sing N N 454 
VAL CG1 HG13 sing N N 455 
VAL CG2 HG21 sing N N 456 
VAL CG2 HG22 sing N N 457 
VAL CG2 HG23 sing N N 458 
VAL OXT HXT  sing N N 459 
# 
loop_
_pdbx_entity_branch_list.entity_id 
_pdbx_entity_branch_list.comp_id 
_pdbx_entity_branch_list.num 
_pdbx_entity_branch_list.hetero 
2 SGN 1 n 
2 IDS 2 n 
2 SGN 3 n 
2 UAP 4 n 
# 
_atom_sites.entry_id                    1BFB 
_atom_sites.fract_transf_matrix[1][1]   0.02477265 
_atom_sites.fract_transf_matrix[1][2]   0.00727068 
_atom_sites.fract_transf_matrix[1][3]   -0.01757173 
_atom_sites.fract_transf_matrix[2][1]   -0.01359730 
_atom_sites.fract_transf_matrix[2][2]   0.01470336 
_atom_sites.fract_transf_matrix[2][3]   -0.01308566 
_atom_sites.fract_transf_matrix[3][1]   0.00254430 
_atom_sites.fract_transf_matrix[3][2]   0.00877749 
_atom_sites.fract_transf_matrix[3][3]   0.00721883 
_atom_sites.fract_transf_vector[1]      -0.005274 
_atom_sites.fract_transf_vector[2]      0.001585 
_atom_sites.fract_transf_vector[3]      0.392900 
# 
loop_
_atom_type.symbol 
C 
N 
O 
S 
# 
loop_
_atom_site.group_PDB 
_atom_site.id 
_atom_site.type_symbol 
_atom_site.label_atom_id 
_atom_site.label_alt_id 
_atom_site.label_comp_id 
_atom_site.label_asym_id 
_atom_site.label_entity_id 
_atom_site.label_seq_id 
_atom_site.pdbx_PDB_ins_code 
_atom_site.Cartn_x 
_atom_site.Cartn_y 
_atom_site.Cartn_z 
_atom_site.occupancy 
_atom_site.B_iso_or_equiv 
_atom_site.pdbx_formal_charge 
_atom_site.auth_seq_id 
_atom_site.auth_comp_id 
_atom_site.auth_asym_id 
_atom_site.auth_atom_id 
_atom_site.pdbx_PDB_model_num 
ATOM   1    N N   . PRO A 1 21  ? -12.375 -5.072  -3.829  1.00 38.20 ? 21  PRO A N   1 
ATOM   2    C CA  . PRO A 1 21  ? -12.340 -3.920  -4.732  1.00 34.39 ? 21  PRO A CA  1 
ATOM   3    C C   . PRO A 1 21  ? -12.489 -2.630  -3.911  1.00 32.20 ? 21  PRO A C   1 
ATOM   4    O O   . PRO A 1 21  ? -13.570 -2.348  -3.418  1.00 30.83 ? 21  PRO A O   1 
ATOM   5    C CB  . PRO A 1 21  ? -13.517 -4.076  -5.650  1.00 34.06 ? 21  PRO A CB  1 
ATOM   6    C CG  . PRO A 1 21  ? -14.485 -4.999  -4.939  1.00 36.42 ? 21  PRO A CG  1 
ATOM   7    C CD  . PRO A 1 21  ? -13.758 -5.533  -3.722  1.00 36.33 ? 21  PRO A CD  1 
ATOM   8    N N   . LYS A 1 22  ? -11.401 -2.209  -3.272  1.00 29.85 ? 22  LYS A N   1 
ATOM   9    C CA  . LYS A 1 22  ? -11.450 -1.009  -2.475  1.00 26.97 ? 22  LYS A CA  1 
ATOM   10   C C   . LYS A 1 22  ? -10.514 0.027   -3.010  1.00 24.52 ? 22  LYS A C   1 
ATOM   11   O O   . LYS A 1 22  ? -9.632  -0.267  -3.812  1.00 23.28 ? 22  LYS A O   1 
ATOM   12   C CB  . LYS A 1 22  ? -10.981 -1.232  -1.049  1.00 31.28 ? 22  LYS A CB  1 
ATOM   13   C CG  . LYS A 1 22  ? -10.543 -2.634  -0.708  1.00 36.43 ? 22  LYS A CG  1 
ATOM   14   C CD  . LYS A 1 22  ? -11.274 -3.008  0.568   1.00 40.74 ? 22  LYS A CD  1 
ATOM   15   C CE  . LYS A 1 22  ? -12.725 -3.299  0.219   1.00 44.49 ? 22  LYS A CE  1 
ATOM   16   N NZ  . LYS A 1 22  ? -13.417 -2.084  -0.199  1.00 46.33 ? 22  LYS A NZ  1 
ATOM   17   N N   . ARG A 1 23  ? -10.395 1.055   -2.183  1.00 21.61 ? 23  ARG A N   1 
ATOM   18   C CA  . ARG A 1 23  ? -9.497  2.148   -2.420  1.00 19.25 ? 23  ARG A CA  1 
ATOM   19   C C   . ARG A 1 23  ? -8.900  2.487   -1.081  1.00 17.44 ? 23  ARG A C   1 
ATOM   20   O O   . ARG A 1 23  ? -9.514  2.087   -0.101  1.00 14.83 ? 23  ARG A O   1 
ATOM   21   C CB  . ARG A 1 23  ? -10.212 3.366   -2.965  1.00 21.07 ? 23  ARG A CB  1 
ATOM   22   C CG  . ARG A 1 23  ? -10.693 3.042   -4.341  1.00 23.44 ? 23  ARG A CG  1 
ATOM   23   C CD  . ARG A 1 23  ? -11.187 4.309   -4.907  1.00 28.62 ? 23  ARG A CD  1 
ATOM   24   N NE  . ARG A 1 23  ? -12.347 4.632   -4.142  1.00 35.10 ? 23  ARG A NE  1 
ATOM   25   C CZ  . ARG A 1 23  ? -13.551 4.319   -4.581  1.00 38.12 ? 23  ARG A CZ  1 
ATOM   26   N NH1 . ARG A 1 23  ? -13.794 4.199   -5.901  1.00 37.08 ? 23  ARG A NH1 1 
ATOM   27   N NH2 . ARG A 1 23  ? -14.535 4.658   -3.765  1.00 41.41 ? 23  ARG A NH2 1 
ATOM   28   N N   . LEU A 1 24  ? -7.571  2.577   -1.089  1.00 16.34 ? 24  LEU A N   1 
ATOM   29   C CA  . LEU A 1 24  ? -6.819  2.904   0.115   1.00 16.19 ? 24  LEU A CA  1 
ATOM   30   C C   . LEU A 1 24  ? -6.493  4.387   0.119   1.00 14.18 ? 24  LEU A C   1 
ATOM   31   O O   . LEU A 1 24  ? -5.667  4.898   -0.636  1.00 12.89 ? 24  LEU A O   1 
ATOM   32   C CB  . LEU A 1 24  ? -5.518  2.061   0.212   1.00 17.20 ? 24  LEU A CB  1 
ATOM   33   C CG  . LEU A 1 24  ? -5.693  0.531   0.369   1.00 19.69 ? 24  LEU A CG  1 
ATOM   34   C CD1 . LEU A 1 24  ? -4.344  -0.182  0.452   1.00 18.95 ? 24  LEU A CD1 1 
ATOM   35   C CD2 . LEU A 1 24  ? -6.573  0.229   1.585   1.00 17.85 ? 24  LEU A CD2 1 
ATOM   36   N N   . TYR A 1 25  ? -7.171  5.074   1.024   1.00 14.73 ? 25  TYR A N   1 
ATOM   37   C CA  . TYR A 1 25  ? -6.994  6.506   1.174   1.00 13.24 ? 25  TYR A CA  1 
ATOM   38   C C   . TYR A 1 25  ? -5.975  6.872   2.247   1.00 13.13 ? 25  TYR A C   1 
ATOM   39   O O   . TYR A 1 25  ? -6.228  6.688   3.455   1.00 14.85 ? 25  TYR A O   1 
ATOM   40   C CB  . TYR A 1 25  ? -8.341  7.058   1.537   1.00 12.89 ? 25  TYR A CB  1 
ATOM   41   C CG  . TYR A 1 25  ? -8.316  8.551   1.624   1.00 15.39 ? 25  TYR A CG  1 
ATOM   42   C CD1 . TYR A 1 25  ? -8.209  9.328   0.484   1.00 16.30 ? 25  TYR A CD1 1 
ATOM   43   C CD2 . TYR A 1 25  ? -8.376  9.105   2.874   1.00 19.68 ? 25  TYR A CD2 1 
ATOM   44   C CE1 . TYR A 1 25  ? -8.167  10.685  0.594   1.00 19.35 ? 25  TYR A CE1 1 
ATOM   45   C CE2 . TYR A 1 25  ? -8.326  10.473  2.988   1.00 22.52 ? 25  TYR A CE2 1 
ATOM   46   C CZ  . TYR A 1 25  ? -8.236  11.248  1.863   1.00 20.18 ? 25  TYR A CZ  1 
ATOM   47   O OH  . TYR A 1 25  ? -8.294  12.615  2.035   1.00 25.06 ? 25  TYR A OH  1 
ATOM   48   N N   . CYS A 1 26  ? -4.811  7.389   1.843   1.00 14.28 ? 26  CYS A N   1 
ATOM   49   C CA  . CYS A 1 26  ? -3.821  7.715   2.855   1.00 15.76 ? 26  CYS A CA  1 
ATOM   50   C C   . CYS A 1 26  ? -4.061  9.073   3.551   1.00 18.37 ? 26  CYS A C   1 
ATOM   51   O O   . CYS A 1 26  ? -4.364  10.103  2.932   1.00 16.20 ? 26  CYS A O   1 
ATOM   52   C CB  . CYS A 1 26  ? -2.416  7.592   2.261   1.00 14.08 ? 26  CYS A CB  1 
ATOM   53   S SG  . CYS A 1 26  ? -1.063  7.974   3.414   1.00 15.26 ? 26  CYS A SG  1 
ATOM   54   N N   . LYS A 1 27  ? -4.062  8.985   4.915   1.00 19.60 ? 27  LYS A N   1 
ATOM   55   C CA  . LYS A 1 27  ? -4.260  10.092  5.845   1.00 19.68 ? 27  LYS A CA  1 
ATOM   56   C C   . LYS A 1 27  ? -3.216  11.194  5.751   1.00 17.73 ? 27  LYS A C   1 
ATOM   57   O O   . LYS A 1 27  ? -3.481  12.360  6.082   1.00 16.71 ? 27  LYS A O   1 
ATOM   58   C CB  . LYS A 1 27  ? -4.283  9.509   7.266   1.00 22.29 ? 27  LYS A CB  1 
ATOM   59   C CG  . LYS A 1 27  ? -4.739  10.456  8.363   1.00 24.31 ? 27  LYS A CG  1 
ATOM   60   C CD  . LYS A 1 27  ? -4.433  9.788   9.705   1.00 30.88 ? 27  LYS A CD  1 
ATOM   61   C CE  . LYS A 1 27  ? -5.524  10.037  10.742  1.00 30.46 ? 27  LYS A CE  1 
ATOM   62   N NZ  . LYS A 1 27  ? -5.319  11.337  11.328  1.00 30.56 ? 27  LYS A NZ  1 
ATOM   63   N N   . ASN A 1 28  ? -2.026  10.856  5.293   1.00 14.86 ? 28  ASN A N   1 
ATOM   64   C CA  . ASN A 1 28  ? -0.967  11.836  5.147   1.00 16.35 ? 28  ASN A CA  1 
ATOM   65   C C   . ASN A 1 28  ? -1.116  12.661  3.875   1.00 18.06 ? 28  ASN A C   1 
ATOM   66   O O   . ASN A 1 28  ? -0.518  12.314  2.861   1.00 19.83 ? 28  ASN A O   1 
ATOM   67   C CB  . ASN A 1 28  ? 0.358   11.115  5.002   1.00 13.61 ? 28  ASN A CB  1 
ATOM   68   C CG  . ASN A 1 28  ? 1.510   11.986  5.422   1.00 16.47 ? 28  ASN A CG  1 
ATOM   69   O OD1 . ASN A 1 28  ? 1.375   13.000  6.144   1.00 14.78 ? 28  ASN A OD1 1 
ATOM   70   N ND2 . ASN A 1 28  ? 2.695   11.531  5.056   1.00 13.74 ? 28  ASN A ND2 1 
ATOM   71   N N   . GLY A 1 29  ? -1.987  13.648  3.821   1.00 16.20 ? 29  GLY A N   1 
ATOM   72   C CA  . GLY A 1 29  ? -2.089  14.414  2.592   1.00 20.88 ? 29  GLY A CA  1 
ATOM   73   C C   . GLY A 1 29  ? -3.428  14.212  1.880   1.00 22.01 ? 29  GLY A C   1 
ATOM   74   O O   . GLY A 1 29  ? -3.734  14.911  0.927   1.00 22.06 ? 29  GLY A O   1 
ATOM   75   N N   . GLY A 1 30  ? -3.939  12.994  1.967   1.00 19.89 ? 30  GLY A N   1 
ATOM   76   C CA  . GLY A 1 30  ? -5.212  12.675  1.366   1.00 20.22 ? 30  GLY A CA  1 
ATOM   77   C C   . GLY A 1 30  ? -5.031  12.134  -0.027  1.00 20.71 ? 30  GLY A C   1 
ATOM   78   O O   . GLY A 1 30  ? -5.322  12.851  -0.974  1.00 22.33 ? 30  GLY A O   1 
ATOM   79   N N   . PHE A 1 31  ? -4.127  11.179  -0.198  1.00 19.37 ? 31  PHE A N   1 
ATOM   80   C CA  . PHE A 1 31  ? -3.906  10.615  -1.520  1.00 19.02 ? 31  PHE A CA  1 
ATOM   81   C C   . PHE A 1 31  ? -4.321  9.144   -1.551  1.00 18.72 ? 31  PHE A C   1 
ATOM   82   O O   . PHE A 1 31  ? -4.356  8.506   -0.479  1.00 20.54 ? 31  PHE A O   1 
ATOM   83   C CB  . PHE A 1 31  ? -2.432  10.596  -1.854  1.00 18.67 ? 31  PHE A CB  1 
ATOM   84   C CG  . PHE A 1 31  ? -1.903  11.955  -2.178  1.00 20.35 ? 31  PHE A CG  1 
ATOM   85   C CD1 . PHE A 1 31  ? -1.722  12.865  -1.148  1.00 20.26 ? 31  PHE A CD1 1 
ATOM   86   C CD2 . PHE A 1 31  ? -1.669  12.284  -3.487  1.00 17.41 ? 31  PHE A CD2 1 
ATOM   87   C CE1 . PHE A 1 31  ? -1.307  14.157  -1.436  1.00 21.65 ? 31  PHE A CE1 1 
ATOM   88   C CE2 . PHE A 1 31  ? -1.269  13.572  -3.752  1.00 23.44 ? 31  PHE A CE2 1 
ATOM   89   C CZ  . PHE A 1 31  ? -1.088  14.518  -2.740  1.00 21.13 ? 31  PHE A CZ  1 
ATOM   90   N N   . PHE A 1 32  ? -4.895  8.688   -2.668  1.00 13.84 ? 32  PHE A N   1 
ATOM   91   C CA  . PHE A 1 32  ? -5.221  7.291   -2.769  1.00 13.24 ? 32  PHE A CA  1 
ATOM   92   C C   . PHE A 1 32  ? -4.028  6.553   -3.358  1.00 13.25 ? 32  PHE A C   1 
ATOM   93   O O   . PHE A 1 32  ? -3.338  7.016   -4.277  1.00 13.95 ? 32  PHE A O   1 
ATOM   94   C CB  . PHE A 1 32  ? -6.381  7.043   -3.719  1.00 16.89 ? 32  PHE A CB  1 
ATOM   95   C CG  . PHE A 1 32  ? -7.725  7.623   -3.274  1.00 21.46 ? 32  PHE A CG  1 
ATOM   96   C CD1 . PHE A 1 32  ? -8.104  8.900   -3.694  1.00 20.98 ? 32  PHE A CD1 1 
ATOM   97   C CD2 . PHE A 1 32  ? -8.597  6.832   -2.555  1.00 21.36 ? 32  PHE A CD2 1 
ATOM   98   C CE1 . PHE A 1 32  ? -9.372  9.342   -3.397  1.00 23.04 ? 32  PHE A CE1 1 
ATOM   99   C CE2 . PHE A 1 32  ? -9.874  7.286   -2.259  1.00 22.68 ? 32  PHE A CE2 1 
ATOM   100  C CZ  . PHE A 1 32  ? -10.264 8.535   -2.684  1.00 24.04 ? 32  PHE A CZ  1 
ATOM   101  N N   . LEU A 1 33  ? -3.678  5.409   -2.792  1.00 13.16 ? 33  LEU A N   1 
ATOM   102  C CA  . LEU A 1 33  ? -2.610  4.606   -3.373  1.00 14.69 ? 33  LEU A CA  1 
ATOM   103  C C   . LEU A 1 33  ? -2.989  4.260   -4.799  1.00 14.61 ? 33  LEU A C   1 
ATOM   104  O O   . LEU A 1 33  ? -3.969  3.540   -5.019  1.00 15.91 ? 33  LEU A O   1 
ATOM   105  C CB  . LEU A 1 33  ? -2.471  3.310   -2.555  1.00 15.95 ? 33  LEU A CB  1 
ATOM   106  C CG  . LEU A 1 33  ? -1.232  2.456   -2.700  1.00 13.75 ? 33  LEU A CG  1 
ATOM   107  C CD1 . LEU A 1 33  ? 0.008   3.309   -2.531  1.00 15.51 ? 33  LEU A CD1 1 
ATOM   108  C CD2 . LEU A 1 33  ? -1.293  1.329   -1.664  1.00 16.55 ? 33  LEU A CD2 1 
ATOM   109  N N   . ARG A 1 34  ? -1.967  4.213   -5.631  1.00 16.71 ? 34  ARG A N   1 
ATOM   110  C CA  . ARG A 1 34  ? -2.163  3.919   -7.037  1.00 16.32 ? 34  ARG A CA  1 
ATOM   111  C C   . ARG A 1 34  ? -1.139  2.901   -7.532  1.00 17.32 ? 34  ARG A C   1 
ATOM   112  O O   . ARG A 1 34  ? 0.069   3.090   -7.329  1.00 15.39 ? 34  ARG A O   1 
ATOM   113  C CB  . ARG A 1 34  ? -1.995  5.249   -7.794  1.00 19.29 ? 34  ARG A CB  1 
ATOM   114  C CG  . ARG A 1 34  ? -2.426  5.307   -9.256  1.00 21.17 ? 34  ARG A CG  1 
ATOM   115  C CD  . ARG A 1 34  ? -1.505  6.263   -9.967  1.00 25.94 ? 34  ARG A CD  1 
ATOM   116  N NE  . ARG A 1 34  ? -2.294  7.276   -10.573 1.00 29.34 ? 34  ARG A NE  1 
ATOM   117  C CZ  . ARG A 1 34  ? -1.787  8.357   -11.200 1.00 29.60 ? 34  ARG A CZ  1 
ATOM   118  N NH1 . ARG A 1 34  ? -0.667  8.941   -10.789 1.00 29.20 ? 34  ARG A NH1 1 
ATOM   119  N NH2 . ARG A 1 34  ? -2.694  9.166   -11.697 1.00 26.90 ? 34  ARG A NH2 1 
ATOM   120  N N   . ILE A 1 35  ? -1.575  1.999   -8.427  1.00 15.13 ? 35  ILE A N   1 
ATOM   121  C CA  . ILE A 1 35  ? -0.665  1.012   -8.989  1.00 17.66 ? 35  ILE A CA  1 
ATOM   122  C C   . ILE A 1 35  ? -0.771  1.077   -10.504 1.00 19.02 ? 35  ILE A C   1 
ATOM   123  O O   . ILE A 1 35  ? -1.888  1.117   -11.016 1.00 20.00 ? 35  ILE A O   1 
ATOM   124  C CB  . ILE A 1 35  ? -0.974  -0.414  -8.476  1.00 15.63 ? 35  ILE A CB  1 
ATOM   125  C CG1 . ILE A 1 35  ? -0.717  -0.548  -6.980  1.00 15.04 ? 35  ILE A CG1 1 
ATOM   126  C CG2 . ILE A 1 35  ? -0.145  -1.431  -9.234  1.00 13.40 ? 35  ILE A CG2 1 
ATOM   127  C CD1 . ILE A 1 35  ? -1.327  -1.829  -6.372  1.00 17.48 ? 35  ILE A CD1 1 
ATOM   128  N N   . HIS A 1 36  ? 0.273   1.624   -11.134 1.00 21.40 ? 36  HIS A N   1 
ATOM   129  C CA  . HIS A 1 36  ? 0.291   1.794   -12.566 1.00 22.57 ? 36  HIS A CA  1 
ATOM   130  C C   . HIS A 1 36  ? 0.707   0.521   -13.317 1.00 24.41 ? 36  HIS A C   1 
ATOM   131  O O   . HIS A 1 36  ? 1.545   -0.279  -12.849 1.00 23.47 ? 36  HIS A O   1 
ATOM   132  C CB  . HIS A 1 36  ? 1.220   2.962   -12.919 1.00 26.48 ? 36  HIS A CB  1 
ATOM   133  C CG  . HIS A 1 36  ? 0.931   4.319   -12.254 1.00 31.81 ? 36  HIS A CG  1 
ATOM   134  N ND1 . HIS A 1 36  ? 1.723   4.845   -11.291 1.00 33.60 ? 36  HIS A ND1 1 
ATOM   135  C CD2 . HIS A 1 36  ? 0.052   5.299   -12.683 1.00 33.79 ? 36  HIS A CD2 1 
ATOM   136  C CE1 . HIS A 1 36  ? 1.374   6.123   -11.171 1.00 32.55 ? 36  HIS A CE1 1 
ATOM   137  N NE2 . HIS A 1 36  ? 0.367   6.398   -11.982 1.00 35.66 ? 36  HIS A NE2 1 
ATOM   138  N N   . PRO A 1 37  ? 0.445   0.474   -14.619 1.00 24.81 ? 37  PRO A N   1 
ATOM   139  C CA  . PRO A 1 37  ? 0.585   -0.782  -15.339 1.00 24.37 ? 37  PRO A CA  1 
ATOM   140  C C   . PRO A 1 37  ? 2.021   -1.071  -15.718 1.00 25.75 ? 37  PRO A C   1 
ATOM   141  O O   . PRO A 1 37  ? 2.347   -2.228  -15.940 1.00 24.62 ? 37  PRO A O   1 
ATOM   142  C CB  . PRO A 1 37  ? -0.275  -0.627  -16.561 1.00 23.31 ? 37  PRO A CB  1 
ATOM   143  C CG  . PRO A 1 37  ? -0.759  0.807   -16.600 1.00 25.55 ? 37  PRO A CG  1 
ATOM   144  C CD  . PRO A 1 37  ? -0.533  1.375   -15.219 1.00 24.30 ? 37  PRO A CD  1 
ATOM   145  N N   . ASP A 1 38  ? 2.917   -0.119  -15.416 1.00 26.67 ? 38  ASP A N   1 
ATOM   146  C CA  . ASP A 1 38  ? 4.319   -0.289  -15.732 1.00 26.98 ? 38  ASP A CA  1 
ATOM   147  C C   . ASP A 1 38  ? 5.132   -0.682  -14.506 1.00 29.19 ? 38  ASP A C   1 
ATOM   148  O O   . ASP A 1 38  ? 6.311   -0.386  -14.453 1.00 33.08 ? 38  ASP A O   1 
ATOM   149  C CB  . ASP A 1 38  ? 4.846   1.044   -16.285 1.00 28.71 ? 38  ASP A CB  1 
ATOM   150  C CG  . ASP A 1 38  ? 4.608   2.241   -15.368 1.00 29.50 ? 38  ASP A CG  1 
ATOM   151  O OD1 . ASP A 1 38  ? 4.369   1.960   -14.231 1.00 31.72 ? 38  ASP A OD1 1 
ATOM   152  O OD2 . ASP A 1 38  ? 4.673   3.429   -15.739 1.00 31.72 ? 38  ASP A OD2 1 
ATOM   153  N N   . GLY A 1 39  ? 4.532   -0.820  -13.332 1.00 28.94 ? 39  GLY A N   1 
ATOM   154  C CA  . GLY A 1 39  ? 5.375   -1.142  -12.186 1.00 28.37 ? 39  GLY A CA  1 
ATOM   155  C C   . GLY A 1 39  ? 5.453   0.028   -11.183 1.00 27.82 ? 39  GLY A C   1 
ATOM   156  O O   . GLY A 1 39  ? 5.784   -0.163  -10.003 1.00 27.90 ? 39  GLY A O   1 
ATOM   157  N N   . ARG A 1 40  ? 5.148   1.257   -11.620 1.00 26.06 ? 40  ARG A N   1 
ATOM   158  C CA  . ARG A 1 40  ? 5.230   2.431   -10.699 1.00 28.29 ? 40  ARG A CA  1 
ATOM   159  C C   . ARG A 1 40  ? 4.070   2.634   -9.726  1.00 24.29 ? 40  ARG A C   1 
ATOM   160  O O   . ARG A 1 40  ? 2.963   2.168   -9.942  1.00 22.31 ? 40  ARG A O   1 
ATOM   161  C CB  . ARG A 1 40  ? 5.521   3.667   -11.522 1.00 31.83 ? 40  ARG A CB  1 
ATOM   162  C CG  . ARG A 1 40  ? 6.496   3.154   -12.619 1.00 43.05 ? 40  ARG A CG  1 
ATOM   163  C CD  . ARG A 1 40  ? 6.395   3.946   -13.922 1.00 49.64 ? 40  ARG A CD  1 
ATOM   164  N NE  . ARG A 1 40  ? 5.714   5.011   -13.290 1.00 55.48 ? 40  ARG A NE  1 
ATOM   165  C CZ  . ARG A 1 40  ? 5.784   6.253   -13.681 1.00 58.82 ? 40  ARG A CZ  1 
ATOM   166  N NH1 . ARG A 1 40  ? 5.074   6.903   -12.726 1.00 62.19 ? 40  ARG A NH1 1 
ATOM   167  N NH2 . ARG A 1 40  ? 5.286   6.413   -14.946 1.00 61.11 ? 40  ARG A NH2 1 
ATOM   168  N N   . VAL A 1 41  ? 4.474   2.887   -8.489  1.00 18.90 ? 41  VAL A N   1 
ATOM   169  C CA  . VAL A 1 41  ? 3.536   2.999   -7.412  1.00 17.42 ? 41  VAL A CA  1 
ATOM   170  C C   . VAL A 1 41  ? 3.535   4.416   -6.849  1.00 17.43 ? 41  VAL A C   1 
ATOM   171  O O   . VAL A 1 41  ? 4.612   5.025   -6.724  1.00 17.74 ? 41  VAL A O   1 
ATOM   172  C CB  . VAL A 1 41  ? 3.909   1.961   -6.304  1.00 18.81 ? 41  VAL A CB  1 
ATOM   173  C CG1 . VAL A 1 41  ? 3.156   2.305   -5.040  1.00 17.31 ? 41  VAL A CG1 1 
ATOM   174  C CG2 . VAL A 1 41  ? 3.622   0.544   -6.765  1.00 14.86 ? 41  VAL A CG2 1 
ATOM   175  N N   . ASP A 1 42  ? 2.352   5.018   -6.590  1.00 16.76 ? 42  ASP A N   1 
ATOM   176  C CA  . ASP A 1 42  ? 2.298   6.394   -6.126  1.00 15.28 ? 42  ASP A CA  1 
ATOM   177  C C   . ASP A 1 42  ? 0.898   6.718   -5.683  1.00 14.83 ? 42  ASP A C   1 
ATOM   178  O O   . ASP A 1 42  ? 0.127   5.813   -5.375  1.00 13.22 ? 42  ASP A O   1 
ATOM   179  C CB  . ASP A 1 42  ? 2.688   7.379   -7.254  1.00 15.81 ? 42  ASP A CB  1 
ATOM   180  C CG  . ASP A 1 42  ? 1.631   7.539   -8.383  1.00 19.56 ? 42  ASP A CG  1 
ATOM   181  O OD1 . ASP A 1 42  ? 0.550   6.928   -8.358  1.00 17.96 ? 42  ASP A OD1 1 
ATOM   182  O OD2 . ASP A 1 42  ? 1.993   8.085   -9.417  1.00 21.79 ? 42  ASP A OD2 1 
ATOM   183  N N   . GLY A 1 43  ? 0.691   7.978   -5.275  1.00 14.22 ? 43  GLY A N   1 
ATOM   184  C CA  . GLY A 1 43  ? -0.614  8.357   -4.882  1.00 18.35 ? 43  GLY A CA  1 
ATOM   185  C C   . GLY A 1 43  ? -1.266  9.421   -5.783  1.00 18.71 ? 43  GLY A C   1 
ATOM   186  O O   . GLY A 1 43  ? -0.615  10.277  -6.342  1.00 20.50 ? 43  GLY A O   1 
ATOM   187  N N   . VAL A 1 44  ? -2.599  9.476   -5.800  1.00 19.61 ? 44  VAL A N   1 
ATOM   188  C CA  . VAL A 1 44  ? -3.324  10.504  -6.533  1.00 21.00 ? 44  VAL A CA  1 
ATOM   189  C C   . VAL A 1 44  ? -4.444  11.011  -5.670  1.00 18.59 ? 44  VAL A C   1 
ATOM   190  O O   . VAL A 1 44  ? -5.190  10.215  -5.142  1.00 18.73 ? 44  VAL A O   1 
ATOM   191  C CB  . VAL A 1 44  ? -4.041  10.050  -7.832  1.00 22.84 ? 44  VAL A CB  1 
ATOM   192  C CG1 . VAL A 1 44  ? -3.193  10.402  -9.043  1.00 23.49 ? 44  VAL A CG1 1 
ATOM   193  C CG2 . VAL A 1 44  ? -4.456  8.598   -7.753  1.00 22.94 ? 44  VAL A CG2 1 
ATOM   194  N N   . ARG A 1 45  ? -4.912  12.198  -5.985  1.00 20.75 ? 45  ARG A N   1 
ATOM   195  C CA  . ARG A 1 45  ? -6.045  12.707  -5.258  1.00 21.04 ? 45  ARG A CA  1 
ATOM   196  C C   . ARG A 1 45  ? -7.309  12.511  -6.066  1.00 20.92 ? 45  ARG A C   1 
ATOM   197  O O   . ARG A 1 45  ? -8.383  12.415  -5.504  1.00 23.28 ? 45  ARG A O   1 
ATOM   198  C CB  . ARG A 1 45  ? -5.855  14.163  -4.947  1.00 24.07 ? 45  ARG A CB  1 
ATOM   199  C CG  . ARG A 1 45  ? -4.723  14.327  -3.963  1.00 25.92 ? 45  ARG A CG  1 
ATOM   200  C CD  . ARG A 1 45  ? -4.484  15.800  -3.723  1.00 27.79 ? 45  ARG A CD  1 
ATOM   201  N NE  . ARG A 1 45  ? -5.289  16.260  -2.619  1.00 31.40 ? 45  ARG A NE  1 
ATOM   202  C CZ  . ARG A 1 45  ? -4.683  16.830  -1.600  1.00 35.39 ? 45  ARG A CZ  1 
ATOM   203  N NH1 . ARG A 1 45  ? -3.427  16.489  -1.355  1.00 40.73 ? 45  ARG A NH1 1 
ATOM   204  N NH2 . ARG A 1 45  ? -5.397  17.297  -0.584  1.00 41.44 ? 45  ARG A NH2 1 
ATOM   205  N N   . GLU A 1 46  ? -7.210  12.145  -7.333  1.00 22.88 ? 46  GLU A N   1 
ATOM   206  C CA  . GLU A 1 46  ? -8.424  11.919  -8.103  1.00 24.46 ? 46  GLU A CA  1 
ATOM   207  C C   . GLU A 1 46  ? -9.022  10.547  -7.779  1.00 24.85 ? 46  GLU A C   1 
ATOM   208  O O   . GLU A 1 46  ? -8.523  9.477   -8.211  1.00 21.52 ? 46  GLU A O   1 
ATOM   209  C CB  . GLU A 1 46  ? -8.145  12.067  -9.593  1.00 26.05 ? 46  GLU A CB  1 
ATOM   210  C CG  . GLU A 1 46  ? -9.383  11.847  -10.486 1.00 29.92 ? 46  GLU A CG  1 
ATOM   211  C CD  . GLU A 1 46  ? -10.683 12.571  -10.057 1.00 29.78 ? 46  GLU A CD  1 
ATOM   212  O OE1 . GLU A 1 46  ? -10.658 13.787  -9.887  1.00 27.72 ? 46  GLU A OE1 1 
ATOM   213  O OE2 . GLU A 1 46  ? -11.758 11.980  -10.215 1.00 26.49 ? 46  GLU A OE2 1 
ATOM   214  N N   . LYS A 1 47  ? -10.276 10.588  -7.275  1.00 24.08 ? 47  LYS A N   1 
ATOM   215  C CA  . LYS A 1 47  ? -10.932 9.359   -6.863  1.00 23.69 ? 47  LYS A CA  1 
ATOM   216  C C   . LYS A 1 47  ? -11.561 8.581   -7.994  1.00 22.63 ? 47  LYS A C   1 
ATOM   217  O O   . LYS A 1 47  ? -11.788 7.387   -7.823  1.00 22.38 ? 47  LYS A O   1 
ATOM   218  C CB  . LYS A 1 47  ? -11.929 9.649   -5.735  1.00 25.52 ? 47  LYS A CB  1 
ATOM   219  C CG  . LYS A 1 47  ? -13.405 9.564   -6.092  1.00 27.48 ? 47  LYS A CG  1 
ATOM   220  C CD  . LYS A 1 47  ? -13.858 10.794  -6.892  1.00 29.86 ? 47  LYS A CD  1 
ATOM   221  C CE  . LYS A 1 47  ? -15.352 11.095  -6.702  1.00 30.07 ? 47  LYS A CE  1 
ATOM   222  N NZ  . LYS A 1 47  ? -15.697 12.358  -7.343  1.00 29.81 ? 47  LYS A NZ  1 
ATOM   223  N N   . SER A 1 48  ? -11.530 9.100   -9.224  1.00 20.00 ? 48  SER A N   1 
ATOM   224  C CA  . SER A 1 48  ? -12.090 8.320   -10.306 1.00 22.26 ? 48  SER A CA  1 
ATOM   225  C C   . SER A 1 48  ? -10.995 7.588   -11.060 1.00 23.29 ? 48  SER A C   1 
ATOM   226  O O   . SER A 1 48  ? -11.267 6.899   -12.046 1.00 20.91 ? 48  SER A O   1 
ATOM   227  C CB  . SER A 1 48  ? -12.883 9.182   -11.285 1.00 22.72 ? 48  SER A CB  1 
ATOM   228  O OG  . SER A 1 48  ? -12.164 10.288  -11.777 1.00 22.12 ? 48  SER A OG  1 
ATOM   229  N N   . ASP A 1 49  ? -9.712  7.750   -10.624 1.00 23.12 ? 49  ASP A N   1 
ATOM   230  C CA  . ASP A 1 49  ? -8.603  7.094   -11.290 1.00 22.11 ? 49  ASP A CA  1 
ATOM   231  C C   . ASP A 1 49  ? -8.790  5.600   -11.251 1.00 21.15 ? 49  ASP A C   1 
ATOM   232  O O   . ASP A 1 49  ? -9.239  5.071   -10.259 1.00 22.39 ? 49  ASP A O   1 
ATOM   233  C CB  . ASP A 1 49  ? -7.298  7.450   -10.593 1.00 20.60 ? 49  ASP A CB  1 
ATOM   234  C CG  . ASP A 1 49  ? -6.073  7.109   -11.453 1.00 24.35 ? 49  ASP A CG  1 
ATOM   235  O OD1 . ASP A 1 49  ? -5.963  5.987   -11.917 1.00 25.89 ? 49  ASP A OD1 1 
ATOM   236  O OD2 . ASP A 1 49  ? -5.266  7.981   -11.765 1.00 24.08 ? 49  ASP A OD2 1 
ATOM   237  N N   . PRO A 1 50  ? -8.792  4.927   -12.381 1.00 21.18 ? 50  PRO A N   1 
ATOM   238  C CA  . PRO A 1 50  ? -9.005  3.490   -12.432 1.00 19.29 ? 50  PRO A CA  1 
ATOM   239  C C   . PRO A 1 50  ? -7.867  2.708   -11.803 1.00 17.34 ? 50  PRO A C   1 
ATOM   240  O O   . PRO A 1 50  ? -8.008  1.528   -11.601 1.00 20.08 ? 50  PRO A O   1 
ATOM   241  C CB  . PRO A 1 50  ? -9.122  3.203   -13.904 1.00 20.90 ? 50  PRO A CB  1 
ATOM   242  C CG  . PRO A 1 50  ? -8.463  4.335   -14.640 1.00 20.96 ? 50  PRO A CG  1 
ATOM   243  C CD  . PRO A 1 50  ? -8.299  5.466   -13.627 1.00 21.30 ? 50  PRO A CD  1 
ATOM   244  N N   . HIS A 1 51  ? -6.655  3.237   -11.782 1.00 16.30 ? 51  HIS A N   1 
ATOM   245  C CA  . HIS A 1 51  ? -5.532  2.545   -11.158 1.00 15.78 ? 51  HIS A CA  1 
ATOM   246  C C   . HIS A 1 51  ? -5.485  2.637   -9.632  1.00 15.80 ? 51  HIS A C   1 
ATOM   247  O O   . HIS A 1 51  ? -4.553  2.124   -9.018  1.00 15.21 ? 51  HIS A O   1 
ATOM   248  C CB  . HIS A 1 51  ? -4.196  3.019   -11.759 1.00 18.89 ? 51  HIS A CB  1 
ATOM   249  C CG  . HIS A 1 51  ? -4.069  2.676   -13.238 1.00 18.68 ? 51  HIS A CG  1 
ATOM   250  N ND1 . HIS A 1 51  ? -4.370  3.541   -14.200 1.00 22.59 ? 51  HIS A ND1 1 
ATOM   251  C CD2 . HIS A 1 51  ? -3.902  1.428   -13.793 1.00 20.99 ? 51  HIS A CD2 1 
ATOM   252  C CE1 . HIS A 1 51  ? -4.410  2.843   -15.315 1.00 21.93 ? 51  HIS A CE1 1 
ATOM   253  N NE2 . HIS A 1 51  ? -4.097  1.587   -15.078 1.00 23.53 ? 51  HIS A NE2 1 
ATOM   254  N N   . ILE A 1 52  ? -6.578  3.072   -8.983  1.00 14.48 ? 52  ILE A N   1 
ATOM   255  C CA  . ILE A 1 52  ? -6.628  3.111   -7.525  1.00 16.75 ? 52  ILE A CA  1 
ATOM   256  C C   . ILE A 1 52  ? -7.617  2.079   -7.033  1.00 16.35 ? 52  ILE A C   1 
ATOM   257  O O   . ILE A 1 52  ? -7.752  1.840   -5.833  1.00 16.88 ? 52  ILE A O   1 
ATOM   258  C CB  . ILE A 1 52  ? -7.032  4.480   -6.947  1.00 16.62 ? 52  ILE A CB  1 
ATOM   259  C CG1 . ILE A 1 52  ? -8.506  4.758   -7.279  1.00 15.22 ? 52  ILE A CG1 1 
ATOM   260  C CG2 . ILE A 1 52  ? -6.009  5.534   -7.415  1.00 11.97 ? 52  ILE A CG2 1 
ATOM   261  C CD1 . ILE A 1 52  ? -9.179  5.891   -6.479  1.00 19.25 ? 52  ILE A CD1 1 
ATOM   262  N N   . LYS A 1 53  ? -8.072  1.244   -7.950  1.00 16.12 ? 53  LYS A N   1 
ATOM   263  C CA  . LYS A 1 53  ? -8.977  0.171   -7.587  1.00 18.59 ? 53  LYS A CA  1 
ATOM   264  C C   . LYS A 1 53  ? -8.080  -0.982  -7.078  1.00 16.41 ? 53  LYS A C   1 
ATOM   265  O O   . LYS A 1 53  ? -7.437  -1.624  -7.908  1.00 15.33 ? 53  LYS A O   1 
ATOM   266  C CB  . LYS A 1 53  ? -9.719  -0.292  -8.861  1.00 23.62 ? 53  LYS A CB  1 
ATOM   267  C CG  . LYS A 1 53  ? -11.233 -0.137  -8.902  1.00 28.42 ? 53  LYS A CG  1 
ATOM   268  C CD  . LYS A 1 53  ? -11.689 1.021   -8.041  1.00 34.75 ? 53  LYS A CD  1 
ATOM   269  C CE  . LYS A 1 53  ? -11.864 0.512   -6.610  1.00 40.06 ? 53  LYS A CE  1 
ATOM   270  N NZ  . LYS A 1 53  ? -13.054 1.075   -5.976  1.00 45.36 ? 53  LYS A NZ  1 
ATOM   271  N N   . LEU A 1 54  ? -8.251  -1.469  -5.837  1.00 15.68 ? 54  LEU A N   1 
ATOM   272  C CA  . LEU A 1 54  ? -7.373  -2.540  -5.367  1.00 16.40 ? 54  LEU A CA  1 
ATOM   273  C C   . LEU A 1 54  ? -8.114  -3.768  -4.921  1.00 17.62 ? 54  LEU A C   1 
ATOM   274  O O   . LEU A 1 54  ? -9.118  -3.662  -4.251  1.00 19.53 ? 54  LEU A O   1 
ATOM   275  C CB  . LEU A 1 54  ? -6.498  -2.131  -4.181  1.00 16.75 ? 54  LEU A CB  1 
ATOM   276  C CG  . LEU A 1 54  ? -5.714  -0.823  -4.287  1.00 20.46 ? 54  LEU A CG  1 
ATOM   277  C CD1 . LEU A 1 54  ? -5.057  -0.494  -2.923  1.00 19.87 ? 54  LEU A CD1 1 
ATOM   278  C CD2 . LEU A 1 54  ? -4.749  -0.821  -5.504  1.00 15.12 ? 54  LEU A CD2 1 
ATOM   279  N N   . GLN A 1 55  ? -7.415  -4.894  -4.863  1.00 19.31 ? 55  GLN A N   1 
ATOM   280  C CA  . GLN A 1 55  ? -8.066  -6.103  -4.411  1.00 21.38 ? 55  GLN A CA  1 
ATOM   281  C C   . GLN A 1 55  ? -7.222  -6.737  -3.314  1.00 21.13 ? 55  GLN A C   1 
ATOM   282  O O   . GLN A 1 55  ? -6.010  -6.818  -3.513  1.00 20.15 ? 55  GLN A O   1 
ATOM   283  C CB  . GLN A 1 55  ? -8.255  -7.056  -5.602  1.00 24.08 ? 55  GLN A CB  1 
ATOM   284  C CG  . GLN A 1 55  ? -9.331  -8.088  -5.342  1.00 31.90 ? 55  GLN A CG  1 
ATOM   285  C CD  . GLN A 1 55  ? -10.546 -7.992  -6.262  1.00 36.57 ? 55  GLN A CD  1 
ATOM   286  O OE1 . GLN A 1 55  ? -10.439 -7.827  -7.490  1.00 37.17 ? 55  GLN A OE1 1 
ATOM   287  N NE2 . GLN A 1 55  ? -11.745 -8.150  -5.679  1.00 37.68 ? 55  GLN A NE2 1 
ATOM   288  N N   . LEU A 1 56  ? -7.664  -6.652  -2.049  1.00 21.51 ? 56  LEU A N   1 
ATOM   289  C CA  . LEU A 1 56  ? -6.850  -7.241  -0.992  1.00 24.53 ? 56  LEU A CA  1 
ATOM   290  C C   . LEU A 1 56  ? -7.272  -8.681  -0.693  1.00 28.38 ? 56  LEU A C   1 
ATOM   291  O O   . LEU A 1 56  ? -8.462  -9.017  -0.633  1.00 30.11 ? 56  LEU A O   1 
ATOM   292  C CB  . LEU A 1 56  ? -6.903  -6.378  0.268   1.00 25.69 ? 56  LEU A CB  1 
ATOM   293  C CG  . LEU A 1 56  ? -6.313  -4.962  0.178   1.00 26.98 ? 56  LEU A CG  1 
ATOM   294  C CD1 . LEU A 1 56  ? -7.062  -4.143  -0.863  1.00 26.60 ? 56  LEU A CD1 1 
ATOM   295  C CD2 . LEU A 1 56  ? -6.399  -4.225  1.504   1.00 28.74 ? 56  LEU A CD2 1 
ATOM   296  N N   . GLN A 1 57  ? -6.371  -9.615  -0.935  1.00 29.42 ? 57  GLN A N   1 
ATOM   297  C CA  . GLN A 1 57  ? -6.681  -10.994 -0.686  1.00 30.29 ? 57  GLN A CA  1 
ATOM   298  C C   . GLN A 1 57  ? -5.890  -11.536 0.516   1.00 30.75 ? 57  GLN A C   1 
ATOM   299  O O   . GLN A 1 57  ? -4.671  -11.314 0.637   1.00 27.99 ? 57  GLN A O   1 
ATOM   300  C CB  . GLN A 1 57  ? -6.365  -11.770 -1.948  1.00 33.33 ? 57  GLN A CB  1 
ATOM   301  C CG  . GLN A 1 57  ? -7.626  -12.081 -2.754  1.00 42.48 ? 57  GLN A CG  1 
ATOM   302  C CD  . GLN A 1 57  ? -7.605  -11.693 -4.247  1.00 45.82 ? 57  GLN A CD  1 
ATOM   303  O OE1 . GLN A 1 57  ? -8.660  -11.648 -4.917  1.00 46.97 ? 57  GLN A OE1 1 
ATOM   304  N NE2 . GLN A 1 57  ? -6.412  -11.425 -4.818  1.00 46.48 ? 57  GLN A NE2 1 
ATOM   305  N N   . ALA A 1 58  ? -6.614  -11.931 1.580   1.00 31.27 ? 58  ALA A N   1 
ATOM   306  C CA  . ALA A 1 58  ? -5.982  -12.499 2.775   1.00 33.91 ? 58  ALA A CA  1 
ATOM   307  C C   . ALA A 1 58  ? -5.300  -13.842 2.529   1.00 34.86 ? 58  ALA A C   1 
ATOM   308  O O   . ALA A 1 58  ? -5.767  -14.626 1.722   1.00 35.83 ? 58  ALA A O   1 
ATOM   309  C CB  . ALA A 1 58  ? -7.041  -12.801 3.816   1.00 34.27 ? 58  ALA A CB  1 
ATOM   310  N N   . GLU A 1 59  ? -4.071  -14.039 2.997   1.00 35.84 ? 59  GLU A N   1 
ATOM   311  C CA  . GLU A 1 59  ? -3.431  -15.328 2.790   1.00 37.95 ? 59  GLU A CA  1 
ATOM   312  C C   . GLU A 1 59  ? -3.749  -16.221 3.953   1.00 39.65 ? 59  GLU A C   1 
ATOM   313  O O   . GLU A 1 59  ? -2.980  -17.161 4.063   1.00 43.04 ? 59  GLU A O   1 
ATOM   314  C CB  . GLU A 1 59  ? -1.917  -15.229 2.764   1.00 36.56 ? 59  GLU A CB  1 
ATOM   315  C CG  . GLU A 1 59  ? -1.351  -15.101 1.375   1.00 38.79 ? 59  GLU A CG  1 
ATOM   316  C CD  . GLU A 1 59  ? -1.839  -16.225 0.472   1.00 41.83 ? 59  GLU A CD  1 
ATOM   317  O OE1 . GLU A 1 59  ? -1.385  -17.347 0.707   1.00 41.00 ? 59  GLU A OE1 1 
ATOM   318  O OE2 . GLU A 1 59  ? -2.808  -16.022 -0.300  1.00 42.70 ? 59  GLU A OE2 1 
ATOM   319  N N   . GLU A 1 60  ? -4.084  -15.498 5.022   1.00 41.44 ? 60  GLU A N   1 
ATOM   320  C CA  . GLU A 1 60  ? -4.445  -16.047 6.315   1.00 42.59 ? 60  GLU A CA  1 
ATOM   321  C C   . GLU A 1 60  ? -4.938  -14.879 7.192   1.00 42.77 ? 60  GLU A C   1 
ATOM   322  O O   . GLU A 1 60  ? -4.816  -13.711 6.765   1.00 42.63 ? 60  GLU A O   1 
ATOM   323  C CB  . GLU A 1 60  ? -3.241  -16.657 6.994   1.00 44.65 ? 60  GLU A CB  1 
ATOM   324  C CG  . GLU A 1 60  ? -3.087  -18.148 6.749   1.00 48.96 ? 60  GLU A CG  1 
ATOM   325  C CD  . GLU A 1 60  ? -1.626  -18.503 7.018   1.00 53.75 ? 60  GLU A CD  1 
ATOM   326  O OE1 . GLU A 1 60  ? -0.905  -17.528 7.319   1.00 54.06 ? 60  GLU A OE1 1 
ATOM   327  O OE2 . GLU A 1 60  ? -1.311  -19.691 7.274   1.00 52.77 ? 60  GLU A OE2 1 
ATOM   328  N N   . ARG A 1 61  ? -5.260  -15.118 8.495   1.00 40.10 ? 61  ARG A N   1 
ATOM   329  C CA  . ARG A 1 61  ? -5.730  -14.021 9.339   1.00 37.34 ? 61  ARG A CA  1 
ATOM   330  C C   . ARG A 1 61  ? -4.631  -13.007 9.540   1.00 34.60 ? 61  ARG A C   1 
ATOM   331  O O   . ARG A 1 61  ? -3.463  -13.391 9.556   1.00 33.22 ? 61  ARG A O   1 
ATOM   332  C CB  . ARG A 1 61  ? -6.126  -14.495 10.738  1.00 35.30 ? 61  ARG A CB  1 
ATOM   333  N N   . GLY A 1 62  ? -4.888  -11.787 9.087   1.00 32.24 ? 62  GLY A N   1 
ATOM   334  C CA  . GLY A 1 62  ? -3.881  -10.755 9.272   1.00 27.55 ? 62  GLY A CA  1 
ATOM   335  C C   . GLY A 1 62  ? -2.872  -10.584 8.153   1.00 23.90 ? 62  GLY A C   1 
ATOM   336  O O   . GLY A 1 62  ? -2.193  -9.586  8.132   1.00 21.01 ? 62  GLY A O   1 
ATOM   337  N N   . VAL A 1 63  ? -2.780  -11.462 7.149   1.00 22.98 ? 63  VAL A N   1 
ATOM   338  C CA  . VAL A 1 63  ? -1.795  -11.228 6.109   1.00 21.84 ? 63  VAL A CA  1 
ATOM   339  C C   . VAL A 1 63  ? -2.491  -11.046 4.776   1.00 21.71 ? 63  VAL A C   1 
ATOM   340  O O   . VAL A 1 63  ? -3.412  -11.816 4.460   1.00 22.23 ? 63  VAL A O   1 
ATOM   341  C CB  . VAL A 1 63  ? -0.769  -12.397 6.015   1.00 23.92 ? 63  VAL A CB  1 
ATOM   342  C CG1 . VAL A 1 63  ? 0.038   -12.330 4.722   1.00 22.55 ? 63  VAL A CG1 1 
ATOM   343  C CG2 . VAL A 1 63  ? 0.214   -12.347 7.173   1.00 24.90 ? 63  VAL A CG2 1 
ATOM   344  N N   . VAL A 1 64  ? -2.121  -9.979  4.030   1.00 19.39 ? 64  VAL A N   1 
ATOM   345  C CA  . VAL A 1 64  ? -2.724  -9.720  2.722   1.00 16.61 ? 64  VAL A CA  1 
ATOM   346  C C   . VAL A 1 64  ? -1.738  -9.342  1.617   1.00 15.76 ? 64  VAL A C   1 
ATOM   347  O O   . VAL A 1 64  ? -0.524  -9.210  1.833   1.00 14.63 ? 64  VAL A O   1 
ATOM   348  C CB  . VAL A 1 64  ? -3.745  -8.574  2.779   1.00 18.04 ? 64  VAL A CB  1 
ATOM   349  C CG1 . VAL A 1 64  ? -4.823  -8.860  3.808   1.00 16.60 ? 64  VAL A CG1 1 
ATOM   350  C CG2 . VAL A 1 64  ? -3.015  -7.272  3.116   1.00 18.22 ? 64  VAL A CG2 1 
ATOM   351  N N   . SER A 1 65  ? -2.196  -9.625  0.407   1.00 12.59 ? 65  SER A N   1 
ATOM   352  C CA  . SER A 1 65  ? -1.509  -9.277  -0.832  1.00 14.04 ? 65  SER A CA  1 
ATOM   353  C C   . SER A 1 65  ? -2.327  -8.080  -1.379  1.00 16.80 ? 65  SER A C   1 
ATOM   354  O O   . SER A 1 65  ? -3.505  -7.933  -1.036  1.00 15.54 ? 65  SER A O   1 
ATOM   355  C CB  . SER A 1 65  ? -1.708  -10.419 -1.792  1.00 15.15 ? 65  SER A CB  1 
ATOM   356  O OG  . SER A 1 65  ? -1.155  -10.112 -3.023  1.00 25.83 ? 65  SER A OG  1 
ATOM   357  N N   . ILE A 1 66  ? -1.709  -7.035  -1.899  1.00 15.48 ? 66  ILE A N   1 
ATOM   358  C CA  . ILE A 1 66  ? -2.506  -5.949  -2.400  1.00 18.66 ? 66  ILE A CA  1 
ATOM   359  C C   . ILE A 1 66  ? -2.285  -5.832  -3.904  1.00 17.80 ? 66  ILE A C   1 
ATOM   360  O O   . ILE A 1 66  ? -1.183  -5.541  -4.360  1.00 16.20 ? 66  ILE A O   1 
ATOM   361  C CB  . ILE A 1 66  ? -2.175  -4.613  -1.689  1.00 18.91 ? 66  ILE A CB  1 
ATOM   362  C CG1 . ILE A 1 66  ? -2.304  -4.706  -0.178  1.00 16.36 ? 66  ILE A CG1 1 
ATOM   363  C CG2 . ILE A 1 66  ? -3.153  -3.545  -2.178  1.00 20.28 ? 66  ILE A CG2 1 
ATOM   364  C CD1 . ILE A 1 66  ? -1.531  -3.601  0.580   1.00 13.64 ? 66  ILE A CD1 1 
ATOM   365  N N   . LYS A 1 67  ? -3.330  -6.081  -4.706  1.00 16.97 ? 67  LYS A N   1 
ATOM   366  C CA  . LYS A 1 67  ? -3.166  -6.024  -6.145  1.00 16.79 ? 67  LYS A CA  1 
ATOM   367  C C   . LYS A 1 67  ? -3.989  -4.920  -6.797  1.00 16.54 ? 67  LYS A C   1 
ATOM   368  O O   . LYS A 1 67  ? -5.174  -4.758  -6.470  1.00 18.08 ? 67  LYS A O   1 
ATOM   369  C CB  . LYS A 1 67  ? -3.563  -7.380  -6.678  1.00 20.03 ? 67  LYS A CB  1 
ATOM   370  C CG  . LYS A 1 67  ? -3.940  -7.370  -8.138  1.00 22.70 ? 67  LYS A CG  1 
ATOM   371  C CD  . LYS A 1 67  ? -3.041  -8.320  -8.883  1.00 27.86 ? 67  LYS A CD  1 
ATOM   372  C CE  . LYS A 1 67  ? -3.657  -9.701  -8.881  1.00 32.06 ? 67  LYS A CE  1 
ATOM   373  N NZ  . LYS A 1 67  ? -3.541  -10.319 -10.202 1.00 36.58 ? 67  LYS A NZ  1 
ATOM   374  N N   . GLY A 1 68  ? -3.420  -4.240  -7.826  1.00 16.90 ? 68  GLY A N   1 
ATOM   375  C CA  . GLY A 1 68  ? -4.133  -3.187  -8.568  1.00 15.30 ? 68  GLY A CA  1 
ATOM   376  C C   . GLY A 1 68  ? -4.927  -3.783  -9.736  1.00 16.59 ? 68  GLY A C   1 
ATOM   377  O O   . GLY A 1 68  ? -4.375  -4.573  -10.510 1.00 16.12 ? 68  GLY A O   1 
ATOM   378  N N   . VAL A 1 69  ? -6.245  -3.886  -9.546  1.00 17.44 ? 69  VAL A N   1 
ATOM   379  C CA  . VAL A 1 69  ? -7.123  -4.479  -10.545 1.00 19.19 ? 69  VAL A CA  1 
ATOM   380  C C   . VAL A 1 69  ? -6.804  -4.187  -12.022 1.00 20.83 ? 69  VAL A C   1 
ATOM   381  O O   . VAL A 1 69  ? -6.742  -5.084  -12.877 1.00 20.69 ? 69  VAL A O   1 
ATOM   382  C CB  . VAL A 1 69  ? -8.535  -4.054  -10.180 1.00 21.56 ? 69  VAL A CB  1 
ATOM   383  C CG1 . VAL A 1 69  ? -9.547  -4.435  -11.251 1.00 18.76 ? 69  VAL A CG1 1 
ATOM   384  C CG2 . VAL A 1 69  ? -8.836  -4.693  -8.821  1.00 21.21 ? 69  VAL A CG2 1 
ATOM   385  N N   . SER A 1 70  ? -6.715  -2.923  -12.429 1.00 20.44 ? 70  SER A N   1 
ATOM   386  C CA  . SER A 1 70  ? -6.400  -2.666  -13.830 1.00 20.23 ? 70  SER A CA  1 
ATOM   387  C C   . SER A 1 70  ? -5.074  -3.254  -14.229 1.00 21.82 ? 70  SER A C   1 
ATOM   388  O O   . SER A 1 70  ? -4.973  -3.852  -15.299 1.00 19.03 ? 70  SER A O   1 
ATOM   389  C CB  . SER A 1 70  ? -6.313  -1.170  -14.104 1.00 19.43 ? 70  SER A CB  1 
ATOM   390  O OG  . SER A 1 70  ? -7.541  -0.547  -13.775 1.00 22.30 ? 70  SER A OG  1 
ATOM   391  N N   . ALA A 1 71  ? -4.013  -2.687  -13.584 1.00 21.56 ? 71  ALA A N   1 
ATOM   392  C CA  . ALA A 1 71  ? -2.639  -3.059  -13.828 1.00 19.65 ? 71  ALA A CA  1 
ATOM   393  C C   . ALA A 1 71  ? -2.301  -4.534  -13.612 1.00 17.74 ? 71  ALA A C   1 
ATOM   394  O O   . ALA A 1 71  ? -1.530  -5.085  -14.373 1.00 17.65 ? 71  ALA A O   1 
ATOM   395  C CB  . ALA A 1 71  ? -1.773  -2.189  -12.926 1.00 18.21 ? 71  ALA A CB  1 
ATOM   396  N N   . ASN A 1 72  ? -3.147  -5.251  -12.895 1.00 18.38 ? 72  ASN A N   1 
ATOM   397  C CA  . ASN A 1 72  ? -2.923  -6.641  -12.646 1.00 17.79 ? 72  ASN A CA  1 
ATOM   398  C C   . ASN A 1 72  ? -1.529  -6.896  -12.018 1.00 19.16 ? 72  ASN A C   1 
ATOM   399  O O   . ASN A 1 72  ? -0.749  -7.739  -12.489 1.00 17.17 ? 72  ASN A O   1 
ATOM   400  C CB  . ASN A 1 72  ? -3.143  -7.439  -13.914 1.00 18.90 ? 72  ASN A CB  1 
ATOM   401  C CG  . ASN A 1 72  ? -3.436  -8.897  -13.660 1.00 18.87 ? 72  ASN A CG  1 
ATOM   402  O OD1 . ASN A 1 72  ? -4.009  -9.309  -12.679 1.00 21.80 ? 72  ASN A OD1 1 
ATOM   403  N ND2 . ASN A 1 72  ? -3.028  -9.762  -14.568 1.00 26.56 ? 72  ASN A ND2 1 
ATOM   404  N N   . ARG A 1 73  ? -1.038  -5.953  -11.208 1.00 15.83 ? 73  ARG A N   1 
ATOM   405  C CA  . ARG A 1 73  ? 0.211   -6.213  -10.525 1.00 17.43 ? 73  ARG A CA  1 
ATOM   406  C C   . ARG A 1 73  ? -0.039  -6.120  -9.020  1.00 17.12 ? 73  ARG A C   1 
ATOM   407  O O   . ARG A 1 73  ? -0.758  -5.240  -8.526  1.00 14.59 ? 73  ARG A O   1 
ATOM   408  C CB  . ARG A 1 73  ? 1.351   -5.227  -10.834 1.00 21.64 ? 73  ARG A CB  1 
ATOM   409  C CG  . ARG A 1 73  ? 1.309   -4.524  -12.175 1.00 25.15 ? 73  ARG A CG  1 
ATOM   410  C CD  . ARG A 1 73  ? 2.292   -5.140  -13.135 1.00 29.62 ? 73  ARG A CD  1 
ATOM   411  N NE  . ARG A 1 73  ? 3.550   -4.413  -13.166 1.00 37.47 ? 73  ARG A NE  1 
ATOM   412  C CZ  . ARG A 1 73  ? 4.442   -4.538  -14.191 1.00 39.66 ? 73  ARG A CZ  1 
ATOM   413  N NH1 . ARG A 1 73  ? 4.039   -4.812  -15.429 1.00 41.99 ? 73  ARG A NH1 1 
ATOM   414  N NH2 . ARG A 1 73  ? 5.586   -3.869  -14.118 1.00 41.49 ? 73  ARG A NH2 1 
ATOM   415  N N   . TYR A 1 74  ? 0.866   -6.743  -8.280  1.00 16.29 ? 74  TYR A N   1 
ATOM   416  C CA  . TYR A 1 74  ? 0.818   -6.736  -6.833  1.00 15.83 ? 74  TYR A CA  1 
ATOM   417  C C   . TYR A 1 74  ? 1.713   -5.620  -6.281  1.00 14.94 ? 74  TYR A C   1 
ATOM   418  O O   . TYR A 1 74  ? 2.831   -5.412  -6.708  1.00 16.99 ? 74  TYR A O   1 
ATOM   419  C CB  . TYR A 1 74  ? 1.393   -8.046  -6.318  1.00 16.69 ? 74  TYR A CB  1 
ATOM   420  C CG  . TYR A 1 74  ? 0.539   -9.214  -6.671  1.00 19.72 ? 74  TYR A CG  1 
ATOM   421  C CD1 . TYR A 1 74  ? 0.544   -9.754  -7.945  1.00 21.64 ? 74  TYR A CD1 1 
ATOM   422  C CD2 . TYR A 1 74  ? -0.347  -9.626  -5.718  1.00 20.87 ? 74  TYR A CD2 1 
ATOM   423  C CE1 . TYR A 1 74  ? -0.389  -10.718 -8.271  1.00 23.44 ? 74  TYR A CE1 1 
ATOM   424  C CE2 . TYR A 1 74  ? -1.268  -10.582 -6.036  1.00 25.06 ? 74  TYR A CE2 1 
ATOM   425  C CZ  . TYR A 1 74  ? -1.287  -11.119 -7.289  1.00 25.94 ? 74  TYR A CZ  1 
ATOM   426  O OH  . TYR A 1 74  ? -2.195  -12.134 -7.518  1.00 30.35 ? 74  TYR A OH  1 
ATOM   427  N N   . LEU A 1 75  ? 1.376   -5.056  -5.161  1.00 13.85 ? 75  LEU A N   1 
ATOM   428  C CA  . LEU A 1 75  ? 2.262   -4.079  -4.617  1.00 15.03 ? 75  LEU A CA  1 
ATOM   429  C C   . LEU A 1 75  ? 3.437   -4.863  -4.018  1.00 16.61 ? 75  LEU A C   1 
ATOM   430  O O   . LEU A 1 75  ? 3.201   -5.926  -3.403  1.00 15.97 ? 75  LEU A O   1 
ATOM   431  C CB  . LEU A 1 75  ? 1.528   -3.455  -3.478  1.00 14.31 ? 75  LEU A CB  1 
ATOM   432  C CG  . LEU A 1 75  ? 2.185   -2.268  -2.786  1.00 18.25 ? 75  LEU A CG  1 
ATOM   433  C CD1 . LEU A 1 75  ? 2.247   -1.011  -3.691  1.00 15.41 ? 75  LEU A CD1 1 
ATOM   434  C CD2 . LEU A 1 75  ? 1.387   -1.999  -1.514  1.00 19.15 ? 75  LEU A CD2 1 
ATOM   435  N N   . ALA A 1 76  ? 4.685   -4.398  -4.163  1.00 15.56 ? 76  ALA A N   1 
ATOM   436  C CA  . ALA A 1 76  ? 5.799   -5.144  -3.572  1.00 16.60 ? 76  ALA A CA  1 
ATOM   437  C C   . ALA A 1 76  ? 6.760   -4.230  -2.831  1.00 16.88 ? 76  ALA A C   1 
ATOM   438  O O   . ALA A 1 76  ? 6.908   -3.041  -3.149  1.00 16.55 ? 76  ALA A O   1 
ATOM   439  C CB  . ALA A 1 76  ? 6.615   -5.803  -4.663  1.00 17.46 ? 76  ALA A CB  1 
ATOM   440  N N   . MET A 1 77  ? 7.331   -4.686  -1.741  1.00 17.82 ? 77  MET A N   1 
ATOM   441  C CA  . MET A 1 77  ? 8.303   -3.805  -1.120  1.00 20.05 ? 77  MET A CA  1 
ATOM   442  C C   . MET A 1 77  ? 9.732   -4.378  -1.294  1.00 21.32 ? 77  MET A C   1 
ATOM   443  O O   . MET A 1 77  ? 10.025  -5.537  -0.984  1.00 22.43 ? 77  MET A O   1 
ATOM   444  C CB  . MET A 1 77  ? 7.987   -3.517  0.346   1.00 17.08 ? 77  MET A CB  1 
ATOM   445  C CG  . MET A 1 77  ? 8.996   -2.509  0.868   1.00 19.59 ? 77  MET A CG  1 
ATOM   446  S SD  . MET A 1 77  ? 8.638   -1.996  2.541   1.00 23.56 ? 77  MET A SD  1 
ATOM   447  C CE  . MET A 1 77  ? 6.937   -1.521  2.496   1.00 20.38 ? 77  MET A CE  1 
ATOM   448  N N   . LYS A 1 78  ? 10.543  -3.644  -2.054  1.00 21.23 ? 78  LYS A N   1 
ATOM   449  C CA  . LYS A 1 78  ? 11.901  -4.038  -2.364  1.00 21.49 ? 78  LYS A CA  1 
ATOM   450  C C   . LYS A 1 78  ? 12.880  -3.806  -1.225  1.00 22.02 ? 78  LYS A C   1 
ATOM   451  O O   . LYS A 1 78  ? 12.725  -2.835  -0.465  1.00 20.97 ? 78  LYS A O   1 
ATOM   452  C CB  . LYS A 1 78  ? 12.333  -3.229  -3.576  1.00 23.68 ? 78  LYS A CB  1 
ATOM   453  C CG  . LYS A 1 78  ? 11.163  -2.990  -4.513  1.00 28.18 ? 78  LYS A CG  1 
ATOM   454  C CD  . LYS A 1 78  ? 10.761  -4.327  -5.112  1.00 28.71 ? 78  LYS A CD  1 
ATOM   455  C CE  . LYS A 1 78  ? 11.918  -4.844  -5.963  1.00 31.19 ? 78  LYS A CE  1 
ATOM   456  N NZ  . LYS A 1 78  ? 12.385  -6.129  -5.479  1.00 34.62 ? 78  LYS A NZ  1 
ATOM   457  N N   . GLU A 1 79  ? 14.108  -4.331  -1.391  1.00 21.21 ? 79  GLU A N   1 
ATOM   458  C CA  . GLU A 1 79  ? 15.106  -4.225  -0.341  1.00 20.26 ? 79  GLU A CA  1 
ATOM   459  C C   . GLU A 1 79  ? 15.664  -2.820  -0.105  1.00 21.24 ? 79  GLU A C   1 
ATOM   460  O O   . GLU A 1 79  ? 16.378  -2.588  0.866   1.00 19.91 ? 79  GLU A O   1 
ATOM   461  C CB  . GLU A 1 79  ? 16.215  -5.181  -0.673  1.00 21.59 ? 79  GLU A CB  1 
ATOM   462  N N   . ASP A 1 80  ? 15.542  -1.876  -1.049  1.00 23.10 ? 80  ASP A N   1 
ATOM   463  C CA  . ASP A 1 80  ? 16.034  -0.513  -0.758  1.00 25.43 ? 80  ASP A CA  1 
ATOM   464  C C   . ASP A 1 80  ? 14.980  0.361   -0.135  1.00 25.74 ? 80  ASP A C   1 
ATOM   465  O O   . ASP A 1 80  ? 15.110  1.574   -0.280  1.00 26.63 ? 80  ASP A O   1 
ATOM   466  C CB  . ASP A 1 80  ? 16.466  0.274   -1.982  1.00 25.52 ? 80  ASP A CB  1 
ATOM   467  C CG  . ASP A 1 80  ? 15.630  -0.031  -3.215  1.00 27.71 ? 80  ASP A CG  1 
ATOM   468  O OD1 . ASP A 1 80  ? 14.432  -0.297  -3.072  1.00 26.70 ? 80  ASP A OD1 1 
ATOM   469  O OD2 . ASP A 1 80  ? 16.042  0.467   -4.252  1.00 29.33 ? 80  ASP A OD2 1 
ATOM   470  N N   . GLY A 1 81  ? 13.804  -0.190  0.222   1.00 24.09 ? 81  GLY A N   1 
ATOM   471  C CA  . GLY A 1 81  ? 12.763  0.646   0.788   1.00 22.55 ? 81  GLY A CA  1 
ATOM   472  C C   . GLY A 1 81  ? 11.711  1.074   -0.251  1.00 21.80 ? 81  GLY A C   1 
ATOM   473  O O   . GLY A 1 81  ? 10.562  1.310   0.092   1.00 19.90 ? 81  GLY A O   1 
ATOM   474  N N   . ARG A 1 82  ? 11.958  0.844   -1.533  1.00 21.69 ? 82  ARG A N   1 
ATOM   475  C CA  . ARG A 1 82  ? 11.030  1.260   -2.597  1.00 21.98 ? 82  ARG A CA  1 
ATOM   476  C C   . ARG A 1 82  ? 9.721   0.482   -2.623  1.00 19.82 ? 82  ARG A C   1 
ATOM   477  O O   . ARG A 1 82  ? 9.731   -0.729  -2.567  1.00 20.81 ? 82  ARG A O   1 
ATOM   478  C CB  . ARG A 1 82  ? 11.643  1.047   -4.000  1.00 22.11 ? 82  ARG A CB  1 
ATOM   479  C CG  . ARG A 1 82  ? 12.473  2.216   -4.500  1.00 29.15 ? 82  ARG A CG  1 
ATOM   480  C CD  . ARG A 1 82  ? 12.710  2.143   -6.005  1.00 32.71 ? 82  ARG A CD  1 
ATOM   481  N NE  . ARG A 1 82  ? 13.839  1.287   -6.352  1.00 39.50 ? 82  ARG A NE  1 
ATOM   482  C CZ  . ARG A 1 82  ? 13.658  -0.032  -6.597  1.00 42.56 ? 82  ARG A CZ  1 
ATOM   483  N NH1 . ARG A 1 82  ? 12.454  -0.601  -6.481  1.00 46.12 ? 82  ARG A NH1 1 
ATOM   484  N NH2 . ARG A 1 82  ? 14.681  -0.810  -6.924  1.00 41.57 ? 82  ARG A NH2 1 
ATOM   485  N N   . LEU A 1 83  ? 8.717   1.099   -3.190  1.00 19.09 ? 83  LEU A N   1 
ATOM   486  C CA  . LEU A 1 83  ? 7.444   0.453   -3.405  1.00 19.74 ? 83  LEU A CA  1 
ATOM   487  C C   . LEU A 1 83  ? 7.215   0.267   -4.921  1.00 20.83 ? 83  LEU A C   1 
ATOM   488  O O   . LEU A 1 83  ? 7.459   1.178   -5.745  1.00 22.25 ? 83  LEU A O   1 
ATOM   489  C CB  . LEU A 1 83  ? 6.328   1.367   -2.892  1.00 20.94 ? 83  LEU A CB  1 
ATOM   490  C CG  . LEU A 1 83  ? 5.418   0.874   -1.791  1.00 24.50 ? 83  LEU A CG  1 
ATOM   491  C CD1 . LEU A 1 83  ? 6.211   0.170   -0.705  1.00 21.72 ? 83  LEU A CD1 1 
ATOM   492  C CD2 . LEU A 1 83  ? 4.569   2.021   -1.259  1.00 21.72 ? 83  LEU A CD2 1 
ATOM   493  N N   . LEU A 1 84  ? 7.006   -0.941  -5.413  1.00 19.55 ? 84  LEU A N   1 
ATOM   494  C CA  . LEU A 1 84  ? 6.665   -1.034  -6.827  1.00 18.98 ? 84  LEU A CA  1 
ATOM   495  C C   . LEU A 1 84  ? 5.739   -2.192  -7.070  1.00 18.03 ? 84  LEU A C   1 
ATOM   496  O O   . LEU A 1 84  ? 5.097   -2.717  -6.154  1.00 18.10 ? 84  LEU A O   1 
ATOM   497  C CB  . LEU A 1 84  ? 7.833   -1.179  -7.767  1.00 23.34 ? 84  LEU A CB  1 
ATOM   498  C CG  . LEU A 1 84  ? 8.881   -2.206  -7.460  1.00 26.62 ? 84  LEU A CG  1 
ATOM   499  C CD1 . LEU A 1 84  ? 8.382   -3.615  -7.784  1.00 28.90 ? 84  LEU A CD1 1 
ATOM   500  C CD2 . LEU A 1 84  ? 10.113  -1.854  -8.283  1.00 29.91 ? 84  LEU A CD2 1 
ATOM   501  N N   . ALA A 1 85  ? 5.271   -2.295  -8.275  1.00 19.22 ? 85  ALA A N   1 
ATOM   502  C CA  . ALA A 1 85  ? 4.333   -3.373  -8.535  1.00 18.93 ? 85  ALA A CA  1 
ATOM   503  C C   . ALA A 1 85  ? 4.920   -4.426  -9.431  1.00 18.12 ? 85  ALA A C   1 
ATOM   504  O O   . ALA A 1 85  ? 5.269   -4.153  -10.572 1.00 16.25 ? 85  ALA A O   1 
ATOM   505  C CB  . ALA A 1 85  ? 3.112   -2.811  -9.246  1.00 22.82 ? 85  ALA A CB  1 
ATOM   506  N N   . SER A 1 86  ? 4.716   -5.676  -9.054  1.00 18.99 ? 86  SER A N   1 
ATOM   507  C CA  . SER A 1 86  ? 5.266   -6.727  -9.842  1.00 22.33 ? 86  SER A CA  1 
ATOM   508  C C   . SER A 1 86  ? 4.178   -7.618  -10.387 1.00 23.66 ? 86  SER A C   1 
ATOM   509  O O   . SER A 1 86  ? 3.104   -7.807  -9.802  1.00 19.72 ? 86  SER A O   1 
ATOM   510  C CB  . SER A 1 86  ? 6.281   -7.497  -9.008  1.00 22.06 ? 86  SER A CB  1 
ATOM   511  O OG  . SER A 1 86  ? 5.721   -8.621  -8.360  1.00 26.41 ? 86  SER A OG  1 
ATOM   512  N N   . LYS A 1 87  ? 4.404   -8.055  -11.623 1.00 25.58 ? 87  LYS A N   1 
ATOM   513  C CA  . LYS A 1 87  ? 3.436   -8.884  -12.305 1.00 28.01 ? 87  LYS A CA  1 
ATOM   514  C C   . LYS A 1 87  ? 3.239   -10.216 -11.583 1.00 29.34 ? 87  LYS A C   1 
ATOM   515  O O   . LYS A 1 87  ? 2.156   -10.779 -11.592 1.00 31.69 ? 87  LYS A O   1 
ATOM   516  C CB  . LYS A 1 87  ? 3.928   -9.044  -13.735 1.00 29.98 ? 87  LYS A CB  1 
ATOM   517  C CG  . LYS A 1 87  ? 2.779   -9.182  -14.716 1.00 37.80 ? 87  LYS A CG  1 
ATOM   518  C CD  . LYS A 1 87  ? 2.964   -8.319  -15.968 1.00 41.62 ? 87  LYS A CD  1 
ATOM   519  C CE  . LYS A 1 87  ? 4.070   -8.848  -16.888 1.00 43.91 ? 87  LYS A CE  1 
ATOM   520  N NZ  . LYS A 1 87  ? 4.135   -8.064  -18.121 1.00 45.59 ? 87  LYS A NZ  1 
ATOM   521  N N   . SER A 1 88  ? 4.233   -10.738 -10.851 1.00 28.76 ? 88  SER A N   1 
ATOM   522  C CA  . SER A 1 88  ? 3.989   -11.979 -10.169 1.00 29.31 ? 88  SER A CA  1 
ATOM   523  C C   . SER A 1 88  ? 4.382   -11.916 -8.695  1.00 27.75 ? 88  SER A C   1 
ATOM   524  O O   . SER A 1 88  ? 4.869   -10.900 -8.220  1.00 29.36 ? 88  SER A O   1 
ATOM   525  C CB  . SER A 1 88  ? 4.700   -13.121 -10.891 1.00 31.47 ? 88  SER A CB  1 
ATOM   526  O OG  . SER A 1 88  ? 5.710   -12.603 -11.761 1.00 37.65 ? 88  SER A OG  1 
ATOM   527  N N   . VAL A 1 89  ? 3.662   -12.703 -7.921  1.00 26.65 ? 89  VAL A N   1 
ATOM   528  C CA  . VAL A 1 89  ? 3.859   -12.800 -6.477  1.00 25.62 ? 89  VAL A CA  1 
ATOM   529  C C   . VAL A 1 89  ? 5.256   -13.307 -6.062  1.00 25.08 ? 89  VAL A C   1 
ATOM   530  O O   . VAL A 1 89  ? 5.950   -13.973 -6.849  1.00 23.58 ? 89  VAL A O   1 
ATOM   531  C CB  . VAL A 1 89  ? 2.743   -13.716 -5.956  1.00 25.90 ? 89  VAL A CB  1 
ATOM   532  C CG1 . VAL A 1 89  ? 3.319   -14.992 -5.391  1.00 25.74 ? 89  VAL A CG1 1 
ATOM   533  C CG2 . VAL A 1 89  ? 1.818   -12.980 -5.001  1.00 26.58 ? 89  VAL A CG2 1 
ATOM   534  N N   . THR A 1 90  ? 5.852   -12.504 -5.154  1.00 22.39 ? 90  THR A N   1 
ATOM   535  C CA  . THR A 1 90  ? 7.166   -12.748 -4.583  1.00 20.16 ? 90  THR A CA  1 
ATOM   536  C C   . THR A 1 90  ? 7.046   -12.521 -3.085  1.00 19.38 ? 90  THR A C   1 
ATOM   537  O O   . THR A 1 90  ? 5.953   -12.177 -2.602  1.00 14.50 ? 90  THR A O   1 
ATOM   538  C CB  . THR A 1 90  ? 8.256   -11.839 -5.209  1.00 20.09 ? 90  THR A CB  1 
ATOM   539  O OG1 . THR A 1 90  ? 8.207   -10.628 -4.504  1.00 19.94 ? 90  THR A OG1 1 
ATOM   540  C CG2 . THR A 1 90  ? 8.065   -11.531 -6.689  1.00 20.05 ? 90  THR A CG2 1 
ATOM   541  N N   . ASP A 1 91  ? 8.042   -12.986 -2.296  1.00 19.25 ? 91  ASP A N   1 
ATOM   542  C CA  . ASP A 1 91  ? 7.972   -12.813 -0.844  1.00 21.26 ? 91  ASP A CA  1 
ATOM   543  C C   . ASP A 1 91  ? 8.010   -11.360 -0.378  1.00 20.52 ? 91  ASP A C   1 
ATOM   544  O O   . ASP A 1 91  ? 7.799   -11.087 0.804   1.00 20.13 ? 91  ASP A O   1 
ATOM   545  C CB  . ASP A 1 91  ? 9.069   -13.581 -0.134  1.00 22.80 ? 91  ASP A CB  1 
ATOM   546  C CG  . ASP A 1 91  ? 10.420  -12.957 -0.358  1.00 27.68 ? 91  ASP A CG  1 
ATOM   547  O OD1 . ASP A 1 91  ? 10.583  -12.235 -1.343  1.00 31.86 ? 91  ASP A OD1 1 
ATOM   548  O OD2 . ASP A 1 91  ? 11.370  -13.540 0.150   1.00 33.04 ? 91  ASP A OD2 1 
ATOM   549  N N   . GLU A 1 92  ? 8.047   -10.431 -1.344  1.00 19.32 ? 92  GLU A N   1 
ATOM   550  C CA  . GLU A 1 92  ? 8.042   -9.004  -1.072  1.00 19.59 ? 92  GLU A CA  1 
ATOM   551  C C   . GLU A 1 92  ? 6.608   -8.472  -1.280  1.00 17.49 ? 92  GLU A C   1 
ATOM   552  O O   . GLU A 1 92  ? 6.279   -7.287  -1.109  1.00 16.59 ? 92  GLU A O   1 
ATOM   553  C CB  . GLU A 1 92  ? 9.054   -8.311  -2.010  1.00 17.29 ? 92  GLU A CB  1 
ATOM   554  C CG  . GLU A 1 92  ? 10.500  -8.512  -1.582  1.00 18.90 ? 92  GLU A CG  1 
ATOM   555  C CD  . GLU A 1 92  ? 11.539  -8.000  -2.581  1.00 22.56 ? 92  GLU A CD  1 
ATOM   556  O OE1 . GLU A 1 92  ? 11.172  -7.578  -3.668  1.00 22.63 ? 92  GLU A OE1 1 
ATOM   557  O OE2 . GLU A 1 92  ? 12.685  -7.793  -2.191  1.00 24.04 ? 92  GLU A OE2 1 
ATOM   558  N N   . CYS A 1 93  ? 5.692   -9.362  -1.633  1.00 15.71 ? 93  CYS A N   1 
ATOM   559  C CA  . CYS A 1 93  ? 4.309   -8.925  -1.889  1.00 15.04 ? 93  CYS A CA  1 
ATOM   560  C C   . CYS A 1 93  ? 3.349   -9.184  -0.721  1.00 14.56 ? 93  CYS A C   1 
ATOM   561  O O   . CYS A 1 93  ? 2.132   -9.169  -0.879  1.00 14.87 ? 93  CYS A O   1 
ATOM   562  C CB  . CYS A 1 93  ? 3.793   -9.661  -3.177  1.00 10.65 ? 93  CYS A CB  1 
ATOM   563  S SG  . CYS A 1 93  ? 4.728   -9.179  -4.628  0.60 6.44  ? 93  CYS A SG  1 
ATOM   564  N N   . PHE A 1 94  ? 3.818   -9.486  0.481   1.00 13.18 ? 94  PHE A N   1 
ATOM   565  C CA  . PHE A 1 94  ? 2.876   -9.739  1.522   1.00 13.77 ? 94  PHE A CA  1 
ATOM   566  C C   . PHE A 1 94  ? 3.056   -8.799  2.678   1.00 15.76 ? 94  PHE A C   1 
ATOM   567  O O   . PHE A 1 94  ? 4.185   -8.447  3.043   1.00 15.76 ? 94  PHE A O   1 
ATOM   568  C CB  . PHE A 1 94  ? 2.961   -11.163 1.964   1.00 13.93 ? 94  PHE A CB  1 
ATOM   569  C CG  . PHE A 1 94  ? 2.474   -12.094 0.857   1.00 14.13 ? 94  PHE A CG  1 
ATOM   570  C CD1 . PHE A 1 94  ? 3.320   -12.380 -0.213  1.00 17.14 ? 94  PHE A CD1 1 
ATOM   571  C CD2 . PHE A 1 94  ? 1.155   -12.564 0.884   1.00 14.43 ? 94  PHE A CD2 1 
ATOM   572  C CE1 . PHE A 1 94  ? 2.867   -13.124 -1.297  1.00 18.05 ? 94  PHE A CE1 1 
ATOM   573  C CE2 . PHE A 1 94  ? 0.703   -13.301 -0.192  1.00 17.74 ? 94  PHE A CE2 1 
ATOM   574  C CZ  . PHE A 1 94  ? 1.553   -13.568 -1.270  1.00 19.58 ? 94  PHE A CZ  1 
ATOM   575  N N   . PHE A 1 95  ? 1.938   -8.504  3.366   1.00 14.97 ? 95  PHE A N   1 
ATOM   576  C CA  . PHE A 1 95  ? 1.951   -7.501  4.424   1.00 14.75 ? 95  PHE A CA  1 
ATOM   577  C C   . PHE A 1 95  ? 1.005   -7.886  5.511   1.00 14.86 ? 95  PHE A C   1 
ATOM   578  O O   . PHE A 1 95  ? 0.042   -8.629  5.259   1.00 13.69 ? 95  PHE A O   1 
ATOM   579  C CB  . PHE A 1 95  ? 1.416   -6.133  3.909   1.00 12.31 ? 95  PHE A CB  1 
ATOM   580  C CG  . PHE A 1 95  ? 2.177   -5.632  2.681   1.00 12.00 ? 95  PHE A CG  1 
ATOM   581  C CD1 . PHE A 1 95  ? 1.803   -6.049  1.402   1.00 10.72 ? 95  PHE A CD1 1 
ATOM   582  C CD2 . PHE A 1 95  ? 3.298   -4.833  2.856   1.00 10.75 ? 95  PHE A CD2 1 
ATOM   583  C CE1 . PHE A 1 95  ? 2.566   -5.653  0.320   1.00 11.11 ? 95  PHE A CE1 1 
ATOM   584  C CE2 . PHE A 1 95  ? 4.039   -4.441  1.759   1.00 12.84 ? 95  PHE A CE2 1 
ATOM   585  C CZ  . PHE A 1 95  ? 3.663   -4.853  0.472   1.00 13.05 ? 95  PHE A CZ  1 
ATOM   586  N N   . PHE A 1 96  ? 1.404   -7.576  6.739   1.00 13.03 ? 96  PHE A N   1 
ATOM   587  C CA  . PHE A 1 96  ? 0.501   -7.770  7.844   1.00 13.20 ? 96  PHE A CA  1 
ATOM   588  C C   . PHE A 1 96  ? -0.451  -6.543  7.857   1.00 12.89 ? 96  PHE A C   1 
ATOM   589  O O   . PHE A 1 96  ? -0.022  -5.368  7.767   1.00 14.07 ? 96  PHE A O   1 
ATOM   590  C CB  . PHE A 1 96  ? 1.273   -7.825  9.179   1.00 14.48 ? 96  PHE A CB  1 
ATOM   591  C CG  . PHE A 1 96  ? 2.258   -8.969  9.258   1.00 17.01 ? 96  PHE A CG  1 
ATOM   592  C CD1 . PHE A 1 96  ? 1.796   -10.270 9.567   1.00 21.24 ? 96  PHE A CD1 1 
ATOM   593  C CD2 . PHE A 1 96  ? 3.619   -8.705  9.146   1.00 17.54 ? 96  PHE A CD2 1 
ATOM   594  C CE1 . PHE A 1 96  ? 2.702   -11.321 9.789   1.00 19.59 ? 96  PHE A CE1 1 
ATOM   595  C CE2 . PHE A 1 96  ? 4.507   -9.760  9.348   1.00 19.43 ? 96  PHE A CE2 1 
ATOM   596  C CZ  . PHE A 1 96  ? 4.057   -11.048 9.663   1.00 20.18 ? 96  PHE A CZ  1 
ATOM   597  N N   . GLU A 1 97  ? -1.749  -6.838  7.875   1.00 14.01 ? 97  GLU A N   1 
ATOM   598  C CA  . GLU A 1 97  ? -2.793  -5.861  7.948   1.00 14.76 ? 97  GLU A CA  1 
ATOM   599  C C   . GLU A 1 97  ? -3.178  -5.715  9.399   1.00 15.72 ? 97  GLU A C   1 
ATOM   600  O O   . GLU A 1 97  ? -3.576  -6.702  9.985   1.00 17.56 ? 97  GLU A O   1 
ATOM   601  C CB  . GLU A 1 97  ? -4.029  -6.371  7.259   1.00 16.74 ? 97  GLU A CB  1 
ATOM   602  C CG  . GLU A 1 97  ? -5.125  -5.331  7.128   1.00 20.52 ? 97  GLU A CG  1 
ATOM   603  C CD  . GLU A 1 97  ? -6.292  -5.828  6.263   1.00 21.68 ? 97  GLU A CD  1 
ATOM   604  O OE1 . GLU A 1 97  ? -6.912  -6.819  6.675   1.00 21.64 ? 97  GLU A OE1 1 
ATOM   605  O OE2 . GLU A 1 97  ? -6.742  -5.057  5.394   1.00 21.07 ? 97  GLU A OE2 1 
ATOM   606  N N   . ARG A 1 98  ? -3.035  -4.509  10.010  1.00 14.33 ? 98  ARG A N   1 
ATOM   607  C CA  . ARG A 1 98  ? -3.401  -4.315  11.384  1.00 15.23 ? 98  ARG A CA  1 
ATOM   608  C C   . ARG A 1 98  ? -4.313  -3.098  11.530  1.00 15.75 ? 98  ARG A C   1 
ATOM   609  O O   . ARG A 1 98  ? -4.402  -2.286  10.620  1.00 17.77 ? 98  ARG A O   1 
ATOM   610  C CB  . ARG A 1 98  ? -2.127  -4.202  12.230  1.00 14.15 ? 98  ARG A CB  1 
ATOM   611  C CG  . ARG A 1 98  ? -2.439  -3.946  13.692  1.00 17.09 ? 98  ARG A CG  1 
ATOM   612  C CD  . ARG A 1 98  ? -1.219  -3.500  14.505  1.00 17.88 ? 98  ARG A CD  1 
ATOM   613  N NE  . ARG A 1 98  ? -1.520  -3.465  15.934  1.00 18.54 ? 98  ARG A NE  1 
ATOM   614  C CZ  . ARG A 1 98  ? -1.998  -2.361  16.539  1.00 16.77 ? 98  ARG A CZ  1 
ATOM   615  N NH1 . ARG A 1 98  ? -1.838  -1.203  15.960  1.00 18.01 ? 98  ARG A NH1 1 
ATOM   616  N NH2 . ARG A 1 98  ? -2.260  -2.372  17.845  1.00 15.06 ? 98  ARG A NH2 1 
ATOM   617  N N   . LEU A 1 99  ? -5.384  -3.290  12.279  1.00 16.16 ? 99  LEU A N   1 
ATOM   618  C CA  . LEU A 1 99  ? -6.352  -2.239  12.534  1.00 15.76 ? 99  LEU A CA  1 
ATOM   619  C C   . LEU A 1 99  ? -5.791  -1.274  13.555  1.00 17.84 ? 99  LEU A C   1 
ATOM   620  O O   . LEU A 1 99  ? -5.520  -1.632  14.738  1.00 18.34 ? 99  LEU A O   1 
ATOM   621  C CB  . LEU A 1 99  ? -7.624  -2.885  13.099  1.00 19.19 ? 99  LEU A CB  1 
ATOM   622  C CG  . LEU A 1 99  ? -8.850  -2.068  13.486  1.00 17.72 ? 99  LEU A CG  1 
ATOM   623  C CD1 . LEU A 1 99  ? -9.363  -1.341  12.258  1.00 19.22 ? 99  LEU A CD1 1 
ATOM   624  C CD2 . LEU A 1 99  ? -9.938  -2.976  14.066  1.00 17.99 ? 99  LEU A CD2 1 
ATOM   625  N N   . GLU A 1 100 ? -5.961  0.004   13.251  1.00 16.39 ? 100 GLU A N   1 
ATOM   626  C CA  . GLU A 1 100 ? -5.507  1.049   14.165  1.00 16.79 ? 100 GLU A CA  1 
ATOM   627  C C   . GLU A 1 100 ? -6.715  1.819   14.718  1.00 17.37 ? 100 GLU A C   1 
ATOM   628  O O   . GLU A 1 100 ? -7.885  1.491   14.509  1.00 18.19 ? 100 GLU A O   1 
ATOM   629  C CB  . GLU A 1 100 ? -4.641  1.976   13.337  1.00 21.12 ? 100 GLU A CB  1 
ATOM   630  C CG  . GLU A 1 100 ? -3.504  2.632   14.092  1.00 30.92 ? 100 GLU A CG  1 
ATOM   631  C CD  . GLU A 1 100 ? -2.340  1.695   14.293  1.00 34.97 ? 100 GLU A CD  1 
ATOM   632  O OE1 . GLU A 1 100 ? -2.447  0.581   13.749  1.00 40.65 ? 100 GLU A OE1 1 
ATOM   633  O OE2 . GLU A 1 100 ? -1.622  1.883   15.280  1.00 30.88 ? 100 GLU A OE2 1 
ATOM   634  N N   . SER A 1 101 ? -6.513  2.797   15.549  1.00 16.58 ? 101 SER A N   1 
ATOM   635  C CA  . SER A 1 101 ? -7.638  3.568   16.013  1.00 20.95 ? 101 SER A CA  1 
ATOM   636  C C   . SER A 1 101 ? -8.419  4.182   14.875  1.00 20.17 ? 101 SER A C   1 
ATOM   637  O O   . SER A 1 101 ? -7.880  4.547   13.852  1.00 21.94 ? 101 SER A O   1 
ATOM   638  C CB  . SER A 1 101 ? -7.170  4.707   16.896  1.00 23.21 ? 101 SER A CB  1 
ATOM   639  O OG  . SER A 1 101 ? -6.372  4.180   17.949  1.00 30.78 ? 101 SER A OG  1 
ATOM   640  N N   . ASN A 1 102 ? -9.632  4.587   15.178  1.00 21.93 ? 102 ASN A N   1 
ATOM   641  C CA  . ASN A 1 102 ? -10.509 5.228   14.222  1.00 21.62 ? 102 ASN A CA  1 
ATOM   642  C C   . ASN A 1 102 ? -10.735 4.489   12.937  1.00 21.66 ? 102 ASN A C   1 
ATOM   643  O O   . ASN A 1 102 ? -10.971 5.125   11.924  1.00 23.03 ? 102 ASN A O   1 
ATOM   644  C CB  . ASN A 1 102 ? -9.982  6.615   13.959  1.00 22.69 ? 102 ASN A CB  1 
ATOM   645  C CG  . ASN A 1 102 ? -9.911  7.376   15.272  1.00 25.01 ? 102 ASN A CG  1 
ATOM   646  O OD1 . ASN A 1 102 ? -10.802 7.286   16.090  1.00 28.38 ? 102 ASN A OD1 1 
ATOM   647  N ND2 . ASN A 1 102 ? -8.875  8.156   15.522  1.00 26.92 ? 102 ASN A ND2 1 
ATOM   648  N N   . ASN A 1 103 ? -10.573 3.150   12.923  1.00 21.99 ? 103 ASN A N   1 
ATOM   649  C CA  . ASN A 1 103 ? -10.772 2.383   11.707  1.00 20.07 ? 103 ASN A CA  1 
ATOM   650  C C   . ASN A 1 103 ? -9.673  2.555   10.663  1.00 19.24 ? 103 ASN A C   1 
ATOM   651  O O   . ASN A 1 103 ? -9.882  2.192   9.515   1.00 19.44 ? 103 ASN A O   1 
ATOM   652  C CB  . ASN A 1 103 ? -12.091 2.760   11.071  1.00 30.14 ? 103 ASN A CB  1 
ATOM   653  C CG  . ASN A 1 103 ? -13.261 2.097   11.765  1.00 36.18 ? 103 ASN A CG  1 
ATOM   654  O OD1 . ASN A 1 103 ? -13.100 0.969   12.288  1.00 41.18 ? 103 ASN A OD1 1 
ATOM   655  N ND2 . ASN A 1 103 ? -14.439 2.761   11.763  1.00 38.02 ? 103 ASN A ND2 1 
ATOM   656  N N   . TYR A 1 104 ? -8.531  3.200   10.911  1.00 16.25 ? 104 TYR A N   1 
ATOM   657  C CA  . TYR A 1 104 ? -7.500  3.206   9.851   1.00 18.80 ? 104 TYR A CA  1 
ATOM   658  C C   . TYR A 1 104 ? -6.704  1.893   9.880   1.00 19.29 ? 104 TYR A C   1 
ATOM   659  O O   . TYR A 1 104 ? -6.709  1.229   10.910  1.00 18.45 ? 104 TYR A O   1 
ATOM   660  C CB  . TYR A 1 104 ? -6.475  4.295   10.085  1.00 18.77 ? 104 TYR A CB  1 
ATOM   661  C CG  . TYR A 1 104 ? -7.039  5.662   9.769   1.00 21.32 ? 104 TYR A CG  1 
ATOM   662  C CD1 . TYR A 1 104 ? -7.763  6.338   10.729  1.00 24.42 ? 104 TYR A CD1 1 
ATOM   663  C CD2 . TYR A 1 104 ? -6.877  6.191   8.517   1.00 22.89 ? 104 TYR A CD2 1 
ATOM   664  C CE1 . TYR A 1 104 ? -8.361  7.556   10.445  1.00 25.87 ? 104 TYR A CE1 1 
ATOM   665  C CE2 . TYR A 1 104 ? -7.463  7.418   8.233   1.00 25.87 ? 104 TYR A CE2 1 
ATOM   666  C CZ  . TYR A 1 104 ? -8.218  8.093   9.182   1.00 27.35 ? 104 TYR A CZ  1 
ATOM   667  O OH  . TYR A 1 104 ? -8.927  9.251   8.827   1.00 27.44 ? 104 TYR A OH  1 
ATOM   668  N N   . ASN A 1 105 ? -6.234  1.382   8.724   1.00 18.07 ? 105 ASN A N   1 
ATOM   669  C CA  . ASN A 1 105 ? -5.407  0.179   8.698   1.00 18.29 ? 105 ASN A CA  1 
ATOM   670  C C   . ASN A 1 105 ? -3.942  0.457   8.297   1.00 17.73 ? 105 ASN A C   1 
ATOM   671  O O   . ASN A 1 105 ? -3.592  1.450   7.642   1.00 15.68 ? 105 ASN A O   1 
ATOM   672  C CB  . ASN A 1 105 ? -5.974  -0.829  7.707   1.00 22.08 ? 105 ASN A CB  1 
ATOM   673  C CG  . ASN A 1 105 ? -7.317  -1.364  8.158   1.00 27.20 ? 105 ASN A CG  1 
ATOM   674  O OD1 . ASN A 1 105 ? -8.343  -0.704  7.985   1.00 35.44 ? 105 ASN A OD1 1 
ATOM   675  N ND2 . ASN A 1 105 ? -7.348  -2.533  8.764   1.00 26.67 ? 105 ASN A ND2 1 
ATOM   676  N N   . THR A 1 106 ? -3.033  -0.394  8.760   1.00 16.62 ? 106 THR A N   1 
ATOM   677  C CA  . THR A 1 106 ? -1.627  -0.284  8.385   1.00 13.76 ? 106 THR A CA  1 
ATOM   678  C C   . THR A 1 106 ? -1.205  -1.630  7.825   1.00 12.92 ? 106 THR A C   1 
ATOM   679  O O   . THR A 1 106 ? -1.958  -2.587  7.912   1.00 12.23 ? 106 THR A O   1 
ATOM   680  C CB  . THR A 1 106 ? -0.746  0.080   9.574   1.00 13.71 ? 106 THR A CB  1 
ATOM   681  O OG1 . THR A 1 106 ? -0.871  -1.044  10.447  1.00 12.67 ? 106 THR A OG1 1 
ATOM   682  C CG2 . THR A 1 106 ? -1.217  1.369   10.253  1.00 12.87 ? 106 THR A CG2 1 
ATOM   683  N N   . TYR A 1 107 ? -0.200  -1.595  6.932   1.00 15.03 ? 107 TYR A N   1 
ATOM   684  C CA  . TYR A 1 107 ? 0.306   -2.746  6.182   1.00 13.34 ? 107 TYR A CA  1 
ATOM   685  C C   . TYR A 1 107 ? 1.824   -2.809  6.355   1.00 14.20 ? 107 TYR A C   1 
ATOM   686  O O   . TYR A 1 107 ? 2.588   -1.930  5.923   1.00 12.02 ? 107 TYR A O   1 
ATOM   687  C CB  . TYR A 1 107 ? 0.015   -2.479  4.702   1.00 15.34 ? 107 TYR A CB  1 
ATOM   688  C CG  . TYR A 1 107 ? -1.469  -2.383  4.417   1.00 14.19 ? 107 TYR A CG  1 
ATOM   689  C CD1 . TYR A 1 107 ? -2.179  -3.578  4.349   1.00 15.35 ? 107 TYR A CD1 1 
ATOM   690  C CD2 . TYR A 1 107 ? -2.111  -1.172  4.486   1.00 14.98 ? 107 TYR A CD2 1 
ATOM   691  C CE1 . TYR A 1 107 ? -3.550  -3.600  4.378   1.00 16.06 ? 107 TYR A CE1 1 
ATOM   692  C CE2 . TYR A 1 107 ? -3.507  -1.164  4.515   1.00 18.77 ? 107 TYR A CE2 1 
ATOM   693  C CZ  . TYR A 1 107 ? -4.196  -2.379  4.457   1.00 18.93 ? 107 TYR A CZ  1 
ATOM   694  O OH  . TYR A 1 107 ? -5.559  -2.393  4.357   1.00 22.00 ? 107 TYR A OH  1 
ATOM   695  N N   . ARG A 1 108 ? 2.271   -3.769  7.112   1.00 14.40 ? 108 ARG A N   1 
ATOM   696  C CA  . ARG A 1 108 ? 3.689   -3.889  7.349   1.00 18.27 ? 108 ARG A CA  1 
ATOM   697  C C   . ARG A 1 108 ? 4.243   -5.142  6.597   1.00 19.49 ? 108 ARG A C   1 
ATOM   698  O O   . ARG A 1 108 ? 3.627   -6.245  6.603   1.00 17.21 ? 108 ARG A O   1 
ATOM   699  C CB  . ARG A 1 108 ? 3.785   -4.049  8.845   1.00 18.81 ? 108 ARG A CB  1 
ATOM   700  C CG  . ARG A 1 108 ? 5.060   -3.674  9.565   1.00 22.62 ? 108 ARG A CG  1 
ATOM   701  C CD  . ARG A 1 108 ? 4.792   -4.270  10.946  1.00 27.91 ? 108 ARG A CD  1 
ATOM   702  N NE  . ARG A 1 108 ? 5.555   -5.488  11.132  1.00 35.27 ? 108 ARG A NE  1 
ATOM   703  C CZ  . ARG A 1 108 ? 5.178   -6.492  11.931  1.00 33.07 ? 108 ARG A CZ  1 
ATOM   704  N NH1 . ARG A 1 108 ? 3.916   -6.915  12.003  1.00 31.50 ? 108 ARG A NH1 1 
ATOM   705  N NH2 . ARG A 1 108 ? 6.069   -7.436  11.993  1.00 34.44 ? 108 ARG A NH2 1 
ATOM   706  N N   . SER A 1 109 ? 5.394   -4.947  5.920   1.00 16.00 ? 109 SER A N   1 
ATOM   707  C CA  . SER A 1 109 ? 6.021   -6.006  5.177   1.00 17.70 ? 109 SER A CA  1 
ATOM   708  C C   . SER A 1 109 ? 6.327   -7.257  6.004   1.00 17.05 ? 109 SER A C   1 
ATOM   709  O O   . SER A 1 109 ? 6.660   -7.197  7.195   1.00 15.42 ? 109 SER A O   1 
ATOM   710  C CB  . SER A 1 109 ? 7.321   -5.508  4.574   1.00 19.32 ? 109 SER A CB  1 
ATOM   711  O OG  . SER A 1 109 ? 8.005   -6.539  3.865   1.00 20.27 ? 109 SER A OG  1 
ATOM   712  N N   . ARG A 1 110 ? 5.843   -8.394  5.487   1.00 17.41 ? 110 ARG A N   1 
ATOM   713  C CA  . ARG A 1 110 ? 6.119   -9.671  6.105   1.00 16.87 ? 110 ARG A CA  1 
ATOM   714  C C   . ARG A 1 110 ? 7.582   -10.044 5.936   1.00 14.63 ? 110 ARG A C   1 
ATOM   715  O O   . ARG A 1 110 ? 8.118   -10.793 6.698   1.00 14.95 ? 110 ARG A O   1 
ATOM   716  C CB  . ARG A 1 110 ? 5.225   -10.725 5.498   1.00 21.90 ? 110 ARG A CB  1 
ATOM   717  C CG  . ARG A 1 110 ? 5.855   -12.103 5.525   1.00 27.49 ? 110 ARG A CG  1 
ATOM   718  C CD  . ARG A 1 110 ? 4.829   -13.089 6.022   1.00 27.99 ? 110 ARG A CD  1 
ATOM   719  N NE  . ARG A 1 110 ? 4.093   -13.719 4.948   1.00 28.40 ? 110 ARG A NE  1 
ATOM   720  C CZ  . ARG A 1 110 ? 4.630   -14.096 3.791   1.00 26.89 ? 110 ARG A CZ  1 
ATOM   721  N NH1 . ARG A 1 110 ? 5.671   -13.444 3.238   1.00 28.45 ? 110 ARG A NH1 1 
ATOM   722  N NH2 . ARG A 1 110 ? 3.746   -14.680 2.976   1.00 28.01 ? 110 ARG A NH2 1 
ATOM   723  N N   . LYS A 1 111 ? 8.278   -9.494  4.984   1.00 15.62 ? 111 LYS A N   1 
ATOM   724  C CA  . LYS A 1 111 ? 9.685   -9.763  4.832   1.00 17.69 ? 111 LYS A CA  1 
ATOM   725  C C   . LYS A 1 111 ? 10.529  -8.764  5.624   1.00 21.41 ? 111 LYS A C   1 
ATOM   726  O O   . LYS A 1 111 ? 11.443  -9.161  6.361   1.00 23.94 ? 111 LYS A O   1 
ATOM   727  C CB  . LYS A 1 111 ? 10.038  -9.637  3.379   1.00 17.42 ? 111 LYS A CB  1 
ATOM   728  C CG  . LYS A 1 111 ? 11.430  -10.153 3.105   1.00 21.10 ? 111 LYS A CG  1 
ATOM   729  C CD  . LYS A 1 111 ? 11.657  -10.179 1.619   1.00 24.80 ? 111 LYS A CD  1 
ATOM   730  C CE  . LYS A 1 111 ? 13.147  -10.105 1.331   1.00 27.73 ? 111 LYS A CE  1 
ATOM   731  N NZ  . LYS A 1 111 ? 13.471  -10.964 0.196   1.00 30.32 ? 111 LYS A NZ  1 
ATOM   732  N N   . TYR A 1 112 ? 10.384  -7.437  5.348   1.00 21.55 ? 112 TYR A N   1 
ATOM   733  C CA  . TYR A 1 112 ? 11.124  -6.351  6.047   1.00 17.29 ? 112 TYR A CA  1 
ATOM   734  C C   . TYR A 1 112 ? 10.228  -5.859  7.167   1.00 16.63 ? 112 TYR A C   1 
ATOM   735  O O   . TYR A 1 112 ? 9.327   -5.056  6.984   1.00 17.91 ? 112 TYR A O   1 
ATOM   736  C CB  . TYR A 1 112 ? 11.415  -5.246  5.043   1.00 18.75 ? 112 TYR A CB  1 
ATOM   737  C CG  . TYR A 1 112 ? 12.084  -5.787  3.776   1.00 21.32 ? 112 TYR A CG  1 
ATOM   738  C CD1 . TYR A 1 112 ? 13.375  -6.271  3.795   1.00 22.74 ? 112 TYR A CD1 1 
ATOM   739  C CD2 . TYR A 1 112 ? 11.376  -5.826  2.601   1.00 21.81 ? 112 TYR A CD2 1 
ATOM   740  C CE1 . TYR A 1 112 ? 13.941  -6.797  2.636   1.00 25.57 ? 112 TYR A CE1 1 
ATOM   741  C CE2 . TYR A 1 112 ? 11.928  -6.345  1.439   1.00 25.53 ? 112 TYR A CE2 1 
ATOM   742  C CZ  . TYR A 1 112 ? 13.222  -6.829  1.454   1.00 26.61 ? 112 TYR A CZ  1 
ATOM   743  O OH  . TYR A 1 112 ? 13.831  -7.213  0.258   1.00 26.00 ? 112 TYR A OH  1 
ATOM   744  N N   . THR A 1 113 ? 10.185  -6.703  8.181   1.00 17.06 ? 113 THR A N   1 
ATOM   745  C CA  . THR A 1 113 ? 9.247   -6.589  9.272   1.00 14.37 ? 113 THR A CA  1 
ATOM   746  C C   . THR A 1 113 ? 9.102   -5.301  10.061  1.00 12.97 ? 113 THR A C   1 
ATOM   747  O O   . THR A 1 113 ? 8.191   -5.221  10.870  1.00 12.15 ? 113 THR A O   1 
ATOM   748  C CB  . THR A 1 113 ? 9.435   -7.830  10.178  1.00 14.74 ? 113 THR A CB  1 
ATOM   749  O OG1 . THR A 1 113 ? 10.794  -7.839  10.598  1.00 12.59 ? 113 THR A OG1 1 
ATOM   750  C CG2 . THR A 1 113 ? 9.156   -9.096  9.377   1.00 13.38 ? 113 THR A CG2 1 
ATOM   751  N N   . SER A 1 114 ? 9.926   -4.283  9.861   1.00 11.38 ? 114 SER A N   1 
ATOM   752  C CA  . SER A 1 114 ? 9.685   -3.041  10.573  1.00 13.88 ? 114 SER A CA  1 
ATOM   753  C C   . SER A 1 114 ? 9.356   -1.966  9.553   1.00 13.58 ? 114 SER A C   1 
ATOM   754  O O   . SER A 1 114 ? 9.252   -0.780  9.849   1.00 14.95 ? 114 SER A O   1 
ATOM   755  C CB  . SER A 1 114 ? 10.923  -2.645  11.375  1.00 15.60 ? 114 SER A CB  1 
ATOM   756  O OG  . SER A 1 114 ? 11.976  -2.097  10.567  1.00 16.23 ? 114 SER A OG  1 
ATOM   757  N N   . TRP A 1 115 ? 9.189   -2.338  8.290   1.00 15.24 ? 115 TRP A N   1 
ATOM   758  C CA  . TRP A 1 115 ? 8.942   -1.341  7.244   1.00 12.64 ? 115 TRP A CA  1 
ATOM   759  C C   . TRP A 1 115 ? 7.464   -1.286  6.875   1.00 14.19 ? 115 TRP A C   1 
ATOM   760  O O   . TRP A 1 115 ? 6.898   -2.288  6.471   1.00 14.55 ? 115 TRP A O   1 
ATOM   761  C CB  . TRP A 1 115 ? 9.769   -1.665  5.996   1.00 10.39 ? 115 TRP A CB  1 
ATOM   762  C CG  . TRP A 1 115 ? 11.294  -1.547  6.154   1.00 13.76 ? 115 TRP A CG  1 
ATOM   763  C CD1 . TRP A 1 115 ? 11.897  -1.205  7.352   1.00 13.74 ? 115 TRP A CD1 1 
ATOM   764  C CD2 . TRP A 1 115 ? 12.218  -1.796  5.161   1.00 15.44 ? 115 TRP A CD2 1 
ATOM   765  N NE1 . TRP A 1 115 ? 13.197  -1.281  7.117   1.00 11.21 ? 115 TRP A NE1 1 
ATOM   766  C CE2 . TRP A 1 115 ? 13.436  -1.652  5.843   1.00 12.91 ? 115 TRP A CE2 1 
ATOM   767  C CE3 . TRP A 1 115 ? 12.197  -2.153  3.803   1.00 16.19 ? 115 TRP A CE3 1 
ATOM   768  C CZ2 . TRP A 1 115 ? 14.641  -1.895  5.178   1.00 16.44 ? 115 TRP A CZ2 1 
ATOM   769  C CZ3 . TRP A 1 115 ? 13.400  -2.397  3.137   1.00 17.30 ? 115 TRP A CZ3 1 
ATOM   770  C CH2 . TRP A 1 115 ? 14.624  -2.286  3.827   1.00 16.65 ? 115 TRP A CH2 1 
ATOM   771  N N   . TYR A 1 116 ? 6.861   -0.094  6.819   1.00 13.18 ? 116 TYR A N   1 
ATOM   772  C CA  . TYR A 1 116 ? 5.424   -0.021  6.482   1.00 12.66 ? 116 TYR A CA  1 
ATOM   773  C C   . TYR A 1 116 ? 5.110   0.645   5.167   1.00 12.41 ? 116 TYR A C   1 
ATOM   774  O O   . TYR A 1 116 ? 5.928   1.413   4.689   1.00 8.47  ? 116 TYR A O   1 
ATOM   775  C CB  . TYR A 1 116 ? 4.657   0.878   7.432   1.00 11.50 ? 116 TYR A CB  1 
ATOM   776  C CG  . TYR A 1 116 ? 4.496   0.335   8.826   1.00 10.40 ? 116 TYR A CG  1 
ATOM   777  C CD1 . TYR A 1 116 ? 5.552   0.464   9.681   1.00 12.64 ? 116 TYR A CD1 1 
ATOM   778  C CD2 . TYR A 1 116 ? 3.310   -0.238  9.225   1.00 12.43 ? 116 TYR A CD2 1 
ATOM   779  C CE1 . TYR A 1 116 ? 5.419   0.029   10.976  1.00 12.41 ? 116 TYR A CE1 1 
ATOM   780  C CE2 . TYR A 1 116 ? 3.185   -0.730  10.518  1.00 13.10 ? 116 TYR A CE2 1 
ATOM   781  C CZ  . TYR A 1 116 ? 4.255   -0.569  11.376  1.00 12.10 ? 116 TYR A CZ  1 
ATOM   782  O OH  . TYR A 1 116 ? 4.152   -0.950  12.694  1.00 11.06 ? 116 TYR A OH  1 
ATOM   783  N N   . VAL A 1 117 ? 4.138   0.100   4.431   1.00 12.77 ? 117 VAL A N   1 
ATOM   784  C CA  . VAL A 1 117 ? 3.662   0.805   3.241   1.00 14.40 ? 117 VAL A CA  1 
ATOM   785  C C   . VAL A 1 117 ? 3.278   2.230   3.698   1.00 14.06 ? 117 VAL A C   1 
ATOM   786  O O   . VAL A 1 117 ? 2.546   2.418   4.661   1.00 13.38 ? 117 VAL A O   1 
ATOM   787  C CB  . VAL A 1 117 ? 2.417   0.107   2.656   1.00 14.51 ? 117 VAL A CB  1 
ATOM   788  C CG1 . VAL A 1 117 ? 1.846   0.880   1.445   1.00 12.85 ? 117 VAL A CG1 1 
ATOM   789  C CG2 . VAL A 1 117 ? 2.868   -1.269  2.199   1.00 13.75 ? 117 VAL A CG2 1 
ATOM   790  N N   . ALA A 1 118 ? 3.628   3.247   2.921   1.00 13.49 ? 118 ALA A N   1 
ATOM   791  C CA  . ALA A 1 118 ? 3.348   4.603   3.328   1.00 12.55 ? 118 ALA A CA  1 
ATOM   792  C C   . ALA A 1 118 ? 3.463   5.579   2.149   1.00 12.21 ? 118 ALA A C   1 
ATOM   793  O O   . ALA A 1 118 ? 4.072   5.282   1.072   1.00 14.25 ? 118 ALA A O   1 
ATOM   794  C CB  . ALA A 1 118 ? 4.380   5.041   4.381   1.00 9.05  ? 118 ALA A CB  1 
ATOM   795  N N   . LEU A 1 119 ? 2.759   6.710   2.326   1.00 12.45 ? 119 LEU A N   1 
ATOM   796  C CA  . LEU A 1 119 ? 2.805   7.779   1.369   1.00 14.51 ? 119 LEU A CA  1 
ATOM   797  C C   . LEU A 1 119 ? 3.188   9.102   2.021   1.00 13.65 ? 119 LEU A C   1 
ATOM   798  O O   . LEU A 1 119 ? 2.841   9.368   3.141   1.00 11.95 ? 119 LEU A O   1 
ATOM   799  C CB  . LEU A 1 119 ? 1.476   7.960   0.662   1.00 13.38 ? 119 LEU A CB  1 
ATOM   800  C CG  . LEU A 1 119 ? 1.102   6.905   -0.346  1.00 14.74 ? 119 LEU A CG  1 
ATOM   801  C CD1 . LEU A 1 119 ? -0.370  7.072   -0.709  1.00 18.88 ? 119 LEU A CD1 1 
ATOM   802  C CD2 . LEU A 1 119 ? 2.010   7.010   -1.561  1.00 15.06 ? 119 LEU A CD2 1 
ATOM   803  N N   . LYS A 1 120 ? 4.141   9.812   1.403   1.00 14.14 ? 120 LYS A N   1 
ATOM   804  C CA  . LYS A 1 120 ? 4.538   11.123  1.880   1.00 15.78 ? 120 LYS A CA  1 
ATOM   805  C C   . LYS A 1 120 ? 3.440   12.146  1.613   1.00 17.72 ? 120 LYS A C   1 
ATOM   806  O O   . LYS A 1 120 ? 2.607   12.010  0.708   1.00 17.85 ? 120 LYS A O   1 
ATOM   807  C CB  . LYS A 1 120 ? 5.790   11.544  1.147   1.00 15.80 ? 120 LYS A CB  1 
ATOM   808  C CG  . LYS A 1 120 ? 6.857   10.512  1.325   1.00 17.69 ? 120 LYS A CG  1 
ATOM   809  C CD  . LYS A 1 120 ? 8.194   11.191  1.212   1.00 22.71 ? 120 LYS A CD  1 
ATOM   810  C CE  . LYS A 1 120 ? 8.373   11.580  -0.219  1.00 20.75 ? 120 LYS A CE  1 
ATOM   811  N NZ  . LYS A 1 120 ? 9.746   11.360  -0.559  1.00 25.11 ? 120 LYS A NZ  1 
ATOM   812  N N   . ARG A 1 121 ? 3.496   13.262  2.313   1.00 17.56 ? 121 ARG A N   1 
ATOM   813  C CA  . ARG A 1 121 ? 2.489   14.289  2.154   1.00 20.03 ? 121 ARG A CA  1 
ATOM   814  C C   . ARG A 1 121 ? 2.418   14.804  0.714   1.00 20.28 ? 121 ARG A C   1 
ATOM   815  O O   . ARG A 1 121 ? 1.492   15.522  0.313   1.00 23.14 ? 121 ARG A O   1 
ATOM   816  C CB  . ARG A 1 121 ? 2.885   15.384  3.143   1.00 23.48 ? 121 ARG A CB  1 
ATOM   817  C CG  . ARG A 1 121 ? 1.850   16.407  3.555   1.00 30.03 ? 121 ARG A CG  1 
ATOM   818  C CD  . ARG A 1 121 ? 2.586   17.450  4.408   1.00 38.78 ? 121 ARG A CD  1 
ATOM   819  N NE  . ARG A 1 121 ? 1.989   18.775  4.288   1.00 47.17 ? 121 ARG A NE  1 
ATOM   820  C CZ  . ARG A 1 121 ? 2.398   19.813  5.036   1.00 48.14 ? 121 ARG A CZ  1 
ATOM   821  N NH1 . ARG A 1 121 ? 3.617   19.825  5.561   1.00 48.69 ? 121 ARG A NH1 1 
ATOM   822  N NH2 . ARG A 1 121 ? 1.786   20.972  4.861   1.00 48.64 ? 121 ARG A NH2 1 
ATOM   823  N N   . THR A 1 122 ? 3.429   14.557  -0.100  1.00 18.85 ? 122 THR A N   1 
ATOM   824  C CA  . THR A 1 122 ? 3.391   15.063  -1.454  1.00 17.40 ? 122 THR A CA  1 
ATOM   825  C C   . THR A 1 122 ? 2.733   14.059  -2.415  1.00 17.53 ? 122 THR A C   1 
ATOM   826  O O   . THR A 1 122 ? 2.554   14.306  -3.614  1.00 15.48 ? 122 THR A O   1 
ATOM   827  C CB  . THR A 1 122 ? 4.824   15.372  -1.899  1.00 17.13 ? 122 THR A CB  1 
ATOM   828  O OG1 . THR A 1 122 ? 5.467   14.100  -1.932  1.00 20.26 ? 122 THR A OG1 1 
ATOM   829  C CG2 . THR A 1 122 ? 5.554   16.337  -0.976  1.00 15.51 ? 122 THR A CG2 1 
ATOM   830  N N   . GLY A 1 123 ? 2.381   12.892  -1.906  1.00 15.04 ? 123 GLY A N   1 
ATOM   831  C CA  . GLY A 1 123 ? 1.769   11.923  -2.771  1.00 16.36 ? 123 GLY A CA  1 
ATOM   832  C C   . GLY A 1 123 ? 2.694   10.814  -3.198  1.00 17.82 ? 123 GLY A C   1 
ATOM   833  O O   . GLY A 1 123 ? 2.239   9.961   -3.947  1.00 19.70 ? 123 GLY A O   1 
ATOM   834  N N   . GLN A 1 124 ? 3.985   11.117  -3.276  1.00 18.82 ? 124 GLN A N   1 
ATOM   835  C CA  . GLN A 1 124 ? 4.982   10.094  -3.628  1.00 20.85 ? 124 GLN A CA  1 
ATOM   836  C C   . GLN A 1 124 ? 5.170   9.071   -2.499  1.00 18.09 ? 124 GLN A C   1 
ATOM   837  O O   . GLN A 1 124 ? 4.665   9.310   -1.397  1.00 15.74 ? 124 GLN A O   1 
ATOM   838  C CB  . GLN A 1 124 ? 6.295   10.789  -3.949  1.00 23.95 ? 124 GLN A CB  1 
ATOM   839  C CG  . GLN A 1 124 ? 6.055   12.290  -4.153  1.00 35.14 ? 124 GLN A CG  1 
ATOM   840  C CD  . GLN A 1 124 ? 6.499   12.889  -5.482  1.00 41.81 ? 124 GLN A CD  1 
ATOM   841  O OE1 . GLN A 1 124 ? 5.915   12.639  -6.559  1.00 46.40 ? 124 GLN A OE1 1 
ATOM   842  N NE2 . GLN A 1 124 ? 7.555   13.716  -5.445  1.00 45.42 ? 124 GLN A NE2 1 
ATOM   843  N N   . TYR A 1 125 ? 5.466   7.791   -2.833  1.00 18.23 ? 125 TYR A N   1 
ATOM   844  C CA  . TYR A 1 125 ? 5.649   6.776   -1.769  1.00 18.07 ? 125 TYR A CA  1 
ATOM   845  C C   . TYR A 1 125 ? 6.842   7.090   -0.903  1.00 15.81 ? 125 TYR A C   1 
ATOM   846  O O   . TYR A 1 125 ? 7.618   8.001   -1.241  1.00 17.96 ? 125 TYR A O   1 
ATOM   847  C CB  . TYR A 1 125 ? 5.820   5.363   -2.304  1.00 19.31 ? 125 TYR A CB  1 
ATOM   848  C CG  . TYR A 1 125 ? 7.105   5.121   -3.058  1.00 22.15 ? 125 TYR A CG  1 
ATOM   849  C CD1 . TYR A 1 125 ? 8.259   4.793   -2.404  1.00 24.60 ? 125 TYR A CD1 1 
ATOM   850  C CD2 . TYR A 1 125 ? 7.156   5.416   -4.379  1.00 27.29 ? 125 TYR A CD2 1 
ATOM   851  C CE1 . TYR A 1 125 ? 9.470   4.841   -3.050  1.00 29.31 ? 125 TYR A CE1 1 
ATOM   852  C CE2 . TYR A 1 125 ? 8.350   5.453   -5.047  1.00 30.38 ? 125 TYR A CE2 1 
ATOM   853  C CZ  . TYR A 1 125 ? 9.517   5.201   -4.372  1.00 33.05 ? 125 TYR A CZ  1 
ATOM   854  O OH  . TYR A 1 125 ? 10.733  5.507   -4.976  1.00 37.87 ? 125 TYR A OH  1 
ATOM   855  N N   . LYS A 1 126 ? 6.733   6.763   0.361   1.00 13.03 ? 126 LYS A N   1 
ATOM   856  C CA  . LYS A 1 126 ? 7.814   6.999   1.305   1.00 11.87 ? 126 LYS A CA  1 
ATOM   857  C C   . LYS A 1 126 ? 8.585   5.716   1.365   1.00 13.71 ? 126 LYS A C   1 
ATOM   858  O O   . LYS A 1 126 ? 8.013   4.628   1.256   1.00 14.31 ? 126 LYS A O   1 
ATOM   859  C CB  . LYS A 1 126 ? 7.205   7.236   2.661   1.00 13.83 ? 126 LYS A CB  1 
ATOM   860  C CG  . LYS A 1 126 ? 8.091   7.962   3.693   1.00 15.92 ? 126 LYS A CG  1 
ATOM   861  C CD  . LYS A 1 126 ? 7.331   8.177   5.020   1.00 12.40 ? 126 LYS A CD  1 
ATOM   862  C CE  . LYS A 1 126 ? 8.253   8.847   6.053   1.00 12.51 ? 126 LYS A CE  1 
ATOM   863  N NZ  . LYS A 1 126 ? 7.470   9.515   7.074   1.00 9.51  ? 126 LYS A NZ  1 
ATOM   864  N N   . LEU A 1 127 ? 9.905   5.714   1.488   1.00 14.62 ? 127 LEU A N   1 
ATOM   865  C CA  . LEU A 1 127 ? 10.543  4.383   1.544   1.00 16.69 ? 127 LEU A CA  1 
ATOM   866  C C   . LEU A 1 127 ? 10.190  3.717   2.866   1.00 13.96 ? 127 LEU A C   1 
ATOM   867  O O   . LEU A 1 127 ? 10.197  4.388   3.901   1.00 14.32 ? 127 LEU A O   1 
ATOM   868  C CB  . LEU A 1 127 ? 12.074  4.423   1.455   1.00 15.15 ? 127 LEU A CB  1 
ATOM   869  C CG  . LEU A 1 127 ? 12.722  5.143   0.259   1.00 18.40 ? 127 LEU A CG  1 
ATOM   870  C CD1 . LEU A 1 127 ? 14.139  5.616   0.652   1.00 19.02 ? 127 LEU A CD1 1 
ATOM   871  C CD2 . LEU A 1 127 ? 12.711  4.276   -0.991  1.00 16.81 ? 127 LEU A CD2 1 
ATOM   872  N N   . GLY A 1 128 ? 9.870   2.423   2.827   1.00 13.61 ? 128 GLY A N   1 
ATOM   873  C CA  . GLY A 1 128 ? 9.518   1.653   4.004   1.00 12.37 ? 128 GLY A CA  1 
ATOM   874  C C   . GLY A 1 128 ? 10.558  1.837   5.101   1.00 12.80 ? 128 GLY A C   1 
ATOM   875  O O   . GLY A 1 128 ? 10.223  1.798   6.281   1.00 11.17 ? 128 GLY A O   1 
ATOM   876  N N   . SER A 1 129 ? 11.833  1.967   4.746   1.00 11.89 ? 129 SER A N   1 
ATOM   877  C CA  . SER A 1 129 ? 12.880  2.136   5.755   1.00 12.71 ? 129 SER A CA  1 
ATOM   878  C C   . SER A 1 129 ? 12.779  3.394   6.549   1.00 14.53 ? 129 SER A C   1 
ATOM   879  O O   . SER A 1 129 ? 13.580  3.605   7.470   1.00 16.38 ? 129 SER A O   1 
ATOM   880  C CB  . SER A 1 129 ? 14.275  2.124   5.133   1.00 13.88 ? 129 SER A CB  1 
ATOM   881  O OG  . SER A 1 129 ? 14.311  2.722   3.834   1.00 17.38 ? 129 SER A OG  1 
ATOM   882  N N   . LYS A 1 130 ? 12.047  4.390   6.023   1.00 13.63 ? 130 LYS A N   1 
ATOM   883  C CA  . LYS A 1 130 ? 11.913  5.637   6.738   1.00 12.36 ? 130 LYS A CA  1 
ATOM   884  C C   . LYS A 1 130 ? 10.577  5.751   7.403   1.00 11.72 ? 130 LYS A C   1 
ATOM   885  O O   . LYS A 1 130 ? 10.331  6.708   8.107   1.00 13.07 ? 130 LYS A O   1 
ATOM   886  C CB  . LYS A 1 130 ? 12.128  6.812   5.809   1.00 11.69 ? 130 LYS A CB  1 
ATOM   887  C CG  . LYS A 1 130 ? 13.577  6.874   5.347   1.00 14.90 ? 130 LYS A CG  1 
ATOM   888  C CD  . LYS A 1 130 ? 13.716  7.860   4.189   1.00 21.80 ? 130 LYS A CD  1 
ATOM   889  C CE  . LYS A 1 130 ? 14.857  7.413   3.287   1.00 26.81 ? 130 LYS A CE  1 
ATOM   890  N NZ  . LYS A 1 130 ? 15.665  8.541   2.836   1.00 28.82 ? 130 LYS A NZ  1 
ATOM   891  N N   . THR A 1 131 ? 9.943   4.620   7.606   1.00 12.38 ? 131 THR A N   1 
ATOM   892  C CA  . THR A 1 131 ? 8.658   4.615   8.259   1.00 12.38 ? 131 THR A CA  1 
ATOM   893  C C   . THR A 1 131 ? 8.759   4.121   9.713   1.00 14.11 ? 131 THR A C   1 
ATOM   894  O O   . THR A 1 131 ? 9.860   3.923   10.247  1.00 10.61 ? 131 THR A O   1 
ATOM   895  C CB  . THR A 1 131 ? 7.687   3.699   7.497   1.00 13.12 ? 131 THR A CB  1 
ATOM   896  O OG1 . THR A 1 131 ? 8.140   2.324   7.643   1.00 15.34 ? 131 THR A OG1 1 
ATOM   897  C CG2 . THR A 1 131 ? 7.526   4.132   6.065   1.00 9.20  ? 131 THR A CG2 1 
ATOM   898  N N   . GLY A 1 132 ? 7.660   4.302   10.459  1.00 14.57 ? 132 GLY A N   1 
ATOM   899  C CA  . GLY A 1 132 ? 7.583   3.846   11.854  1.00 13.93 ? 132 GLY A CA  1 
ATOM   900  C C   . GLY A 1 132 ? 6.115   3.808   12.287  1.00 13.61 ? 132 GLY A C   1 
ATOM   901  O O   . GLY A 1 132 ? 5.266   4.472   11.672  1.00 15.79 ? 132 GLY A O   1 
ATOM   902  N N   . PRO A 1 133 ? 5.750   3.131   13.385  1.00 13.09 ? 133 PRO A N   1 
ATOM   903  C CA  . PRO A 1 133 ? 4.365   2.860   13.712  1.00 11.63 ? 133 PRO A CA  1 
ATOM   904  C C   . PRO A 1 133 ? 3.536   4.092   14.136  1.00 13.59 ? 133 PRO A C   1 
ATOM   905  O O   . PRO A 1 133 ? 2.331   4.029   14.236  1.00 13.66 ? 133 PRO A O   1 
ATOM   906  C CB  . PRO A 1 133 ? 4.497   1.813   14.785  1.00 9.91  ? 133 PRO A CB  1 
ATOM   907  C CG  . PRO A 1 133 ? 5.762   2.126   15.511  1.00 12.43 ? 133 PRO A CG  1 
ATOM   908  C CD  . PRO A 1 133 ? 6.677   2.618   14.390  1.00 13.60 ? 133 PRO A CD  1 
ATOM   909  N N   . GLY A 1 134 ? 4.119   5.209   14.562  1.00 13.16 ? 134 GLY A N   1 
ATOM   910  C CA  . GLY A 1 134 ? 3.286   6.329   14.934  1.00 16.67 ? 134 GLY A CA  1 
ATOM   911  C C   . GLY A 1 134 ? 3.136   7.365   13.809  1.00 17.58 ? 134 GLY A C   1 
ATOM   912  O O   . GLY A 1 134 ? 2.835   8.511   14.097  1.00 19.73 ? 134 GLY A O   1 
ATOM   913  N N   . GLN A 1 135 ? 3.788   7.164   12.653  1.00 18.56 ? 135 GLN A N   1 
ATOM   914  C CA  . GLN A 1 135 ? 3.683   8.130   11.562  1.00 17.39 ? 135 GLN A CA  1 
ATOM   915  C C   . GLN A 1 135 ? 2.303   8.189   10.959  1.00 17.29 ? 135 GLN A C   1 
ATOM   916  O O   . GLN A 1 135 ? 1.516   7.245   11.006  1.00 15.84 ? 135 GLN A O   1 
ATOM   917  C CB  . GLN A 1 135 ? 4.654   7.800   10.457  1.00 15.36 ? 135 GLN A CB  1 
ATOM   918  C CG  . GLN A 1 135 ? 6.036   7.536   11.030  1.00 17.49 ? 135 GLN A CG  1 
ATOM   919  C CD  . GLN A 1 135 ? 7.120   7.552   9.967   1.00 16.32 ? 135 GLN A CD  1 
ATOM   920  O OE1 . GLN A 1 135 ? 8.324   7.774   10.229  1.00 13.44 ? 135 GLN A OE1 1 
ATOM   921  N NE2 . GLN A 1 135 ? 6.705   7.288   8.748   1.00 10.29 ? 135 GLN A NE2 1 
ATOM   922  N N   . LYS A 1 136 ? 1.973   9.351   10.427  1.00 17.56 ? 136 LYS A N   1 
ATOM   923  C CA  . LYS A 1 136 ? 0.682   9.560   9.796   1.00 15.93 ? 136 LYS A CA  1 
ATOM   924  C C   . LYS A 1 136 ? 0.705   9.009   8.381   1.00 14.83 ? 136 LYS A C   1 
ATOM   925  O O   . LYS A 1 136 ? -0.287  8.436   7.916   1.00 16.05 ? 136 LYS A O   1 
ATOM   926  C CB  . LYS A 1 136 ? 0.471   11.056  9.736   1.00 18.17 ? 136 LYS A CB  1 
ATOM   927  C CG  . LYS A 1 136 ? -0.673  11.434  8.835   1.00 23.65 ? 136 LYS A CG  1 
ATOM   928  C CD  . LYS A 1 136 ? -0.459  12.835  8.285   1.00 29.90 ? 136 LYS A CD  1 
ATOM   929  C CE  . LYS A 1 136 ? -1.434  13.774  8.979   1.00 33.60 ? 136 LYS A CE  1 
ATOM   930  N NZ  . LYS A 1 136 ? -2.782  13.195  9.031   1.00 39.47 ? 136 LYS A NZ  1 
ATOM   931  N N   . ALA A 1 137 ? 1.950   8.871   7.868   1.00 13.66 ? 137 ALA A N   1 
ATOM   932  C CA  . ALA A 1 137 ? 2.207   8.399   6.535   1.00 11.81 ? 137 ALA A CA  1 
ATOM   933  C C   . ALA A 1 137 ? 1.887   6.955   6.329   1.00 11.19 ? 137 ALA A C   1 
ATOM   934  O O   . ALA A 1 137 ? 1.399   6.595   5.263   1.00 12.38 ? 137 ALA A O   1 
ATOM   935  C CB  . ALA A 1 137 ? 3.676   8.642   6.241   1.00 13.05 ? 137 ALA A CB  1 
ATOM   936  N N   . ILE A 1 138 ? 1.708   6.162   7.396   1.00 11.20 ? 138 ILE A N   1 
ATOM   937  C CA  . ILE A 1 138 ? 1.375   4.757   7.182   1.00 11.06 ? 138 ILE A CA  1 
ATOM   938  C C   . ILE A 1 138 ? -0.132  4.517   7.323   1.00 11.63 ? 138 ILE A C   1 
ATOM   939  O O   . ILE A 1 138 ? -0.603  3.408   7.303   1.00 11.80 ? 138 ILE A O   1 
ATOM   940  C CB  . ILE A 1 138 ? 2.099   3.941   8.271   1.00 11.08 ? 138 ILE A CB  1 
ATOM   941  C CG1 . ILE A 1 138 ? 1.478   4.240   9.634   1.00 13.02 ? 138 ILE A CG1 1 
ATOM   942  C CG2 . ILE A 1 138 ? 3.587   4.286   8.286   1.00 11.00 ? 138 ILE A CG2 1 
ATOM   943  C CD1 . ILE A 1 138 ? 2.008   3.316   10.751  1.00 15.25 ? 138 ILE A CD1 1 
ATOM   944  N N   . LEU A 1 139 ? -0.917  5.504   7.753   1.00 12.88 ? 139 LEU A N   1 
ATOM   945  C CA  . LEU A 1 139 ? -2.363  5.247   7.975   1.00 12.77 ? 139 LEU A CA  1 
ATOM   946  C C   . LEU A 1 139 ? -3.257  5.309   6.744   1.00 13.13 ? 139 LEU A C   1 
ATOM   947  O O   . LEU A 1 139 ? -3.262  6.336   6.046   1.00 14.91 ? 139 LEU A O   1 
ATOM   948  C CB  . LEU A 1 139 ? -2.887  6.247   9.004   1.00 10.89 ? 139 LEU A CB  1 
ATOM   949  C CG  . LEU A 1 139 ? -2.184  6.185   10.340  1.00 10.74 ? 139 LEU A CG  1 
ATOM   950  C CD1 . LEU A 1 139 ? -2.658  7.330   11.200  1.00 14.43 ? 139 LEU A CD1 1 
ATOM   951  C CD2 . LEU A 1 139 ? -2.406  4.833   11.015  1.00 10.57 ? 139 LEU A CD2 1 
ATOM   952  N N   . PHE A 1 140 ? -3.950  4.196   6.436   1.00 10.83 ? 140 PHE A N   1 
ATOM   953  C CA  . PHE A 1 140 ? -4.834  4.131   5.290   1.00 15.28 ? 140 PHE A CA  1 
ATOM   954  C C   . PHE A 1 140 ? -6.312  3.877   5.680   1.00 17.89 ? 140 PHE A C   1 
ATOM   955  O O   . PHE A 1 140 ? -6.647  2.952   6.410   1.00 17.86 ? 140 PHE A O   1 
ATOM   956  C CB  . PHE A 1 140 ? -4.371  3.034   4.344   1.00 14.77 ? 140 PHE A CB  1 
ATOM   957  C CG  . PHE A 1 140 ? -3.059  3.369   3.613   1.00 17.71 ? 140 PHE A CG  1 
ATOM   958  C CD1 . PHE A 1 140 ? -1.827  3.085   4.214   1.00 16.34 ? 140 PHE A CD1 1 
ATOM   959  C CD2 . PHE A 1 140 ? -3.083  3.978   2.346   1.00 17.25 ? 140 PHE A CD2 1 
ATOM   960  C CE1 . PHE A 1 140 ? -0.638  3.414   3.538   1.00 14.69 ? 140 PHE A CE1 1 
ATOM   961  C CE2 . PHE A 1 140 ? -1.884  4.294   1.700   1.00 13.47 ? 140 PHE A CE2 1 
ATOM   962  C CZ  . PHE A 1 140 ? -0.666  4.014   2.295   1.00 14.58 ? 140 PHE A CZ  1 
ATOM   963  N N   . LEU A 1 141 ? -7.237  4.613   5.068   1.00 19.44 ? 141 LEU A N   1 
ATOM   964  C CA  . LEU A 1 141 ? -8.672  4.427   5.307   1.00 21.69 ? 141 LEU A CA  1 
ATOM   965  C C   . LEU A 1 141 ? -9.255  3.656   4.119   1.00 20.42 ? 141 LEU A C   1 
ATOM   966  O O   . LEU A 1 141 ? -8.990  4.022   2.986   1.00 21.75 ? 141 LEU A O   1 
ATOM   967  C CB  . LEU A 1 141 ? -9.329  5.799   5.378   1.00 22.03 ? 141 LEU A CB  1 
ATOM   968  C CG  . LEU A 1 141 ? -10.843 5.951   5.393   1.00 24.74 ? 141 LEU A CG  1 
ATOM   969  C CD1 . LEU A 1 141 ? -11.526 4.779   6.060   1.00 26.58 ? 141 LEU A CD1 1 
ATOM   970  C CD2 . LEU A 1 141 ? -11.213 7.219   6.153   1.00 26.92 ? 141 LEU A CD2 1 
ATOM   971  N N   . PRO A 1 142 ? -9.541  2.385   4.290   1.00 20.25 ? 142 PRO A N   1 
ATOM   972  C CA  . PRO A 1 142 ? -10.076 1.553   3.208   1.00 21.25 ? 142 PRO A CA  1 
ATOM   973  C C   . PRO A 1 142 ? -11.524 1.905   2.846   1.00 20.30 ? 142 PRO A C   1 
ATOM   974  O O   . PRO A 1 142 ? -12.272 2.398   3.670   1.00 23.15 ? 142 PRO A O   1 
ATOM   975  C CB  . PRO A 1 142 ? -9.919  0.169   3.753   1.00 19.79 ? 142 PRO A CB  1 
ATOM   976  C CG  . PRO A 1 142 ? -9.819  0.302   5.247   1.00 21.51 ? 142 PRO A CG  1 
ATOM   977  C CD  . PRO A 1 142 ? -9.716  1.784   5.587   1.00 18.47 ? 142 PRO A CD  1 
ATOM   978  N N   . MET A 1 143 ? -11.734 2.147   1.575   1.00 20.85 ? 143 MET A N   1 
ATOM   979  C CA  . MET A 1 143 ? -13.027 2.558   1.085   1.00 24.93 ? 143 MET A CA  1 
ATOM   980  C C   . MET A 1 143 ? -13.476 1.664   -0.040  1.00 27.29 ? 143 MET A C   1 
ATOM   981  O O   . MET A 1 143 ? -12.646 1.023   -0.644  1.00 25.80 ? 143 MET A O   1 
ATOM   982  C CB  . MET A 1 143 ? -12.922 3.931   0.461   1.00 22.25 ? 143 MET A CB  1 
ATOM   983  C CG  . MET A 1 143 ? -12.144 4.914   1.317   1.00 26.54 ? 143 MET A CG  1 
ATOM   984  S SD  . MET A 1 143 ? -12.348 6.580   0.681   1.00 31.03 ? 143 MET A SD  1 
ATOM   985  C CE  . MET A 1 143 ? -11.659 7.560   1.985   1.00 29.60 ? 143 MET A CE  1 
ATOM   986  N N   . SER A 1 144 ? -14.733 1.261   -0.116  1.00 32.78 ? 144 SER A N   1 
ATOM   987  C CA  . SER A 1 144 ? -15.032 0.494   -1.325  1.00 37.41 ? 144 SER A CA  1 
ATOM   988  C C   . SER A 1 144 ? -14.523 1.319   -2.527  1.00 39.72 ? 144 SER A C   1 
ATOM   989  O O   . SER A 1 144 ? -14.349 2.540   -2.348  1.00 40.49 ? 144 SER A O   1 
ATOM   990  C CB  . SER A 1 144 ? -16.519 0.346   -1.411  1.00 36.52 ? 144 SER A CB  1 
ATOM   991  O OG  . SER A 1 144 ? -17.047 1.515   -0.787  1.00 38.62 ? 144 SER A OG  1 
HETATM 992  C C1  . SGN B 2 .   ? 0.469   16.031  14.173  1.00 60.52 ? 1   SGN B C1  1 
HETATM 993  C C2  . SGN B 2 .   ? 0.738   17.105  13.105  1.00 58.33 ? 1   SGN B C2  1 
HETATM 994  C C3  . SGN B 2 .   ? 1.095   16.467  11.770  1.00 54.75 ? 1   SGN B C3  1 
HETATM 995  C C4  . SGN B 2 .   ? 2.254   15.470  11.907  1.00 52.62 ? 1   SGN B C4  1 
HETATM 996  C C5  . SGN B 2 .   ? 1.779   14.428  12.932  1.00 58.09 ? 1   SGN B C5  1 
HETATM 997  C C6  . SGN B 2 .   ? 2.721   13.262  13.120  1.00 64.16 ? 1   SGN B C6  1 
HETATM 998  N N2  . SGN B 2 .   ? -0.476  17.891  12.894  1.00 60.63 ? 1   SGN B N2  1 
HETATM 999  O O1  . SGN B 2 .   ? -0.834  15.437  14.103  1.00 63.79 ? 1   SGN B O1  1 
HETATM 1000 O O3  . SGN B 2 .   ? 1.472   17.485  10.892  1.00 51.80 ? 1   SGN B O3  1 
HETATM 1001 O O4  . SGN B 2 .   ? 2.490   14.872  10.604  1.00 43.19 ? 1   SGN B O4  1 
HETATM 1002 O O5  . SGN B 2 .   ? 1.535   15.069  14.204  1.00 60.17 ? 1   SGN B O5  1 
HETATM 1003 O O6  . SGN B 2 .   ? 3.477   13.512  14.300  1.00 70.77 ? 1   SGN B O6  1 
HETATM 1004 S S1  . SGN B 2 .   ? -0.560  19.599  13.407  1.00 64.60 ? 1   SGN B S1  1 
HETATM 1005 O O1S . SGN B 2 .   ? -0.834  19.643  14.808  1.00 63.43 ? 1   SGN B O1S 1 
HETATM 1006 O O2S . SGN B 2 .   ? -1.601  20.269  12.686  1.00 63.48 ? 1   SGN B O2S 1 
HETATM 1007 O O3S . SGN B 2 .   ? 0.687   20.268  13.160  1.00 63.11 ? 1   SGN B O3S 1 
HETATM 1008 S S2  . SGN B 2 .   ? 5.107   14.173  14.125  1.00 74.57 ? 1   SGN B S2  1 
HETATM 1009 O O4S . SGN B 2 .   ? 5.965   13.036  13.912  1.00 74.30 ? 1   SGN B O4S 1 
HETATM 1010 O O5S . SGN B 2 .   ? 5.500   14.880  15.319  1.00 74.65 ? 1   SGN B O5S 1 
HETATM 1011 O O6S . SGN B 2 .   ? 5.152   15.086  13.008  1.00 73.74 ? 1   SGN B O6S 1 
HETATM 1012 C C1  . IDS B 2 .   ? 3.837   14.515  10.244  1.00 31.81 ? 2   IDS B C1  1 
HETATM 1013 C C2  . IDS B 2 .   ? 3.951   13.706  8.946   1.00 27.61 ? 2   IDS B C2  1 
HETATM 1014 C C3  . IDS B 2 .   ? 3.901   14.534  7.660   1.00 26.24 ? 2   IDS B C3  1 
HETATM 1015 C C4  . IDS B 2 .   ? 4.916   15.658  7.788   1.00 27.35 ? 2   IDS B C4  1 
HETATM 1016 C C5  . IDS B 2 .   ? 4.598   16.463  9.034   1.00 28.37 ? 2   IDS B C5  1 
HETATM 1017 C C6  . IDS B 2 .   ? 5.585   17.596  9.116   1.00 31.42 ? 2   IDS B C6  1 
HETATM 1018 O O2  . IDS B 2 .   ? 5.129   12.977  8.952   1.00 22.01 ? 2   IDS B O2  1 
HETATM 1019 O O3  . IDS B 2 .   ? 2.620   15.046  7.416   1.00 23.84 ? 2   IDS B O3  1 
HETATM 1020 O O4  . IDS B 2 .   ? 6.229   15.109  7.969   1.00 27.21 ? 2   IDS B O4  1 
HETATM 1021 O O5  . IDS B 2 .   ? 4.763   15.608  10.180  1.00 30.39 ? 2   IDS B O5  1 
HETATM 1022 O O6A . IDS B 2 .   ? 5.674   18.344  8.127   1.00 32.17 ? 2   IDS B O6A 1 
HETATM 1023 O O6B . IDS B 2 .   ? 6.390   17.599  10.062  1.00 33.48 ? 2   IDS B O6B 1 
HETATM 1024 S S   . IDS B 2 .   ? 4.925   11.317  9.337   1.00 21.58 ? 2   IDS B S   1 
HETATM 1025 O O1S . IDS B 2 .   ? 6.230   10.723  9.376   1.00 22.46 ? 2   IDS B O1S 1 
HETATM 1026 O O2S . IDS B 2 .   ? 4.098   10.674  8.342   1.00 23.25 ? 2   IDS B O2S 1 
HETATM 1027 O O3S . IDS B 2 .   ? 4.219   11.195  10.546  1.00 20.82 ? 2   IDS B O3S 1 
HETATM 1028 C C1  . SGN B 2 .   ? 7.078   15.346  6.876   1.00 23.84 ? 3   SGN B C1  1 
HETATM 1029 C C2  . SGN B 2 .   ? 7.951   14.160  6.543   1.00 22.71 ? 3   SGN B C2  1 
HETATM 1030 C C3  . SGN B 2 .   ? 9.028   13.995  7.566   1.00 22.81 ? 3   SGN B C3  1 
HETATM 1031 C C4  . SGN B 2 .   ? 9.755   15.307  7.678   1.00 25.83 ? 3   SGN B C4  1 
HETATM 1032 C C5  . SGN B 2 .   ? 8.788   16.401  8.110   1.00 26.39 ? 3   SGN B C5  1 
HETATM 1033 C C6  . SGN B 2 .   ? 9.476   17.739  8.137   1.00 29.34 ? 3   SGN B C6  1 
HETATM 1034 N N2  . SGN B 2 .   ? 7.097   13.015  6.630   1.00 21.64 ? 3   SGN B N2  1 
HETATM 1035 O O3  . SGN B 2 .   ? 9.964   13.025  7.154   1.00 19.49 ? 3   SGN B O3  1 
HETATM 1036 O O4  . SGN B 2 .   ? 10.711  15.108  8.694   1.00 31.69 ? 3   SGN B O4  1 
HETATM 1037 O O5  . SGN B 2 .   ? 7.850   16.505  7.086   1.00 23.64 ? 3   SGN B O5  1 
HETATM 1038 O O6  . SGN B 2 .   ? 9.971   17.906  6.814   1.00 37.21 ? 3   SGN B O6  1 
HETATM 1039 S S1  . SGN B 2 .   ? 6.491   12.479  5.069   1.00 21.60 ? 3   SGN B S1  1 
HETATM 1040 O O1S . SGN B 2 .   ? 5.965   11.134  5.220   1.00 20.30 ? 3   SGN B O1S 1 
HETATM 1041 O O2S . SGN B 2 .   ? 7.582   12.413  4.158   1.00 20.78 ? 3   SGN B O2S 1 
HETATM 1042 O O3S . SGN B 2 .   ? 5.504   13.466  4.690   1.00 22.21 ? 3   SGN B O3S 1 
HETATM 1043 S S2  . SGN B 2 .   ? 10.570  19.475  6.320   1.00 40.20 ? 3   SGN B S2  1 
HETATM 1044 O O4S . SGN B 2 .   ? 10.610  19.579  4.901   1.00 42.71 ? 3   SGN B O4S 1 
HETATM 1045 O O5S . SGN B 2 .   ? 11.903  19.639  6.836   1.00 41.16 ? 3   SGN B O5S 1 
HETATM 1046 O O6S . SGN B 2 .   ? 9.644   20.445  6.844   1.00 41.33 ? 3   SGN B O6S 1 
HETATM 1047 S S   . UAP B 2 .   ? 14.652  17.114  10.734  1.00 45.34 ? 4   UAP B S   1 
HETATM 1048 C C1  . UAP B 2 .   ? 12.020  15.579  8.454   1.00 34.23 ? 4   UAP B C1  1 
HETATM 1049 C C2  . UAP B 2 .   ? 12.662  15.589  9.810   1.00 36.54 ? 4   UAP B C2  1 
HETATM 1050 O O2  . UAP B 2 .   ? 13.969  16.027  9.565   1.00 40.99 ? 4   UAP B O2  1 
HETATM 1051 C C3  . UAP B 2 .   ? 12.744  14.178  10.398  1.00 38.05 ? 4   UAP B C3  1 
HETATM 1052 O O3  . UAP B 2 .   ? 11.536  13.746  10.970  1.00 38.04 ? 4   UAP B O3  1 
HETATM 1053 C C4  . UAP B 2 .   ? 13.142  13.222  9.414   1.00 37.02 ? 4   UAP B C4  1 
HETATM 1054 C C5  . UAP B 2 .   ? 13.163  13.514  8.120   1.00 38.02 ? 4   UAP B C5  1 
HETATM 1055 O O5  . UAP B 2 .   ? 12.779  14.708  7.608   1.00 34.12 ? 4   UAP B O5  1 
HETATM 1056 C C6  . UAP B 2 .   ? 13.691  12.597  7.333   1.00 40.35 ? 4   UAP B C6  1 
HETATM 1057 O O1S . UAP B 2 .   ? 13.875  18.305  10.728  1.00 46.38 ? 4   UAP B O1S 1 
HETATM 1058 O O2S . UAP B 2 .   ? 16.018  17.371  10.345  1.00 44.19 ? 4   UAP B O2S 1 
HETATM 1059 O O3S . UAP B 2 .   ? 14.539  16.528  12.041  1.00 44.12 ? 4   UAP B O3S 1 
HETATM 1060 O O6B . UAP B 2 .   ? 14.070  11.548  7.859   1.00 42.15 ? 4   UAP B O6B 1 
HETATM 1061 O O6A . UAP B 2 .   ? 13.845  12.838  6.133   1.00 41.94 ? 4   UAP B O6A 1 
HETATM 1062 O O   . HOH C 3 .   ? 16.343  4.501   3.604   1.00 20.32 ? 201 HOH A O   1 
HETATM 1063 O O   . HOH C 3 .   ? 11.232  8.574   1.499   1.00 15.68 ? 202 HOH A O   1 
HETATM 1064 O O   . HOH C 3 .   ? 7.793   14.063  11.180  1.00 44.60 ? 203 HOH A O   1 
HETATM 1065 O O   . HOH C 3 .   ? 0.872   1.068   6.260   1.00 10.76 ? 204 HOH A O   1 
HETATM 1066 O O   . HOH C 3 .   ? 0.510   -3.440  9.945   1.00 12.53 ? 205 HOH A O   1 
HETATM 1067 O O   . HOH C 3 .   ? -0.120  -0.812  13.069  1.00 18.74 ? 206 HOH A O   1 
HETATM 1068 O O   . HOH C 3 .   ? -6.333  3.149   -3.586  1.00 11.93 ? 207 HOH A O   1 
HETATM 1069 O O   . HOH C 3 .   ? -3.981  -0.974  -11.268 1.00 14.18 ? 208 HOH A O   1 
HETATM 1070 O O   . HOH C 3 .   ? -6.712  -0.719  -10.323 1.00 22.85 ? 209 HOH A O   1 
# 
